data_8AIG
#
_entry.id   8AIG
#
loop_
_entity.id
_entity.type
_entity.pdbx_description
1 polymer 'Hybrid non ribosomal peptide synthetase-polyketide synthase'
2 non-polymer "4'-PHOSPHOPANTETHEINE"
#
_entity_poly.entity_id   1
_entity_poly.type   'polypeptide(L)'
_entity_poly.pdbx_seq_one_letter_code
;GPGSAAADDGRRAELADRVSRTVADTIGRPAGSIGGHTSLESMGLDSVMIRALASRLSAEVAPVGPEMLFGLRDLDELVD
HLVAAR
;
_entity_poly.pdbx_strand_id   A
#
loop_
_chem_comp.id
_chem_comp.type
_chem_comp.name
_chem_comp.formula
PNS non-polymer 4'-PHOSPHOPANTETHEINE 'C11 H23 N2 O7 P S'
#
# COMPACT_ATOMS: atom_id res chain seq x y z
N GLY A 1 -22.45 -14.53 2.82
CA GLY A 1 -23.17 -14.08 4.04
C GLY A 1 -22.86 -12.63 4.37
N PRO A 2 -23.03 -12.21 5.65
CA PRO A 2 -22.74 -10.85 6.11
C PRO A 2 -21.27 -10.42 5.92
N GLY A 3 -21.03 -9.13 5.72
CA GLY A 3 -19.69 -8.56 5.56
C GLY A 3 -18.86 -8.56 6.86
N SER A 4 -17.60 -9.00 6.76
CA SER A 4 -16.65 -9.05 7.90
C SER A 4 -15.19 -8.98 7.39
N ALA A 5 -14.37 -8.01 7.81
CA ALA A 5 -14.69 -6.86 8.67
C ALA A 5 -15.62 -5.81 7.99
N ALA A 6 -15.76 -5.89 6.66
CA ALA A 6 -16.62 -5.04 5.83
C ALA A 6 -17.12 -5.80 4.58
N ALA A 7 -18.00 -5.18 3.79
CA ALA A 7 -18.33 -5.65 2.44
C ALA A 7 -17.10 -5.54 1.51
N ASP A 8 -16.83 -6.59 0.74
CA ASP A 8 -15.65 -6.73 -0.16
C ASP A 8 -14.29 -6.56 0.55
N ASP A 9 -14.18 -6.94 1.83
CA ASP A 9 -12.92 -6.85 2.59
C ASP A 9 -11.80 -7.72 1.98
N GLY A 10 -12.15 -8.88 1.40
CA GLY A 10 -11.22 -9.76 0.70
C GLY A 10 -10.58 -9.16 -0.57
N ARG A 11 -11.25 -8.21 -1.23
CA ARG A 11 -10.71 -7.52 -2.43
C ARG A 11 -9.55 -6.58 -2.06
N ARG A 12 -9.54 -6.01 -0.85
CA ARG A 12 -8.37 -5.27 -0.33
C ARG A 12 -7.19 -6.20 -0.10
N ALA A 13 -7.41 -7.39 0.49
CA ALA A 13 -6.34 -8.35 0.80
C ALA A 13 -5.56 -8.83 -0.44
N GLU A 14 -6.22 -8.96 -1.59
CA GLU A 14 -5.59 -9.30 -2.88
C GLU A 14 -4.58 -8.23 -3.35
N LEU A 15 -4.86 -6.95 -3.10
CA LEU A 15 -3.98 -5.81 -3.42
C LEU A 15 -2.97 -5.52 -2.30
N ALA A 16 -3.36 -5.72 -1.02
CA ALA A 16 -2.54 -5.39 0.16
C ALA A 16 -1.24 -6.22 0.25
N ASP A 17 -1.25 -7.48 -0.21
CA ASP A 17 -0.04 -8.30 -0.30
C ASP A 17 0.98 -7.72 -1.31
N ARG A 18 0.48 -7.21 -2.45
CA ARG A 18 1.31 -6.55 -3.49
C ARG A 18 1.86 -5.23 -2.98
N VAL A 19 1.04 -4.43 -2.28
CA VAL A 19 1.46 -3.19 -1.57
C VAL A 19 2.56 -3.50 -0.56
N SER A 20 2.40 -4.53 0.27
CA SER A 20 3.35 -4.90 1.32
C SER A 20 4.72 -5.29 0.76
N ARG A 21 4.76 -6.07 -0.33
CA ARG A 21 6.00 -6.41 -1.06
C ARG A 21 6.66 -5.18 -1.70
N THR A 22 5.85 -4.26 -2.24
CA THR A 22 6.31 -3.04 -2.90
C THR A 22 6.93 -2.06 -1.90
N VAL A 23 6.32 -1.92 -0.72
CA VAL A 23 6.85 -1.17 0.44
C VAL A 23 8.15 -1.81 0.95
N ALA A 24 8.17 -3.14 1.13
CA ALA A 24 9.35 -3.86 1.60
C ALA A 24 10.59 -3.63 0.71
N ASP A 25 10.43 -3.68 -0.61
CA ASP A 25 11.50 -3.40 -1.58
C ASP A 25 12.00 -1.94 -1.53
N THR A 26 11.11 -0.99 -1.23
CA THR A 26 11.45 0.43 -1.12
C THR A 26 12.27 0.73 0.15
N ILE A 27 11.86 0.18 1.31
CA ILE A 27 12.49 0.46 2.62
C ILE A 27 13.61 -0.53 3.01
N GLY A 28 13.78 -1.62 2.25
CA GLY A 28 14.84 -2.62 2.45
C GLY A 28 14.61 -3.66 3.57
N ARG A 29 13.40 -3.73 4.14
CA ARG A 29 13.02 -4.72 5.17
C ARG A 29 12.51 -6.03 4.55
N PRO A 30 12.52 -7.17 5.28
CA PRO A 30 11.85 -8.39 4.85
C PRO A 30 10.33 -8.19 4.65
N ALA A 31 9.74 -8.79 3.61
CA ALA A 31 8.32 -8.61 3.27
C ALA A 31 7.35 -9.08 4.37
N GLY A 32 7.75 -10.06 5.18
CA GLY A 32 6.99 -10.57 6.33
C GLY A 32 6.86 -9.58 7.51
N SER A 33 7.69 -8.53 7.57
CA SER A 33 7.60 -7.49 8.61
C SER A 33 6.49 -6.44 8.33
N ILE A 34 6.01 -6.34 7.09
CA ILE A 34 5.03 -5.35 6.64
C ILE A 34 3.59 -5.88 6.82
N GLY A 35 2.64 -4.98 7.09
CA GLY A 35 1.21 -5.30 7.18
C GLY A 35 0.30 -4.08 7.07
N GLY A 36 -0.98 -4.29 6.77
CA GLY A 36 -1.94 -3.23 6.41
C GLY A 36 -2.09 -2.10 7.45
N HIS A 37 -2.11 -2.46 8.74
CA HIS A 37 -2.25 -1.51 9.86
C HIS A 37 -0.94 -0.77 10.23
N THR A 38 0.19 -1.09 9.59
CA THR A 38 1.50 -0.53 9.96
C THR A 38 1.59 0.96 9.59
N SER A 39 1.88 1.82 10.58
CA SER A 39 2.07 3.26 10.38
C SER A 39 3.28 3.54 9.48
N LEU A 40 3.16 4.54 8.61
CA LEU A 40 4.23 4.92 7.68
C LEU A 40 5.46 5.51 8.40
N GLU A 41 5.27 6.09 9.59
CA GLU A 41 6.34 6.55 10.48
C GLU A 41 7.19 5.38 11.02
N SER A 42 6.55 4.27 11.39
CA SER A 42 7.23 3.04 11.83
C SER A 42 8.04 2.35 10.73
N MET A 43 7.74 2.65 9.46
CA MET A 43 8.48 2.21 8.26
C MET A 43 9.48 3.25 7.74
N GLY A 44 9.59 4.42 8.39
CA GLY A 44 10.57 5.45 8.04
C GLY A 44 10.34 6.12 6.67
N LEU A 45 9.08 6.17 6.21
CA LEU A 45 8.71 6.70 4.89
C LEU A 45 8.74 8.24 4.85
N ASP A 46 9.95 8.78 4.69
CA ASP A 46 10.22 10.21 4.44
C ASP A 46 9.91 10.60 2.98
N SER A 47 9.93 11.89 2.64
CA SER A 47 9.68 12.42 1.28
C SER A 47 10.35 11.64 0.12
N VAL A 48 11.65 11.36 0.24
CA VAL A 48 12.42 10.63 -0.80
C VAL A 48 11.92 9.20 -0.97
N MET A 49 11.62 8.51 0.13
CA MET A 49 11.03 7.17 0.12
C MET A 49 9.59 7.19 -0.42
N ILE A 50 8.80 8.22 -0.12
CA ILE A 50 7.45 8.42 -0.66
C ILE A 50 7.45 8.65 -2.18
N ARG A 51 8.39 9.47 -2.70
CA ARG A 51 8.57 9.69 -4.15
C ARG A 51 8.97 8.40 -4.88
N ALA A 52 9.83 7.58 -4.27
CA ALA A 52 10.16 6.24 -4.78
C ALA A 52 8.96 5.28 -4.71
N LEU A 53 8.25 5.25 -3.59
CA LEU A 53 7.12 4.36 -3.34
C LEU A 53 5.94 4.64 -4.28
N ALA A 54 5.67 5.90 -4.61
CA ALA A 54 4.63 6.28 -5.59
C ALA A 54 4.93 5.68 -6.98
N SER A 55 6.17 5.79 -7.46
CA SER A 55 6.61 5.19 -8.73
C SER A 55 6.56 3.65 -8.70
N ARG A 56 7.03 3.05 -7.59
CA ARG A 56 6.98 1.59 -7.35
C ARG A 56 5.56 1.04 -7.31
N LEU A 57 4.62 1.70 -6.61
CA LEU A 57 3.20 1.33 -6.59
C LEU A 57 2.55 1.46 -7.98
N SER A 58 2.91 2.51 -8.74
CA SER A 58 2.44 2.68 -10.13
C SER A 58 2.91 1.57 -11.07
N ALA A 59 4.11 1.01 -10.85
CA ALA A 59 4.68 -0.09 -11.62
C ALA A 59 4.15 -1.49 -11.22
N GLU A 60 3.70 -1.68 -9.97
CA GLU A 60 3.48 -3.02 -9.37
C GLU A 60 2.07 -3.25 -8.77
N VAL A 61 1.28 -2.20 -8.55
CA VAL A 61 -0.05 -2.27 -7.91
C VAL A 61 -1.10 -1.52 -8.73
N ALA A 62 -1.08 -0.18 -8.69
CA ALA A 62 -1.88 0.71 -9.54
C ALA A 62 -1.33 2.15 -9.52
N PRO A 63 -1.55 2.99 -10.56
CA PRO A 63 -1.03 4.36 -10.66
C PRO A 63 -1.39 5.26 -9.47
N VAL A 64 -0.39 5.94 -8.91
CA VAL A 64 -0.55 6.86 -7.76
C VAL A 64 0.60 7.88 -7.70
N GLY A 65 0.29 9.14 -7.31
CA GLY A 65 1.27 10.20 -7.09
C GLY A 65 1.68 10.34 -5.60
N PRO A 66 2.87 10.90 -5.29
CA PRO A 66 3.34 11.06 -3.91
C PRO A 66 2.45 11.99 -3.06
N GLU A 67 1.69 12.89 -3.70
CA GLU A 67 0.71 13.78 -3.04
C GLU A 67 -0.39 12.99 -2.28
N MET A 68 -0.80 11.81 -2.80
CA MET A 68 -1.69 10.90 -2.06
C MET A 68 -0.96 10.24 -0.88
N LEU A 69 0.29 9.83 -1.06
CA LEU A 69 1.07 9.12 -0.05
C LEU A 69 1.38 9.99 1.19
N PHE A 70 1.60 11.31 1.00
CA PHE A 70 1.75 12.26 2.12
C PHE A 70 0.46 12.42 2.96
N GLY A 71 -0.72 12.08 2.42
CA GLY A 71 -2.01 12.13 3.13
C GLY A 71 -2.37 10.87 3.93
N LEU A 72 -1.58 9.80 3.84
CA LEU A 72 -1.87 8.48 4.45
C LEU A 72 -1.62 8.42 5.97
N ARG A 73 -2.40 7.55 6.63
CA ARG A 73 -2.16 7.03 7.99
C ARG A 73 -1.33 5.74 7.99
N ASP A 74 -1.75 4.77 7.19
CA ASP A 74 -1.18 3.42 7.04
C ASP A 74 -1.58 2.79 5.69
N LEU A 75 -1.11 1.58 5.42
CA LEU A 75 -1.34 0.89 4.13
C LEU A 75 -2.81 0.48 3.90
N ASP A 76 -3.63 0.36 4.96
CA ASP A 76 -5.09 0.16 4.85
C ASP A 76 -5.82 1.34 4.17
N GLU A 77 -5.37 2.58 4.39
CA GLU A 77 -5.91 3.76 3.70
C GLU A 77 -5.45 3.82 2.23
N LEU A 78 -4.23 3.37 1.94
CA LEU A 78 -3.66 3.31 0.60
C LEU A 78 -4.35 2.25 -0.28
N VAL A 79 -4.54 1.03 0.24
CA VAL A 79 -5.13 -0.07 -0.55
C VAL A 79 -6.60 0.19 -0.91
N ASP A 80 -7.35 0.93 -0.07
CA ASP A 80 -8.71 1.41 -0.41
C ASP A 80 -8.72 2.36 -1.61
N HIS A 81 -7.64 3.12 -1.85
CA HIS A 81 -7.49 3.96 -3.04
C HIS A 81 -7.12 3.13 -4.28
N LEU A 82 -6.15 2.21 -4.16
CA LEU A 82 -5.67 1.41 -5.30
C LEU A 82 -6.64 0.32 -5.77
N VAL A 83 -7.39 -0.31 -4.86
CA VAL A 83 -8.44 -1.30 -5.23
C VAL A 83 -9.60 -0.64 -5.98
N ALA A 84 -9.91 0.62 -5.69
CA ALA A 84 -10.92 1.43 -6.37
C ALA A 84 -10.43 2.00 -7.72
N ALA A 85 -9.12 2.19 -7.90
CA ALA A 85 -8.51 2.67 -9.14
C ALA A 85 -8.52 1.61 -10.26
N ARG A 86 -8.48 0.31 -9.91
CA ARG A 86 -8.62 -0.84 -10.83
C ARG A 86 -10.04 -1.04 -11.35
O23 PNS B . 10.65 16.66 1.32
P24 PNS B . 9.69 16.21 2.36
O26 PNS B . 8.42 16.95 2.55
O27 PNS B . 10.44 16.18 3.76
C28 PNS B . 11.65 15.48 3.92
C29 PNS B . 12.13 15.50 5.39
C30 PNS B . 13.42 14.65 5.48
C31 PNS B . 12.50 16.95 5.76
C32 PNS B . 11.00 14.93 6.31
O33 PNS B . 10.61 13.61 5.89
C34 PNS B . 11.34 15.00 7.83
O35 PNS B . 11.85 14.04 8.41
N36 PNS B . 11.00 16.12 8.48
C37 PNS B . 11.23 16.37 9.91
C38 PNS B . 12.62 16.96 10.10
C39 PNS B . 12.95 17.29 11.56
O40 PNS B . 12.08 17.24 12.43
N41 PNS B . 14.19 17.61 11.91
C42 PNS B . 15.36 17.71 11.03
C43 PNS B . 16.12 16.38 11.00
S44 PNS B . 17.56 16.52 9.90
H282 PNS B . 12.43 15.93 3.29
H281 PNS B . 11.53 14.43 3.60
H303 PNS B . 13.83 14.68 6.48
H302 PNS B . 13.20 13.62 5.21
H301 PNS B . 14.17 15.03 4.79
H313 PNS B . 11.61 17.58 5.74
H312 PNS B . 12.95 17.00 6.75
H311 PNS B . 13.23 17.34 5.04
H32 PNS B . 10.12 15.57 6.17
H33 PNS B . 10.06 13.20 6.59
H36 PNS B . 10.56 16.86 7.95
H372 PNS B . 10.48 17.07 10.28
H371 PNS B . 11.15 15.44 10.47
H382 PNS B . 13.35 16.27 9.72
H381 PNS B . 12.71 17.89 9.52
H41 PNS B . 14.34 17.81 12.88
H422 PNS B . 15.07 18.00 10.02
H421 PNS B . 16.03 18.49 11.41
H431 PNS B . 16.44 16.13 12.01
H432 PNS B . 15.46 15.60 10.64
H44 PNS B . 18.21 17.46 10.62
N GLY A 1 -31.91 -9.73 -0.20
CA GLY A 1 -31.45 -8.44 0.38
C GLY A 1 -30.46 -7.73 -0.53
N PRO A 2 -29.55 -6.89 0.02
CA PRO A 2 -28.56 -6.11 -0.73
C PRO A 2 -27.56 -6.97 -1.54
N GLY A 3 -26.95 -6.35 -2.56
CA GLY A 3 -25.98 -6.98 -3.46
C GLY A 3 -24.59 -7.26 -2.86
N SER A 4 -24.36 -6.88 -1.60
CA SER A 4 -23.08 -7.06 -0.87
C SER A 4 -22.62 -8.52 -0.78
N ALA A 5 -23.54 -9.49 -0.89
CA ALA A 5 -23.26 -10.93 -0.90
C ALA A 5 -22.35 -11.39 -2.06
N ALA A 6 -22.23 -10.60 -3.14
CA ALA A 6 -21.28 -10.84 -4.23
C ALA A 6 -19.80 -10.70 -3.82
N ALA A 7 -19.52 -9.91 -2.78
CA ALA A 7 -18.20 -9.73 -2.14
C ALA A 7 -17.05 -9.27 -3.08
N ASP A 8 -17.35 -8.64 -4.21
CA ASP A 8 -16.37 -8.23 -5.23
C ASP A 8 -15.47 -7.06 -4.78
N ASP A 9 -15.83 -6.35 -3.70
CA ASP A 9 -14.98 -5.38 -3.01
C ASP A 9 -13.88 -6.03 -2.14
N GLY A 10 -13.96 -7.34 -1.85
CA GLY A 10 -12.98 -8.10 -1.08
C GLY A 10 -11.61 -8.26 -1.74
N ARG A 11 -11.50 -7.99 -3.05
CA ARG A 11 -10.25 -7.97 -3.84
C ARG A 11 -9.22 -6.94 -3.33
N ARG A 12 -9.64 -5.96 -2.53
CA ARG A 12 -8.78 -5.00 -1.82
C ARG A 12 -7.71 -5.71 -0.95
N ALA A 13 -8.05 -6.85 -0.34
CA ALA A 13 -7.11 -7.65 0.45
C ALA A 13 -6.02 -8.32 -0.41
N GLU A 14 -6.35 -8.73 -1.63
CA GLU A 14 -5.37 -9.28 -2.59
C GLU A 14 -4.41 -8.20 -3.12
N LEU A 15 -4.89 -6.96 -3.28
CA LEU A 15 -4.05 -5.80 -3.58
C LEU A 15 -3.14 -5.44 -2.39
N ALA A 16 -3.64 -5.50 -1.16
CA ALA A 16 -2.85 -5.16 0.05
C ALA A 16 -1.61 -6.06 0.22
N ASP A 17 -1.70 -7.34 -0.18
CA ASP A 17 -0.58 -8.29 -0.21
C ASP A 17 0.52 -7.87 -1.21
N ARG A 18 0.15 -7.23 -2.32
CA ARG A 18 1.08 -6.67 -3.31
C ARG A 18 1.66 -5.32 -2.88
N VAL A 19 0.83 -4.46 -2.29
CA VAL A 19 1.25 -3.15 -1.73
C VAL A 19 2.33 -3.31 -0.66
N SER A 20 2.08 -4.13 0.36
CA SER A 20 3.01 -4.31 1.49
C SER A 20 4.37 -4.87 1.05
N ARG A 21 4.41 -5.82 0.10
CA ARG A 21 5.65 -6.35 -0.49
C ARG A 21 6.42 -5.30 -1.31
N THR A 22 5.71 -4.46 -2.05
CA THR A 22 6.31 -3.38 -2.86
C THR A 22 6.86 -2.24 -1.98
N VAL A 23 6.20 -1.95 -0.86
CA VAL A 23 6.68 -1.04 0.18
C VAL A 23 7.94 -1.59 0.87
N ALA A 24 7.95 -2.88 1.21
CA ALA A 24 9.14 -3.53 1.78
C ALA A 24 10.34 -3.52 0.81
N ASP A 25 10.09 -3.79 -0.48
CA ASP A 25 11.09 -3.65 -1.56
C ASP A 25 11.61 -2.20 -1.72
N THR A 26 10.74 -1.19 -1.54
CA THR A 26 11.12 0.23 -1.59
C THR A 26 12.07 0.60 -0.44
N ILE A 27 11.66 0.36 0.82
CA ILE A 27 12.41 0.82 2.01
C ILE A 27 13.52 -0.15 2.48
N GLY A 28 13.63 -1.33 1.87
CA GLY A 28 14.67 -2.34 2.13
C GLY A 28 14.47 -3.19 3.40
N ARG A 29 13.27 -3.16 3.99
CA ARG A 29 12.90 -3.98 5.16
C ARG A 29 12.46 -5.40 4.76
N PRO A 30 12.43 -6.39 5.69
CA PRO A 30 12.12 -7.79 5.37
C PRO A 30 10.72 -8.00 4.78
N ALA A 31 10.57 -8.98 3.89
CA ALA A 31 9.28 -9.46 3.42
C ALA A 31 8.46 -10.09 4.57
N GLY A 32 7.15 -9.81 4.62
CA GLY A 32 6.25 -10.25 5.69
C GLY A 32 6.33 -9.46 7.00
N SER A 33 7.37 -8.64 7.21
CA SER A 33 7.43 -7.69 8.34
C SER A 33 6.42 -6.54 8.16
N ILE A 34 6.26 -6.07 6.93
CA ILE A 34 5.26 -5.05 6.52
C ILE A 34 3.91 -5.71 6.20
N GLY A 35 2.81 -5.05 6.58
CA GLY A 35 1.42 -5.43 6.32
C GLY A 35 0.46 -4.23 6.34
N GLY A 36 -0.84 -4.47 6.17
CA GLY A 36 -1.86 -3.42 5.98
C GLY A 36 -1.94 -2.36 7.10
N HIS A 37 -1.70 -2.76 8.36
CA HIS A 37 -1.65 -1.85 9.53
C HIS A 37 -0.23 -1.47 9.99
N THR A 38 0.80 -1.70 9.16
CA THR A 38 2.12 -1.08 9.36
C THR A 38 2.03 0.42 9.07
N SER A 39 2.39 1.26 10.04
CA SER A 39 2.31 2.71 9.90
C SER A 39 3.43 3.27 9.02
N LEU A 40 3.12 4.33 8.25
CA LEU A 40 4.11 5.11 7.51
C LEU A 40 5.12 5.83 8.45
N GLU A 41 4.76 6.06 9.71
CA GLU A 41 5.69 6.53 10.76
C GLU A 41 6.70 5.42 11.16
N SER A 42 6.22 4.18 11.34
CA SER A 42 7.04 3.01 11.69
C SER A 42 8.02 2.61 10.57
N MET A 43 7.70 2.94 9.32
CA MET A 43 8.61 2.80 8.16
C MET A 43 9.75 3.83 8.15
N GLY A 44 9.66 4.90 8.94
CA GLY A 44 10.67 5.98 8.99
C GLY A 44 10.76 6.82 7.70
N LEU A 45 9.64 6.96 6.96
CA LEU A 45 9.60 7.59 5.64
C LEU A 45 9.92 9.10 5.65
N ASP A 46 10.45 9.57 4.52
CA ASP A 46 10.69 10.97 4.15
C ASP A 46 10.25 11.21 2.70
N SER A 47 10.04 12.47 2.29
CA SER A 47 9.49 12.86 0.97
C SER A 47 10.11 12.12 -0.23
N VAL A 48 11.44 12.10 -0.33
CA VAL A 48 12.20 11.38 -1.39
C VAL A 48 11.85 9.89 -1.44
N MET A 49 11.78 9.24 -0.28
CA MET A 49 11.44 7.81 -0.18
C MET A 49 9.96 7.55 -0.46
N ILE A 50 9.07 8.50 -0.14
CA ILE A 50 7.64 8.46 -0.48
C ILE A 50 7.43 8.60 -2.01
N ARG A 51 8.22 9.45 -2.67
CA ARG A 51 8.23 9.58 -4.14
C ARG A 51 8.73 8.30 -4.83
N ALA A 52 9.70 7.61 -4.25
CA ALA A 52 10.10 6.26 -4.68
C ALA A 52 9.00 5.20 -4.43
N LEU A 53 8.30 5.26 -3.30
CA LEU A 53 7.17 4.38 -2.96
C LEU A 53 6.04 4.48 -4.00
N ALA A 54 5.67 5.71 -4.39
CA ALA A 54 4.68 5.95 -5.43
C ALA A 54 5.10 5.37 -6.80
N SER A 55 6.34 5.59 -7.25
CA SER A 55 6.82 5.09 -8.55
C SER A 55 6.95 3.56 -8.59
N ARG A 56 7.33 2.92 -7.47
CA ARG A 56 7.39 1.45 -7.35
C ARG A 56 6.00 0.81 -7.36
N LEU A 57 5.01 1.39 -6.68
CA LEU A 57 3.62 0.91 -6.71
C LEU A 57 2.96 1.09 -8.08
N SER A 58 3.03 2.29 -8.68
CA SER A 58 2.35 2.60 -9.95
C SER A 58 2.94 1.83 -11.15
N ALA A 59 4.18 1.33 -11.05
CA ALA A 59 4.81 0.47 -12.05
C ALA A 59 4.30 -0.99 -12.07
N GLU A 60 3.65 -1.48 -11.00
CA GLU A 60 3.31 -2.92 -10.85
C GLU A 60 1.93 -3.23 -10.25
N VAL A 61 1.48 -2.48 -9.25
CA VAL A 61 0.25 -2.77 -8.48
C VAL A 61 -0.98 -2.08 -9.11
N ALA A 62 -1.07 -0.75 -8.98
CA ALA A 62 -2.12 0.10 -9.53
C ALA A 62 -1.72 1.59 -9.47
N PRO A 63 -2.33 2.48 -10.29
CA PRO A 63 -1.97 3.90 -10.35
C PRO A 63 -2.05 4.64 -9.01
N VAL A 64 -1.00 5.40 -8.68
CA VAL A 64 -0.83 6.19 -7.45
C VAL A 64 0.21 7.30 -7.65
N GLY A 65 0.12 8.38 -6.86
CA GLY A 65 1.10 9.47 -6.80
C GLY A 65 1.51 9.81 -5.36
N PRO A 66 2.64 10.51 -5.14
CA PRO A 66 3.15 10.82 -3.81
C PRO A 66 2.23 11.75 -3.01
N GLU A 67 1.44 12.59 -3.69
CA GLU A 67 0.41 13.45 -3.11
C GLU A 67 -0.67 12.66 -2.33
N MET A 68 -0.94 11.40 -2.72
CA MET A 68 -1.83 10.49 -1.99
C MET A 68 -1.22 10.04 -0.65
N LEU A 69 0.08 9.70 -0.65
CA LEU A 69 0.79 9.03 0.43
C LEU A 69 1.11 9.93 1.63
N PHE A 70 1.37 11.23 1.41
CA PHE A 70 1.89 12.15 2.44
C PHE A 70 1.01 12.28 3.69
N GLY A 71 -0.32 12.13 3.55
CA GLY A 71 -1.30 12.31 4.65
C GLY A 71 -1.74 11.04 5.39
N LEU A 72 -1.27 9.84 4.99
CA LEU A 72 -1.83 8.56 5.43
C LEU A 72 -1.16 8.00 6.70
N ARG A 73 -1.94 7.33 7.54
CA ARG A 73 -1.48 6.65 8.77
C ARG A 73 -0.82 5.30 8.45
N ASP A 74 -1.47 4.47 7.62
CA ASP A 74 -1.09 3.10 7.30
C ASP A 74 -1.55 2.67 5.89
N LEU A 75 -1.10 1.50 5.43
CA LEU A 75 -1.35 1.00 4.07
C LEU A 75 -2.83 0.61 3.81
N ASP A 76 -3.61 0.35 4.86
CA ASP A 76 -5.07 0.16 4.80
C ASP A 76 -5.80 1.40 4.27
N GLU A 77 -5.34 2.61 4.62
CA GLU A 77 -5.84 3.88 4.05
C GLU A 77 -5.37 4.13 2.60
N LEU A 78 -4.26 3.52 2.18
CA LEU A 78 -3.71 3.66 0.83
C LEU A 78 -4.44 2.73 -0.18
N VAL A 79 -4.52 1.44 0.12
CA VAL A 79 -5.04 0.41 -0.80
C VAL A 79 -6.52 0.63 -1.18
N ASP A 80 -7.29 1.33 -0.35
CA ASP A 80 -8.66 1.80 -0.66
C ASP A 80 -8.75 2.66 -1.93
N HIS A 81 -7.69 3.42 -2.27
CA HIS A 81 -7.58 4.19 -3.51
C HIS A 81 -7.10 3.36 -4.70
N LEU A 82 -6.26 2.34 -4.46
CA LEU A 82 -5.73 1.45 -5.52
C LEU A 82 -6.79 0.44 -6.00
N VAL A 83 -7.68 -0.04 -5.13
CA VAL A 83 -8.86 -0.85 -5.54
C VAL A 83 -9.91 -0.01 -6.27
N ALA A 84 -10.00 1.31 -6.01
CA ALA A 84 -10.84 2.22 -6.79
C ALA A 84 -10.28 2.50 -8.21
N ALA A 85 -8.98 2.32 -8.42
CA ALA A 85 -8.29 2.43 -9.72
C ALA A 85 -8.33 1.14 -10.57
N ARG A 86 -8.96 0.07 -10.06
CA ARG A 86 -9.16 -1.23 -10.71
C ARG A 86 -9.91 -1.12 -12.05
O23 PNS B . 9.88 16.98 -0.68
P24 PNS B . 8.56 16.32 -0.62
O26 PNS B . 7.66 16.40 -1.80
O27 PNS B . 7.78 16.88 0.66
C28 PNS B . 6.57 16.30 1.06
C29 PNS B . 5.94 17.03 2.26
C30 PNS B . 4.89 16.07 2.87
C31 PNS B . 7.01 17.29 3.36
C32 PNS B . 5.20 18.33 1.81
O33 PNS B . 4.58 18.99 2.91
C34 PNS B . 6.06 19.33 0.98
O35 PNS B . 6.73 20.21 1.53
N36 PNS B . 5.99 19.22 -0.34
C37 PNS B . 6.61 20.11 -1.31
C38 PNS B . 5.56 21.10 -1.86
C39 PNS B . 5.11 22.13 -0.83
O40 PNS B . 5.79 23.15 -0.67
N41 PNS B . 4.02 21.97 -0.09
C42 PNS B . 3.05 20.87 -0.11
C43 PNS B . 1.80 21.28 -0.89
S44 PNS B . 0.95 22.66 -0.06
H282 PNS B . 6.76 15.26 1.35
H281 PNS B . 5.86 16.30 0.22
H303 PNS B . 5.36 15.12 3.14
H302 PNS B . 4.43 16.50 3.76
H301 PNS B . 4.10 15.89 2.14
H313 PNS B . 7.50 16.36 3.62
H312 PNS B . 7.75 18.01 2.99
H311 PNS B . 6.55 17.72 4.26
H32 PNS B . 4.39 18.01 1.14
H33 PNS B . 5.24 19.55 3.36
H36 PNS B . 5.49 18.43 -0.73
H372 PNS B . 7.44 20.67 -0.86
H371 PNS B . 7.01 19.53 -2.14
H382 PNS B . 6.00 21.64 -2.70
H381 PNS B . 4.70 20.55 -2.26
H41 PNS B . 3.81 22.71 0.55
H422 PNS B . 3.47 19.97 -0.56
H421 PNS B . 2.76 20.62 0.92
H431 PNS B . 2.09 21.58 -1.91
H432 PNS B . 1.12 20.43 -0.97
H44 PNS B . 0.70 22.01 1.09
N GLY A 1 -6.63 -19.74 -10.82
CA GLY A 1 -7.27 -19.19 -12.03
C GLY A 1 -8.79 -19.29 -11.99
N PRO A 2 -9.49 -18.87 -13.06
CA PRO A 2 -10.96 -18.75 -13.10
C PRO A 2 -11.78 -20.03 -12.85
N GLY A 3 -11.15 -21.22 -12.99
CA GLY A 3 -11.78 -22.51 -12.65
C GLY A 3 -12.04 -22.72 -11.14
N SER A 4 -11.37 -21.96 -10.26
CA SER A 4 -11.61 -21.92 -8.81
C SER A 4 -12.55 -20.76 -8.45
N ALA A 5 -13.61 -21.04 -7.68
CA ALA A 5 -14.58 -20.05 -7.22
C ALA A 5 -14.02 -19.16 -6.09
N ALA A 6 -14.32 -17.86 -6.14
CA ALA A 6 -13.95 -16.86 -5.13
C ALA A 6 -14.92 -15.65 -5.14
N ALA A 7 -15.11 -15.01 -3.97
CA ALA A 7 -15.87 -13.77 -3.84
C ALA A 7 -15.07 -12.53 -4.29
N ASP A 8 -15.76 -11.48 -4.75
CA ASP A 8 -15.15 -10.19 -5.13
C ASP A 8 -14.56 -9.42 -3.93
N ASP A 9 -14.99 -9.72 -2.71
CA ASP A 9 -14.45 -9.14 -1.47
C ASP A 9 -12.97 -9.55 -1.21
N GLY A 10 -12.54 -10.69 -1.75
CA GLY A 10 -11.16 -11.19 -1.63
C GLY A 10 -10.13 -10.46 -2.50
N ARG A 11 -10.57 -9.68 -3.49
CA ARG A 11 -9.69 -8.91 -4.39
C ARG A 11 -8.89 -7.84 -3.65
N ARG A 12 -9.46 -7.25 -2.59
CA ARG A 12 -8.79 -6.27 -1.72
C ARG A 12 -7.61 -6.87 -0.95
N ALA A 13 -7.71 -8.13 -0.52
CA ALA A 13 -6.61 -8.83 0.18
C ALA A 13 -5.42 -9.11 -0.76
N GLU A 14 -5.68 -9.47 -2.02
CA GLU A 14 -4.64 -9.62 -3.05
C GLU A 14 -3.94 -8.28 -3.36
N LEU A 15 -4.71 -7.18 -3.40
CA LEU A 15 -4.17 -5.82 -3.57
C LEU A 15 -3.33 -5.39 -2.35
N ALA A 16 -3.78 -5.69 -1.13
CA ALA A 16 -3.07 -5.36 0.11
C ALA A 16 -1.74 -6.11 0.25
N ASP A 17 -1.67 -7.36 -0.20
CA ASP A 17 -0.43 -8.14 -0.28
C ASP A 17 0.58 -7.50 -1.26
N ARG A 18 0.13 -7.08 -2.45
CA ARG A 18 0.97 -6.41 -3.46
C ARG A 18 1.49 -5.06 -2.97
N VAL A 19 0.63 -4.26 -2.32
CA VAL A 19 1.01 -3.03 -1.61
C VAL A 19 2.08 -3.30 -0.56
N SER A 20 1.83 -4.23 0.36
CA SER A 20 2.73 -4.52 1.49
C SER A 20 4.11 -5.00 1.04
N ARG A 21 4.19 -5.93 0.07
CA ARG A 21 5.46 -6.44 -0.48
C ARG A 21 6.23 -5.40 -1.29
N THR A 22 5.53 -4.53 -2.03
CA THR A 22 6.18 -3.45 -2.79
C THR A 22 6.82 -2.43 -1.83
N VAL A 23 6.10 -2.05 -0.78
CA VAL A 23 6.62 -1.17 0.28
C VAL A 23 7.82 -1.81 1.01
N ALA A 24 7.69 -3.07 1.46
CA ALA A 24 8.73 -3.79 2.19
C ALA A 24 10.04 -3.93 1.39
N ASP A 25 9.95 -4.32 0.11
CA ASP A 25 11.11 -4.47 -0.77
C ASP A 25 11.79 -3.13 -1.10
N THR A 26 11.02 -2.03 -1.13
CA THR A 26 11.57 -0.67 -1.36
C THR A 26 12.38 -0.16 -0.17
N ILE A 27 11.87 -0.35 1.06
CA ILE A 27 12.55 0.07 2.31
C ILE A 27 13.60 -0.95 2.83
N GLY A 28 13.70 -2.12 2.20
CA GLY A 28 14.70 -3.17 2.51
C GLY A 28 14.36 -4.06 3.72
N ARG A 29 13.13 -3.97 4.26
CA ARG A 29 12.61 -4.87 5.32
C ARG A 29 12.15 -6.23 4.77
N PRO A 30 12.11 -7.30 5.60
CA PRO A 30 11.52 -8.57 5.21
C PRO A 30 10.01 -8.43 4.99
N ALA A 31 9.46 -9.21 4.06
CA ALA A 31 8.08 -9.07 3.55
C ALA A 31 6.99 -9.28 4.62
N GLY A 32 7.23 -10.15 5.61
CA GLY A 32 6.26 -10.49 6.65
C GLY A 32 6.02 -9.41 7.71
N SER A 33 6.95 -8.44 7.85
CA SER A 33 6.86 -7.38 8.88
C SER A 33 5.90 -6.23 8.50
N ILE A 34 5.64 -6.01 7.21
CA ILE A 34 4.75 -4.96 6.69
C ILE A 34 3.35 -5.57 6.46
N GLY A 35 2.31 -4.84 6.85
CA GLY A 35 0.91 -5.14 6.56
C GLY A 35 0.05 -3.87 6.49
N GLY A 36 -1.27 -4.02 6.34
CA GLY A 36 -2.21 -2.90 6.26
C GLY A 36 -2.11 -1.93 7.45
N HIS A 37 -1.92 -2.47 8.66
CA HIS A 37 -1.80 -1.69 9.91
C HIS A 37 -0.46 -0.95 10.12
N THR A 38 0.54 -1.13 9.25
CA THR A 38 1.90 -0.64 9.48
C THR A 38 2.00 0.88 9.26
N SER A 39 2.46 1.61 10.28
CA SER A 39 2.67 3.06 10.23
C SER A 39 3.89 3.46 9.39
N LEU A 40 3.79 4.60 8.71
CA LEU A 40 4.88 5.17 7.92
C LEU A 40 6.08 5.62 8.80
N GLU A 41 5.82 5.93 10.07
CA GLU A 41 6.83 6.34 11.06
C GLU A 41 7.79 5.19 11.41
N SER A 42 7.28 3.96 11.52
CA SER A 42 8.12 2.75 11.70
C SER A 42 8.99 2.49 10.47
N MET A 43 8.42 2.68 9.27
CA MET A 43 9.09 2.47 7.98
C MET A 43 10.08 3.58 7.60
N GLY A 44 10.17 4.67 8.39
CA GLY A 44 11.20 5.71 8.28
C GLY A 44 11.15 6.56 6.99
N LEU A 45 9.96 6.72 6.41
CA LEU A 45 9.77 7.41 5.12
C LEU A 45 10.08 8.92 5.20
N ASP A 46 10.46 9.49 4.05
CA ASP A 46 10.71 10.92 3.82
C ASP A 46 10.26 11.34 2.39
N SER A 47 10.41 12.61 2.03
CA SER A 47 10.02 13.16 0.72
C SER A 47 10.53 12.35 -0.49
N VAL A 48 11.82 12.00 -0.51
CA VAL A 48 12.46 11.20 -1.56
C VAL A 48 11.89 9.77 -1.60
N MET A 49 11.83 9.10 -0.46
CA MET A 49 11.35 7.72 -0.36
C MET A 49 9.85 7.60 -0.71
N ILE A 50 9.05 8.62 -0.40
CA ILE A 50 7.62 8.71 -0.80
C ILE A 50 7.47 8.85 -2.32
N ARG A 51 8.26 9.71 -2.98
CA ARG A 51 8.24 9.83 -4.45
C ARG A 51 8.73 8.56 -5.15
N ALA A 52 9.72 7.88 -4.58
CA ALA A 52 10.15 6.56 -5.03
C ALA A 52 9.04 5.49 -4.87
N LEU A 53 8.37 5.44 -3.71
CA LEU A 53 7.25 4.53 -3.45
C LEU A 53 6.05 4.79 -4.37
N ALA A 54 5.73 6.05 -4.69
CA ALA A 54 4.68 6.39 -5.66
C ALA A 54 4.98 5.81 -7.06
N SER A 55 6.24 5.91 -7.52
CA SER A 55 6.70 5.30 -8.78
C SER A 55 6.69 3.76 -8.73
N ARG A 56 7.15 3.16 -7.62
CA ARG A 56 7.20 1.69 -7.40
C ARG A 56 5.81 1.06 -7.35
N LEU A 57 4.85 1.69 -6.68
CA LEU A 57 3.44 1.27 -6.67
C LEU A 57 2.82 1.39 -8.07
N SER A 58 3.11 2.47 -8.81
CA SER A 58 2.63 2.64 -10.19
C SER A 58 3.18 1.57 -11.15
N ALA A 59 4.42 1.13 -10.95
CA ALA A 59 5.09 0.12 -11.77
C ALA A 59 4.69 -1.35 -11.47
N GLU A 60 4.16 -1.64 -10.27
CA GLU A 60 4.00 -3.01 -9.76
C GLU A 60 2.61 -3.35 -9.19
N VAL A 61 1.78 -2.34 -8.89
CA VAL A 61 0.49 -2.50 -8.18
C VAL A 61 -0.63 -1.77 -8.92
N ALA A 62 -0.66 -0.43 -8.84
CA ALA A 62 -1.57 0.47 -9.55
C ALA A 62 -1.07 1.93 -9.44
N PRO A 63 -1.44 2.84 -10.37
CA PRO A 63 -0.97 4.23 -10.38
C PRO A 63 -1.20 4.99 -9.06
N VAL A 64 -0.16 5.70 -8.60
CA VAL A 64 -0.12 6.47 -7.34
C VAL A 64 0.64 7.79 -7.54
N GLY A 65 0.08 8.89 -7.03
CA GLY A 65 0.79 10.17 -6.82
C GLY A 65 1.30 10.28 -5.37
N PRO A 66 2.43 10.95 -5.10
CA PRO A 66 3.00 11.07 -3.75
C PRO A 66 2.09 11.81 -2.76
N GLU A 67 1.20 12.68 -3.25
CA GLU A 67 0.20 13.39 -2.44
C GLU A 67 -0.79 12.44 -1.75
N MET A 68 -1.05 11.25 -2.31
CA MET A 68 -1.83 10.20 -1.65
C MET A 68 -1.09 9.62 -0.43
N LEU A 69 0.22 9.41 -0.56
CA LEU A 69 1.08 8.80 0.45
C LEU A 69 1.36 9.74 1.65
N PHE A 70 1.45 11.05 1.43
CA PHE A 70 1.53 12.05 2.51
C PHE A 70 0.25 12.13 3.36
N GLY A 71 -0.91 11.73 2.82
CA GLY A 71 -2.22 11.79 3.50
C GLY A 71 -2.56 10.59 4.39
N LEU A 72 -1.73 9.54 4.42
CA LEU A 72 -2.02 8.26 5.09
C LEU A 72 -1.84 8.29 6.62
N ARG A 73 -2.59 7.42 7.30
CA ARG A 73 -2.24 6.85 8.61
C ARG A 73 -1.39 5.58 8.48
N ASP A 74 -1.79 4.68 7.58
CA ASP A 74 -1.18 3.37 7.33
C ASP A 74 -1.53 2.84 5.92
N LEU A 75 -1.07 1.63 5.57
CA LEU A 75 -1.27 1.04 4.24
C LEU A 75 -2.70 0.55 3.96
N ASP A 76 -3.50 0.30 4.99
CA ASP A 76 -4.92 -0.05 4.87
C ASP A 76 -5.78 1.13 4.38
N GLU A 77 -5.38 2.37 4.70
CA GLU A 77 -5.93 3.58 4.08
C GLU A 77 -5.51 3.69 2.60
N LEU A 78 -4.26 3.35 2.26
CA LEU A 78 -3.71 3.44 0.90
C LEU A 78 -4.42 2.48 -0.06
N VAL A 79 -4.43 1.18 0.26
CA VAL A 79 -4.95 0.11 -0.61
C VAL A 79 -6.41 0.34 -1.01
N ASP A 80 -7.20 0.98 -0.17
CA ASP A 80 -8.62 1.29 -0.43
C ASP A 80 -8.84 2.17 -1.67
N HIS A 81 -7.85 2.98 -2.05
CA HIS A 81 -7.86 3.79 -3.29
C HIS A 81 -7.37 3.01 -4.51
N LEU A 82 -6.39 2.12 -4.35
CA LEU A 82 -5.80 1.32 -5.44
C LEU A 82 -6.73 0.19 -5.90
N VAL A 83 -7.45 -0.47 -4.99
CA VAL A 83 -8.49 -1.46 -5.34
C VAL A 83 -9.69 -0.82 -6.07
N ALA A 84 -9.97 0.45 -5.78
CA ALA A 84 -11.02 1.27 -6.40
C ALA A 84 -10.61 1.97 -7.71
N ALA A 85 -9.36 1.79 -8.19
CA ALA A 85 -8.81 2.42 -9.40
C ALA A 85 -9.34 1.78 -10.71
N ARG A 86 -10.64 1.94 -10.99
CA ARG A 86 -11.36 1.43 -12.16
C ARG A 86 -12.42 2.43 -12.66
O23 PNS B . 14.03 15.92 1.04
P24 PNS B . 12.62 16.13 0.65
O26 PNS B . 12.31 16.65 -0.70
O27 PNS B . 11.91 17.09 1.72
C28 PNS B . 12.33 17.09 3.08
C29 PNS B . 11.49 18.06 3.95
C30 PNS B . 11.55 19.47 3.35
C31 PNS B . 10.03 17.57 3.94
C32 PNS B . 12.05 17.98 5.41
O33 PNS B . 13.43 18.39 5.44
C34 PNS B . 11.22 18.76 6.46
O35 PNS B . 10.45 18.17 7.22
N36 PNS B . 11.40 20.09 6.54
C37 PNS B . 10.72 20.99 7.49
C38 PNS B . 11.72 21.42 8.56
C39 PNS B . 11.12 22.37 9.60
O40 PNS B . 9.92 22.63 9.60
N41 PNS B . 11.90 22.91 10.55
C42 PNS B . 13.34 22.77 10.70
C43 PNS B . 14.04 24.09 10.33
S44 PNS B . 13.84 24.51 8.57
H282 PNS B . 13.38 17.39 3.12
H281 PNS B . 12.25 16.08 3.48
H303 PNS B . 12.57 19.85 3.35
H302 PNS B . 11.18 19.48 2.34
H301 PNS B . 10.93 20.16 3.93
H313 PNS B . 9.64 17.54 2.92
H312 PNS B . 9.96 16.56 4.36
H311 PNS B . 9.39 18.24 4.53
H32 PNS B . 12.01 16.94 5.72
H33 PNS B . 13.78 18.27 6.33
H36 PNS B . 12.06 20.50 5.90
H372 PNS B . 10.38 21.87 6.94
H371 PNS B . 9.86 20.51 7.94
H382 PNS B . 12.10 20.54 9.08
H381 PNS B . 12.56 21.92 8.08
H41 PNS B . 11.42 23.49 11.21
H422 PNS B . 13.57 22.53 11.74
H421 PNS B . 13.74 21.97 10.08
H431 PNS B . 13.64 24.90 10.96
H432 PNS B . 15.11 24.00 10.55
H44 PNS B . 14.55 25.66 8.60
N GLY A 1 -23.93 -17.90 7.91
CA GLY A 1 -23.96 -16.46 8.23
C GLY A 1 -22.78 -15.70 7.65
N PRO A 2 -22.83 -14.35 7.63
CA PRO A 2 -21.76 -13.50 7.10
C PRO A 2 -20.48 -13.51 7.97
N GLY A 3 -19.35 -13.13 7.37
CA GLY A 3 -18.04 -13.04 8.04
C GLY A 3 -16.92 -12.54 7.10
N SER A 4 -15.76 -12.22 7.67
CA SER A 4 -14.62 -11.62 6.96
C SER A 4 -14.06 -12.48 5.81
N ALA A 5 -14.22 -13.81 5.88
CA ALA A 5 -13.87 -14.76 4.83
C ALA A 5 -14.76 -14.68 3.57
N ALA A 6 -15.89 -13.96 3.64
CA ALA A 6 -16.89 -13.78 2.58
C ALA A 6 -17.27 -12.31 2.33
N ALA A 7 -16.47 -11.35 2.80
CA ALA A 7 -16.69 -9.91 2.65
C ALA A 7 -16.57 -9.44 1.19
N ASP A 8 -17.21 -8.31 0.87
CA ASP A 8 -17.33 -7.78 -0.50
C ASP A 8 -16.04 -7.15 -1.06
N ASP A 9 -15.06 -6.81 -0.21
CA ASP A 9 -13.75 -6.23 -0.59
C ASP A 9 -12.71 -7.29 -1.04
N GLY A 10 -13.14 -8.31 -1.78
CA GLY A 10 -12.31 -9.46 -2.18
C GLY A 10 -11.07 -9.11 -3.01
N ARG A 11 -11.16 -8.12 -3.90
CA ARG A 11 -10.00 -7.58 -4.64
C ARG A 11 -8.99 -6.91 -3.71
N ARG A 12 -9.45 -6.17 -2.71
CA ARG A 12 -8.63 -5.42 -1.72
C ARG A 12 -7.77 -6.35 -0.86
N ALA A 13 -8.30 -7.52 -0.49
CA ALA A 13 -7.60 -8.55 0.27
C ALA A 13 -6.40 -9.16 -0.51
N GLU A 14 -6.54 -9.35 -1.82
CA GLU A 14 -5.43 -9.77 -2.70
C GLU A 14 -4.43 -8.64 -2.97
N LEU A 15 -4.93 -7.40 -3.14
CA LEU A 15 -4.15 -6.20 -3.43
C LEU A 15 -3.24 -5.80 -2.24
N ALA A 16 -3.69 -6.03 -1.00
CA ALA A 16 -2.94 -5.73 0.23
C ALA A 16 -1.60 -6.50 0.33
N ASP A 17 -1.55 -7.71 -0.23
CA ASP A 17 -0.36 -8.57 -0.24
C ASP A 17 0.78 -7.95 -1.08
N ARG A 18 0.47 -7.46 -2.29
CA ARG A 18 1.48 -6.88 -3.21
C ARG A 18 1.89 -5.45 -2.86
N VAL A 19 1.01 -4.61 -2.31
CA VAL A 19 1.42 -3.28 -1.79
C VAL A 19 2.34 -3.43 -0.57
N SER A 20 2.07 -4.39 0.32
CA SER A 20 2.93 -4.70 1.48
C SER A 20 4.34 -5.11 1.05
N ARG A 21 4.44 -6.02 0.05
CA ARG A 21 5.72 -6.47 -0.54
C ARG A 21 6.45 -5.36 -1.30
N THR A 22 5.72 -4.45 -1.94
CA THR A 22 6.32 -3.29 -2.66
C THR A 22 6.98 -2.34 -1.67
N VAL A 23 6.32 -2.06 -0.55
CA VAL A 23 6.85 -1.25 0.56
C VAL A 23 8.07 -1.93 1.21
N ALA A 24 7.96 -3.22 1.55
CA ALA A 24 9.04 -4.01 2.16
C ALA A 24 10.31 -4.05 1.28
N ASP A 25 10.15 -4.31 -0.02
CA ASP A 25 11.24 -4.32 -1.00
C ASP A 25 11.90 -2.94 -1.19
N THR A 26 11.11 -1.85 -1.17
CA THR A 26 11.64 -0.48 -1.32
C THR A 26 12.49 -0.03 -0.13
N ILE A 27 12.07 -0.34 1.11
CA ILE A 27 12.86 -0.01 2.32
C ILE A 27 13.91 -1.07 2.69
N GLY A 28 13.90 -2.24 2.03
CA GLY A 28 14.84 -3.35 2.25
C GLY A 28 14.57 -4.18 3.51
N ARG A 29 13.31 -4.31 3.94
CA ARG A 29 12.86 -5.16 5.07
C ARG A 29 12.16 -6.45 4.59
N PRO A 30 12.01 -7.47 5.46
CA PRO A 30 11.18 -8.65 5.18
C PRO A 30 9.70 -8.27 4.91
N ALA A 31 9.02 -9.07 4.09
CA ALA A 31 7.58 -8.90 3.80
C ALA A 31 6.68 -9.06 5.04
N GLY A 32 7.09 -9.92 5.99
CA GLY A 32 6.38 -10.15 7.25
C GLY A 32 6.46 -9.00 8.27
N SER A 33 7.43 -8.10 8.13
CA SER A 33 7.62 -6.93 9.01
C SER A 33 6.63 -5.78 8.70
N ILE A 34 6.10 -5.72 7.48
CA ILE A 34 5.08 -4.76 7.04
C ILE A 34 3.67 -5.31 7.31
N GLY A 35 2.71 -4.42 7.62
CA GLY A 35 1.30 -4.75 7.84
C GLY A 35 0.38 -3.54 7.67
N GLY A 36 -0.92 -3.79 7.47
CA GLY A 36 -1.91 -2.79 7.06
C GLY A 36 -2.07 -1.60 8.02
N HIS A 37 -1.93 -1.82 9.34
CA HIS A 37 -2.00 -0.78 10.37
C HIS A 37 -0.63 -0.38 10.98
N THR A 38 0.48 -0.82 10.38
CA THR A 38 1.83 -0.34 10.76
C THR A 38 2.01 1.12 10.33
N SER A 39 2.52 1.97 11.22
CA SER A 39 2.71 3.41 10.93
C SER A 39 3.86 3.66 9.95
N LEU A 40 3.68 4.63 9.05
CA LEU A 40 4.68 4.98 8.01
C LEU A 40 5.96 5.61 8.59
N GLU A 41 5.91 6.17 9.81
CA GLU A 41 7.10 6.65 10.52
C GLU A 41 8.00 5.50 11.05
N SER A 42 7.40 4.36 11.40
CA SER A 42 8.13 3.13 11.78
C SER A 42 8.85 2.49 10.59
N MET A 43 8.27 2.63 9.39
CA MET A 43 8.87 2.25 8.11
C MET A 43 9.99 3.22 7.65
N GLY A 44 10.18 4.36 8.34
CA GLY A 44 11.21 5.35 8.04
C GLY A 44 10.99 6.14 6.74
N LEU A 45 9.74 6.26 6.29
CA LEU A 45 9.37 6.85 4.99
C LEU A 45 9.42 8.39 5.01
N ASP A 46 10.57 8.94 4.64
CA ASP A 46 10.77 10.37 4.31
C ASP A 46 10.13 10.72 2.94
N SER A 47 10.03 12.00 2.62
CA SER A 47 9.51 12.52 1.33
C SER A 47 10.07 11.80 0.09
N VAL A 48 11.41 11.69 -0.01
CA VAL A 48 12.10 11.02 -1.14
C VAL A 48 11.72 9.52 -1.23
N MET A 49 11.57 8.84 -0.10
CA MET A 49 11.13 7.43 -0.05
C MET A 49 9.65 7.29 -0.47
N ILE A 50 8.80 8.23 -0.08
CA ILE A 50 7.39 8.27 -0.51
C ILE A 50 7.29 8.56 -2.02
N ARG A 51 8.11 9.48 -2.55
CA ARG A 51 8.22 9.77 -3.99
C ARG A 51 8.75 8.58 -4.79
N ALA A 52 9.64 7.76 -4.21
CA ALA A 52 10.02 6.47 -4.77
C ALA A 52 8.87 5.45 -4.76
N LEU A 53 8.11 5.34 -3.65
CA LEU A 53 6.95 4.45 -3.55
C LEU A 53 5.85 4.80 -4.57
N ALA A 54 5.61 6.07 -4.87
CA ALA A 54 4.69 6.49 -5.93
C ALA A 54 5.05 5.87 -7.30
N SER A 55 6.33 5.89 -7.67
CA SER A 55 6.83 5.25 -8.90
C SER A 55 6.75 3.72 -8.84
N ARG A 56 7.14 3.09 -7.73
CA ARG A 56 7.09 1.62 -7.54
C ARG A 56 5.67 1.07 -7.61
N LEU A 57 4.72 1.69 -6.90
CA LEU A 57 3.29 1.35 -6.94
C LEU A 57 2.71 1.57 -8.34
N SER A 58 3.06 2.66 -9.02
CA SER A 58 2.63 2.92 -10.40
C SER A 58 3.12 1.85 -11.39
N ALA A 59 4.37 1.41 -11.26
CA ALA A 59 5.00 0.42 -12.14
C ALA A 59 4.56 -1.03 -11.88
N GLU A 60 4.12 -1.38 -10.66
CA GLU A 60 3.96 -2.77 -10.21
C GLU A 60 2.61 -3.10 -9.55
N VAL A 61 1.76 -2.11 -9.30
CA VAL A 61 0.43 -2.28 -8.68
C VAL A 61 -0.63 -1.47 -9.44
N ALA A 62 -0.69 -0.15 -9.21
CA ALA A 62 -1.54 0.82 -9.91
C ALA A 62 -1.04 2.26 -9.69
N PRO A 63 -1.26 3.20 -10.65
CA PRO A 63 -0.82 4.59 -10.53
C PRO A 63 -1.34 5.32 -9.27
N VAL A 64 -0.43 6.05 -8.61
CA VAL A 64 -0.71 6.91 -7.43
C VAL A 64 0.34 8.03 -7.34
N GLY A 65 -0.09 9.25 -7.06
CA GLY A 65 0.81 10.41 -6.87
C GLY A 65 1.32 10.53 -5.43
N PRO A 66 2.53 11.09 -5.20
CA PRO A 66 3.08 11.24 -3.85
C PRO A 66 2.23 12.19 -2.97
N GLU A 67 1.49 13.12 -3.57
CA GLU A 67 0.55 14.02 -2.87
C GLU A 67 -0.61 13.28 -2.18
N MET A 68 -1.01 12.09 -2.67
CA MET A 68 -1.93 11.18 -1.98
C MET A 68 -1.21 10.46 -0.84
N LEU A 69 0.01 9.96 -1.09
CA LEU A 69 0.79 9.18 -0.13
C LEU A 69 1.21 10.00 1.12
N PHE A 70 1.48 11.31 0.98
CA PHE A 70 1.74 12.22 2.11
C PHE A 70 0.53 12.34 3.08
N GLY A 71 -0.70 12.10 2.59
CA GLY A 71 -1.94 12.19 3.38
C GLY A 71 -2.32 10.91 4.15
N LEU A 72 -1.62 9.79 3.95
CA LEU A 72 -1.95 8.48 4.54
C LEU A 72 -1.76 8.44 6.07
N ARG A 73 -2.67 7.71 6.75
CA ARG A 73 -2.47 7.19 8.11
C ARG A 73 -1.63 5.90 8.09
N ASP A 74 -1.95 4.97 7.19
CA ASP A 74 -1.38 3.63 7.12
C ASP A 74 -1.62 2.97 5.72
N LEU A 75 -1.20 1.71 5.56
CA LEU A 75 -1.35 0.97 4.29
C LEU A 75 -2.76 0.41 4.05
N ASP A 76 -3.56 0.21 5.10
CA ASP A 76 -4.98 -0.16 5.00
C ASP A 76 -5.80 0.93 4.28
N GLU A 77 -5.47 2.21 4.51
CA GLU A 77 -6.01 3.34 3.74
C GLU A 77 -5.49 3.38 2.29
N LEU A 78 -4.21 3.05 2.06
CA LEU A 78 -3.59 3.04 0.72
C LEU A 78 -4.23 1.99 -0.19
N VAL A 79 -4.39 0.75 0.29
CA VAL A 79 -5.00 -0.32 -0.50
C VAL A 79 -6.47 -0.04 -0.81
N ASP A 80 -7.21 0.59 0.11
CA ASP A 80 -8.58 1.05 -0.10
C ASP A 80 -8.70 2.18 -1.15
N HIS A 81 -7.63 2.96 -1.37
CA HIS A 81 -7.55 3.94 -2.45
C HIS A 81 -7.23 3.28 -3.80
N LEU A 82 -6.27 2.36 -3.88
CA LEU A 82 -5.87 1.71 -5.14
C LEU A 82 -6.93 0.72 -5.66
N VAL A 83 -7.69 0.03 -4.80
CA VAL A 83 -8.76 -0.90 -5.23
C VAL A 83 -9.92 -0.20 -5.95
N ALA A 84 -10.07 1.12 -5.80
CA ALA A 84 -11.06 1.92 -6.55
C ALA A 84 -10.76 1.97 -8.08
N ALA A 85 -9.56 1.59 -8.52
CA ALA A 85 -9.23 1.41 -9.93
C ALA A 85 -9.99 0.23 -10.59
N ARG A 86 -10.31 0.38 -11.88
CA ARG A 86 -11.05 -0.59 -12.72
C ARG A 86 -10.65 -0.43 -14.20
O23 PNS B . 9.02 16.30 -1.73
P24 PNS B . 9.15 16.08 -0.27
O26 PNS B . 8.08 16.56 0.65
O27 PNS B . 10.53 16.71 0.22
C28 PNS B . 11.67 16.71 -0.63
C29 PNS B . 12.89 17.35 0.07
C30 PNS B . 13.28 16.44 1.27
C31 PNS B . 14.06 17.31 -0.92
C32 PNS B . 12.55 18.78 0.58
O33 PNS B . 13.64 19.35 1.33
C34 PNS B . 11.95 19.72 -0.51
O35 PNS B . 10.73 19.78 -0.68
N36 PNS B . 12.69 20.52 -1.31
C37 PNS B . 14.12 20.79 -1.27
C38 PNS B . 14.36 22.10 -0.49
C39 PNS B . 15.84 22.48 -0.39
O40 PNS B . 16.71 21.81 -0.93
N41 PNS B . 16.11 23.58 0.31
C42 PNS B . 17.44 24.14 0.50
C43 PNS B . 18.05 23.61 1.79
S44 PNS B . 19.70 24.35 2.03
H282 PNS B . 11.46 17.26 -1.55
H281 PNS B . 11.91 15.67 -0.90
H303 PNS B . 12.49 16.46 2.03
H302 PNS B . 13.41 15.42 0.93
H301 PNS B . 14.21 16.79 1.71
H313 PNS B . 14.97 17.72 -0.47
H312 PNS B . 14.27 16.28 -1.23
H311 PNS B . 13.82 17.89 -1.81
H32 PNS B . 11.74 18.67 1.30
H33 PNS B . 13.76 18.83 2.15
H36 PNS B . 12.16 21.05 -1.99
H372 PNS B . 14.67 19.98 -0.80
H371 PNS B . 14.50 20.91 -2.29
H382 PNS B . 13.82 22.91 -0.98
H381 PNS B . 13.98 21.98 0.52
H41 PNS B . 15.32 24.07 0.71
H422 PNS B . 18.08 23.90 -0.34
H421 PNS B . 17.36 25.23 0.57
H431 PNS B . 17.41 23.85 2.63
H432 PNS B . 18.15 22.52 1.72
H44 PNS B . 20.24 23.86 0.91
N GLY A 1 -13.94 7.24 5.41
CA GLY A 1 -14.49 6.85 6.72
C GLY A 1 -14.40 5.33 6.96
N PRO A 2 -14.76 4.85 8.17
CA PRO A 2 -14.77 3.43 8.52
C PRO A 2 -15.88 2.65 7.77
N GLY A 3 -15.74 1.32 7.75
CA GLY A 3 -16.67 0.40 7.09
C GLY A 3 -16.32 -1.08 7.29
N SER A 4 -17.06 -1.95 6.59
CA SER A 4 -16.89 -3.41 6.59
C SER A 4 -17.34 -4.03 5.27
N ALA A 5 -16.80 -5.20 4.89
CA ALA A 5 -17.06 -5.90 3.63
C ALA A 5 -16.82 -5.00 2.38
N ALA A 6 -15.71 -4.25 2.37
CA ALA A 6 -15.40 -3.21 1.38
C ALA A 6 -15.23 -3.72 -0.07
N ALA A 7 -14.94 -5.00 -0.26
CA ALA A 7 -14.86 -5.66 -1.58
C ALA A 7 -15.39 -7.10 -1.50
N ASP A 8 -16.59 -7.34 -2.04
CA ASP A 8 -17.22 -8.68 -2.07
C ASP A 8 -16.48 -9.67 -3.00
N ASP A 9 -15.77 -9.14 -4.00
CA ASP A 9 -14.88 -9.89 -4.90
C ASP A 9 -13.49 -10.19 -4.29
N GLY A 10 -13.22 -9.75 -3.06
CA GLY A 10 -11.99 -10.05 -2.30
C GLY A 10 -10.70 -9.40 -2.83
N ARG A 11 -10.76 -8.62 -3.92
CA ARG A 11 -9.58 -8.07 -4.61
C ARG A 11 -8.75 -7.10 -3.74
N ARG A 12 -9.40 -6.40 -2.80
CA ARG A 12 -8.75 -5.51 -1.81
C ARG A 12 -7.74 -6.25 -0.93
N ALA A 13 -8.07 -7.47 -0.49
CA ALA A 13 -7.19 -8.32 0.33
C ALA A 13 -5.99 -8.89 -0.46
N GLU A 14 -6.17 -9.19 -1.75
CA GLU A 14 -5.08 -9.57 -2.65
C GLU A 14 -4.10 -8.41 -2.88
N LEU A 15 -4.61 -7.19 -3.12
CA LEU A 15 -3.81 -5.99 -3.30
C LEU A 15 -3.08 -5.59 -2.00
N ALA A 16 -3.67 -5.79 -0.82
CA ALA A 16 -3.07 -5.44 0.47
C ALA A 16 -1.76 -6.20 0.78
N ASP A 17 -1.59 -7.41 0.25
CA ASP A 17 -0.31 -8.13 0.31
C ASP A 17 0.72 -7.54 -0.66
N ARG A 18 0.29 -7.19 -1.89
CA ARG A 18 1.16 -6.60 -2.93
C ARG A 18 1.72 -5.24 -2.54
N VAL A 19 0.90 -4.36 -1.94
CA VAL A 19 1.37 -3.05 -1.43
C VAL A 19 2.38 -3.22 -0.29
N SER A 20 2.18 -4.20 0.60
CA SER A 20 3.12 -4.51 1.70
C SER A 20 4.48 -5.01 1.18
N ARG A 21 4.48 -5.88 0.17
CA ARG A 21 5.71 -6.34 -0.54
C ARG A 21 6.40 -5.19 -1.28
N THR A 22 5.64 -4.29 -1.90
CA THR A 22 6.20 -3.13 -2.64
C THR A 22 6.87 -2.15 -1.68
N VAL A 23 6.22 -1.85 -0.56
CA VAL A 23 6.80 -1.04 0.54
C VAL A 23 8.06 -1.69 1.11
N ALA A 24 8.02 -2.99 1.38
CA ALA A 24 9.17 -3.73 1.91
C ALA A 24 10.41 -3.59 1.01
N ASP A 25 10.27 -3.86 -0.28
CA ASP A 25 11.36 -3.76 -1.27
C ASP A 25 11.83 -2.31 -1.50
N THR A 26 10.95 -1.31 -1.35
CA THR A 26 11.30 0.12 -1.47
C THR A 26 12.29 0.56 -0.38
N ILE A 27 12.16 0.03 0.85
CA ILE A 27 13.09 0.25 1.96
C ILE A 27 14.11 -0.89 2.19
N GLY A 28 14.19 -1.87 1.28
CA GLY A 28 15.16 -2.97 1.30
C GLY A 28 14.92 -4.05 2.37
N ARG A 29 13.75 -4.07 3.02
CA ARG A 29 13.34 -5.05 4.04
C ARG A 29 12.67 -6.30 3.42
N PRO A 30 12.61 -7.44 4.12
CA PRO A 30 11.77 -8.57 3.73
C PRO A 30 10.27 -8.25 3.94
N ALA A 31 9.39 -8.95 3.22
CA ALA A 31 7.94 -8.72 3.26
C ALA A 31 7.33 -8.94 4.67
N GLY A 32 7.91 -9.83 5.48
CA GLY A 32 7.46 -10.11 6.86
C GLY A 32 7.58 -8.94 7.85
N SER A 33 8.37 -7.91 7.54
CA SER A 33 8.51 -6.69 8.35
C SER A 33 7.32 -5.73 8.22
N ILE A 34 6.45 -5.90 7.22
CA ILE A 34 5.40 -4.94 6.80
C ILE A 34 4.00 -5.56 6.91
N GLY A 35 2.98 -4.74 7.20
CA GLY A 35 1.57 -5.11 7.20
C GLY A 35 0.63 -3.94 6.94
N GLY A 36 -0.66 -4.24 6.74
CA GLY A 36 -1.69 -3.24 6.37
C GLY A 36 -1.90 -2.13 7.41
N HIS A 37 -1.93 -2.51 8.70
CA HIS A 37 -2.11 -1.58 9.83
C HIS A 37 -0.84 -0.76 10.17
N THR A 38 0.33 -1.14 9.63
CA THR A 38 1.62 -0.51 9.96
C THR A 38 1.69 0.91 9.41
N SER A 39 1.97 1.90 10.28
CA SER A 39 2.01 3.32 9.90
C SER A 39 3.22 3.68 9.04
N LEU A 40 3.04 4.60 8.09
CA LEU A 40 4.12 5.15 7.25
C LEU A 40 5.24 5.79 8.10
N GLU A 41 4.86 6.49 9.18
CA GLU A 41 5.79 7.11 10.14
C GLU A 41 6.55 6.05 10.97
N SER A 42 5.88 4.96 11.34
CA SER A 42 6.50 3.82 12.05
C SER A 42 7.52 3.07 11.18
N MET A 43 7.25 2.96 9.88
CA MET A 43 8.18 2.45 8.85
C MET A 43 9.30 3.45 8.47
N GLY A 44 9.31 4.66 9.06
CA GLY A 44 10.34 5.68 8.86
C GLY A 44 10.33 6.35 7.48
N LEU A 45 9.21 6.27 6.75
CA LEU A 45 9.06 6.84 5.40
C LEU A 45 9.05 8.39 5.43
N ASP A 46 9.59 8.97 4.37
CA ASP A 46 9.78 10.42 4.17
C ASP A 46 9.79 10.75 2.66
N SER A 47 9.72 12.03 2.27
CA SER A 47 9.65 12.54 0.89
C SER A 47 10.30 11.66 -0.18
N VAL A 48 11.59 11.39 -0.07
CA VAL A 48 12.36 10.64 -1.09
C VAL A 48 11.89 9.18 -1.21
N MET A 49 11.66 8.50 -0.08
CA MET A 49 11.14 7.13 -0.04
C MET A 49 9.68 7.05 -0.47
N ILE A 50 8.88 8.09 -0.21
CA ILE A 50 7.47 8.18 -0.61
C ILE A 50 7.33 8.45 -2.11
N ARG A 51 8.19 9.30 -2.69
CA ARG A 51 8.31 9.51 -4.15
C ARG A 51 8.78 8.25 -4.89
N ALA A 52 9.70 7.49 -4.29
CA ALA A 52 10.08 6.16 -4.79
C ALA A 52 8.90 5.17 -4.70
N LEU A 53 8.20 5.13 -3.56
CA LEU A 53 7.04 4.26 -3.35
C LEU A 53 5.91 4.54 -4.34
N ALA A 54 5.62 5.81 -4.63
CA ALA A 54 4.65 6.22 -5.64
C ALA A 54 4.99 5.64 -7.03
N SER A 55 6.26 5.72 -7.43
CA SER A 55 6.76 5.15 -8.69
C SER A 55 6.67 3.62 -8.72
N ARG A 56 7.06 2.94 -7.62
CA ARG A 56 7.02 1.47 -7.51
C ARG A 56 5.58 0.93 -7.49
N LEU A 57 4.66 1.57 -6.78
CA LEU A 57 3.23 1.22 -6.80
C LEU A 57 2.63 1.44 -8.20
N SER A 58 2.97 2.53 -8.88
CA SER A 58 2.52 2.80 -10.26
C SER A 58 3.01 1.74 -11.26
N ALA A 59 4.25 1.26 -11.09
CA ALA A 59 4.85 0.23 -11.95
C ALA A 59 4.36 -1.22 -11.70
N GLU A 60 3.79 -1.52 -10.52
CA GLU A 60 3.59 -2.92 -10.06
C GLU A 60 2.23 -3.22 -9.41
N VAL A 61 1.43 -2.20 -9.06
CA VAL A 61 0.12 -2.35 -8.39
C VAL A 61 -0.95 -1.49 -9.08
N ALA A 62 -0.91 -0.17 -8.92
CA ALA A 62 -1.79 0.81 -9.54
C ALA A 62 -1.23 2.25 -9.39
N PRO A 63 -1.54 3.18 -10.32
CA PRO A 63 -0.99 4.54 -10.30
C PRO A 63 -1.44 5.37 -9.09
N VAL A 64 -0.48 6.07 -8.48
CA VAL A 64 -0.66 6.93 -7.30
C VAL A 64 0.48 7.95 -7.22
N GLY A 65 0.20 9.16 -6.74
CA GLY A 65 1.19 10.24 -6.55
C GLY A 65 1.73 10.34 -5.11
N PRO A 66 2.90 10.96 -4.90
CA PRO A 66 3.44 11.19 -3.55
C PRO A 66 2.54 12.12 -2.71
N GLU A 67 1.88 13.10 -3.35
CA GLU A 67 0.93 14.01 -2.69
C GLU A 67 -0.32 13.31 -2.15
N MET A 68 -0.71 12.17 -2.75
CA MET A 68 -1.77 11.29 -2.23
C MET A 68 -1.28 10.51 -1.01
N LEU A 69 -0.07 9.93 -1.09
CA LEU A 69 0.57 9.18 0.00
C LEU A 69 0.84 10.04 1.25
N PHE A 70 1.24 11.31 1.10
CA PHE A 70 1.47 12.24 2.23
C PHE A 70 0.24 12.45 3.14
N GLY A 71 -0.97 12.25 2.63
CA GLY A 71 -2.22 12.38 3.38
C GLY A 71 -2.60 11.15 4.24
N LEU A 72 -1.92 10.01 4.08
CA LEU A 72 -2.29 8.73 4.69
C LEU A 72 -1.54 8.43 6.00
N ARG A 73 -2.16 7.63 6.88
CA ARG A 73 -1.53 7.07 8.09
C ARG A 73 -0.84 5.74 7.83
N ASP A 74 -1.49 4.82 7.11
CA ASP A 74 -1.05 3.41 6.95
C ASP A 74 -1.44 2.81 5.58
N LEU A 75 -1.04 1.56 5.33
CA LEU A 75 -1.25 0.88 4.04
C LEU A 75 -2.70 0.40 3.81
N ASP A 76 -3.49 0.20 4.87
CA ASP A 76 -4.92 -0.11 4.78
C ASP A 76 -5.72 1.04 4.15
N GLU A 77 -5.35 2.31 4.40
CA GLU A 77 -5.90 3.47 3.71
C GLU A 77 -5.42 3.58 2.25
N LEU A 78 -4.18 3.16 1.95
CA LEU A 78 -3.60 3.18 0.60
C LEU A 78 -4.28 2.17 -0.32
N VAL A 79 -4.42 0.90 0.12
CA VAL A 79 -5.08 -0.13 -0.69
C VAL A 79 -6.57 0.20 -0.97
N ASP A 80 -7.23 0.92 -0.07
CA ASP A 80 -8.60 1.41 -0.26
C ASP A 80 -8.74 2.36 -1.45
N HIS A 81 -7.67 3.10 -1.80
CA HIS A 81 -7.56 3.86 -3.04
C HIS A 81 -7.15 2.99 -4.23
N LEU A 82 -6.13 2.15 -4.10
CA LEU A 82 -5.61 1.37 -5.25
C LEU A 82 -6.59 0.32 -5.80
N VAL A 83 -7.50 -0.22 -4.98
CA VAL A 83 -8.58 -1.11 -5.46
C VAL A 83 -9.62 -0.38 -6.35
N ALA A 84 -9.79 0.94 -6.14
CA ALA A 84 -10.65 1.81 -6.95
C ALA A 84 -9.93 2.46 -8.15
N ALA A 85 -8.61 2.63 -8.07
CA ALA A 85 -7.77 3.21 -9.13
C ALA A 85 -7.71 2.35 -10.41
N ARG A 86 -7.26 2.97 -11.51
CA ARG A 86 -7.14 2.37 -12.86
C ARG A 86 -5.94 2.93 -13.62
O23 PNS B . 8.82 17.21 2.15
P24 PNS B . 9.97 16.39 1.68
O26 PNS B . 11.21 16.33 2.50
O27 PNS B . 10.34 16.86 0.19
C28 PNS B . 11.53 17.57 -0.06
C29 PNS B . 11.68 17.93 -1.55
C30 PNS B . 11.73 16.64 -2.41
C31 PNS B . 10.45 18.74 -2.03
C32 PNS B . 12.97 18.80 -1.78
O33 PNS B . 12.92 20.01 -1.02
C34 PNS B . 14.30 18.01 -1.54
O35 PNS B . 14.74 17.83 -0.40
N36 PNS B . 14.92 17.54 -2.63
C37 PNS B . 16.17 16.79 -2.63
C38 PNS B . 15.87 15.28 -2.65
C39 PNS B . 17.12 14.41 -2.74
O40 PNS B . 18.24 14.90 -2.73
N41 PNS B . 16.90 13.10 -2.83
C42 PNS B . 17.92 12.08 -3.01
C43 PNS B . 17.76 11.38 -4.35
S44 PNS B . 17.94 12.55 -5.73
H282 PNS B . 12.38 16.97 0.25
H281 PNS B . 11.52 18.48 0.54
H303 PNS B . 11.89 16.89 -3.46
H302 PNS B . 12.54 15.98 -2.07
H301 PNS B . 10.80 16.09 -2.33
H313 PNS B . 10.31 19.64 -1.42
H312 PNS B . 10.57 19.06 -3.08
H311 PNS B . 9.55 18.15 -1.95
H32 PNS B . 12.98 19.09 -2.82
H33 PNS B . 13.72 20.54 -1.19
H36 PNS B . 14.49 17.72 -3.52
H372 PNS B . 16.75 17.05 -3.52
H371 PNS B . 16.77 17.04 -1.74
H382 PNS B . 15.33 15.03 -1.74
H381 PNS B . 15.24 15.06 -3.51
H41 PNS B . 15.94 12.80 -2.87
H422 PNS B . 18.92 12.51 -2.94
H421 PNS B . 17.82 11.34 -2.21
H431 PNS B . 18.51 10.59 -4.44
H432 PNS B . 16.77 10.92 -4.40
H44 PNS B . 19.17 12.97 -5.39
N GLY A 1 -5.12 -22.67 -1.66
CA GLY A 1 -6.31 -23.51 -1.41
C GLY A 1 -7.57 -22.95 -2.07
N PRO A 2 -8.55 -23.80 -2.42
CA PRO A 2 -9.77 -23.42 -3.15
C PRO A 2 -10.76 -22.56 -2.33
N GLY A 3 -10.67 -22.58 -0.99
CA GLY A 3 -11.50 -21.81 -0.06
C GLY A 3 -11.13 -20.32 0.08
N SER A 4 -10.65 -19.69 -1.00
CA SER A 4 -10.16 -18.30 -1.01
C SER A 4 -10.44 -17.60 -2.34
N ALA A 5 -10.66 -16.28 -2.31
CA ALA A 5 -10.93 -15.39 -3.43
C ALA A 5 -12.16 -15.75 -4.32
N ALA A 6 -13.03 -16.64 -3.86
CA ALA A 6 -14.26 -17.04 -4.57
C ALA A 6 -15.35 -15.95 -4.52
N ALA A 7 -15.45 -15.21 -3.42
CA ALA A 7 -16.33 -14.05 -3.24
C ALA A 7 -15.64 -12.74 -3.71
N ASP A 8 -16.45 -11.77 -4.15
CA ASP A 8 -15.96 -10.43 -4.55
C ASP A 8 -15.42 -9.58 -3.37
N ASP A 9 -15.68 -10.00 -2.13
CA ASP A 9 -15.06 -9.44 -0.92
C ASP A 9 -13.53 -9.71 -0.85
N GLY A 10 -13.03 -10.69 -1.61
CA GLY A 10 -11.63 -11.12 -1.58
C GLY A 10 -10.63 -10.20 -2.29
N ARG A 11 -11.07 -9.19 -3.07
CA ARG A 11 -10.16 -8.33 -3.86
C ARG A 11 -9.16 -7.58 -2.96
N ARG A 12 -9.61 -6.99 -1.85
CA ARG A 12 -8.78 -6.25 -0.89
C ARG A 12 -7.71 -7.12 -0.22
N ALA A 13 -8.06 -8.36 0.14
CA ALA A 13 -7.15 -9.31 0.76
C ALA A 13 -6.00 -9.74 -0.18
N GLU A 14 -6.30 -9.97 -1.46
CA GLU A 14 -5.29 -10.23 -2.49
C GLU A 14 -4.44 -8.97 -2.80
N LEU A 15 -5.08 -7.81 -2.92
CA LEU A 15 -4.46 -6.55 -3.33
C LEU A 15 -3.54 -5.91 -2.27
N ALA A 16 -3.91 -6.00 -0.98
CA ALA A 16 -3.11 -5.46 0.13
C ALA A 16 -1.74 -6.17 0.27
N ASP A 17 -1.67 -7.47 -0.04
CA ASP A 17 -0.40 -8.22 -0.06
C ASP A 17 0.55 -7.79 -1.19
N ARG A 18 0.02 -7.14 -2.24
CA ARG A 18 0.82 -6.52 -3.31
C ARG A 18 1.33 -5.13 -2.91
N VAL A 19 0.53 -4.36 -2.18
CA VAL A 19 0.95 -3.06 -1.61
C VAL A 19 2.09 -3.26 -0.58
N SER A 20 1.95 -4.20 0.35
CA SER A 20 2.90 -4.40 1.47
C SER A 20 4.30 -4.79 1.00
N ARG A 21 4.44 -5.70 0.01
CA ARG A 21 5.76 -6.04 -0.55
C ARG A 21 6.41 -4.89 -1.34
N THR A 22 5.61 -3.98 -1.90
CA THR A 22 6.13 -2.82 -2.63
C THR A 22 6.72 -1.79 -1.67
N VAL A 23 6.04 -1.55 -0.55
CA VAL A 23 6.55 -0.77 0.58
C VAL A 23 7.83 -1.37 1.14
N ALA A 24 7.83 -2.69 1.42
CA ALA A 24 8.96 -3.43 1.97
C ALA A 24 10.20 -3.35 1.07
N ASP A 25 10.05 -3.63 -0.22
CA ASP A 25 11.14 -3.58 -1.20
C ASP A 25 11.67 -2.15 -1.43
N THR A 26 10.83 -1.11 -1.29
CA THR A 26 11.28 0.30 -1.36
C THR A 26 12.21 0.67 -0.20
N ILE A 27 11.94 0.16 1.01
CA ILE A 27 12.80 0.36 2.20
C ILE A 27 13.84 -0.78 2.42
N GLY A 28 13.94 -1.75 1.50
CA GLY A 28 14.91 -2.85 1.54
C GLY A 28 14.65 -3.95 2.58
N ARG A 29 13.47 -3.98 3.21
CA ARG A 29 13.06 -5.00 4.21
C ARG A 29 12.37 -6.23 3.57
N PRO A 30 12.31 -7.39 4.26
CA PRO A 30 11.50 -8.52 3.85
C PRO A 30 10.00 -8.19 3.73
N ALA A 31 9.29 -8.84 2.82
CA ALA A 31 7.87 -8.57 2.54
C ALA A 31 6.96 -8.73 3.78
N GLY A 32 7.25 -9.72 4.64
CA GLY A 32 6.54 -9.99 5.89
C GLY A 32 6.78 -8.99 7.03
N SER A 33 7.76 -8.08 6.88
CA SER A 33 8.07 -7.04 7.88
C SER A 33 7.02 -5.92 7.93
N ILE A 34 6.28 -5.71 6.82
CA ILE A 34 5.24 -4.70 6.66
C ILE A 34 3.84 -5.31 6.85
N GLY A 35 3.00 -4.68 7.67
CA GLY A 35 1.57 -4.99 7.81
C GLY A 35 0.66 -3.86 7.29
N GLY A 36 -0.62 -4.18 7.06
CA GLY A 36 -1.62 -3.22 6.57
C GLY A 36 -1.88 -2.02 7.51
N HIS A 37 -1.66 -2.22 8.82
CA HIS A 37 -1.80 -1.20 9.87
C HIS A 37 -0.46 -0.63 10.41
N THR A 38 0.68 -0.98 9.79
CA THR A 38 1.99 -0.37 10.12
C THR A 38 1.99 1.12 9.78
N SER A 39 2.51 1.97 10.67
CA SER A 39 2.62 3.42 10.44
C SER A 39 3.81 3.78 9.56
N LEU A 40 3.72 4.89 8.81
CA LEU A 40 4.80 5.39 7.96
C LEU A 40 6.01 5.91 8.78
N GLU A 41 5.80 6.28 10.04
CA GLU A 41 6.87 6.56 11.01
C GLU A 41 7.64 5.30 11.42
N SER A 42 6.96 4.16 11.59
CA SER A 42 7.58 2.86 11.88
C SER A 42 8.39 2.33 10.67
N MET A 43 7.94 2.63 9.45
CA MET A 43 8.68 2.37 8.21
C MET A 43 9.93 3.27 8.04
N GLY A 44 10.02 4.39 8.77
CA GLY A 44 11.11 5.36 8.70
C GLY A 44 11.16 6.17 7.39
N LEU A 45 10.01 6.36 6.72
CA LEU A 45 9.93 6.98 5.40
C LEU A 45 10.26 8.48 5.41
N ASP A 46 11.10 8.89 4.47
CA ASP A 46 11.37 10.29 4.09
C ASP A 46 10.73 10.63 2.73
N SER A 47 10.62 11.93 2.39
CA SER A 47 10.09 12.42 1.10
C SER A 47 10.59 11.67 -0.14
N VAL A 48 11.90 11.48 -0.27
CA VAL A 48 12.51 10.80 -1.43
C VAL A 48 12.09 9.32 -1.50
N MET A 49 11.99 8.63 -0.37
CA MET A 49 11.47 7.25 -0.28
C MET A 49 9.97 7.18 -0.62
N ILE A 50 9.20 8.22 -0.29
CA ILE A 50 7.77 8.31 -0.64
C ILE A 50 7.57 8.60 -2.14
N ARG A 51 8.39 9.48 -2.74
CA ARG A 51 8.41 9.68 -4.21
C ARG A 51 8.84 8.41 -4.95
N ALA A 52 9.80 7.66 -4.41
CA ALA A 52 10.18 6.34 -4.92
C ALA A 52 9.04 5.32 -4.79
N LEU A 53 8.34 5.29 -3.65
CA LEU A 53 7.22 4.39 -3.39
C LEU A 53 6.04 4.64 -4.35
N ALA A 54 5.75 5.90 -4.69
CA ALA A 54 4.75 6.26 -5.70
C ALA A 54 5.10 5.68 -7.09
N SER A 55 6.36 5.80 -7.50
CA SER A 55 6.88 5.21 -8.75
C SER A 55 6.85 3.67 -8.74
N ARG A 56 7.26 3.05 -7.62
CA ARG A 56 7.27 1.58 -7.43
C ARG A 56 5.86 0.98 -7.46
N LEU A 57 4.90 1.60 -6.77
CA LEU A 57 3.48 1.21 -6.83
C LEU A 57 2.90 1.40 -8.23
N SER A 58 3.21 2.51 -8.91
CA SER A 58 2.74 2.77 -10.28
C SER A 58 3.26 1.74 -11.30
N ALA A 59 4.51 1.31 -11.15
CA ALA A 59 5.14 0.31 -12.01
C ALA A 59 4.69 -1.15 -11.76
N GLU A 60 4.25 -1.49 -10.54
CA GLU A 60 4.16 -2.90 -10.08
C GLU A 60 2.82 -3.29 -9.42
N VAL A 61 1.95 -2.32 -9.10
CA VAL A 61 0.65 -2.55 -8.45
C VAL A 61 -0.46 -1.76 -9.17
N ALA A 62 -0.48 -0.43 -9.03
CA ALA A 62 -1.40 0.49 -9.70
C ALA A 62 -0.90 1.96 -9.58
N PRO A 63 -1.21 2.86 -10.55
CA PRO A 63 -0.81 4.27 -10.52
C PRO A 63 -1.28 5.02 -9.27
N VAL A 64 -0.36 5.75 -8.63
CA VAL A 64 -0.58 6.59 -7.44
C VAL A 64 0.48 7.68 -7.33
N GLY A 65 0.12 8.85 -6.78
CA GLY A 65 1.03 9.97 -6.52
C GLY A 65 1.53 10.05 -5.06
N PRO A 66 2.65 10.73 -4.79
CA PRO A 66 3.20 10.88 -3.43
C PRO A 66 2.29 11.70 -2.51
N GLU A 67 1.41 12.54 -3.06
CA GLU A 67 0.42 13.31 -2.29
C GLU A 67 -0.60 12.41 -1.57
N MET A 68 -0.97 11.27 -2.17
CA MET A 68 -1.80 10.25 -1.53
C MET A 68 -1.05 9.54 -0.40
N LEU A 69 0.24 9.23 -0.61
CA LEU A 69 1.09 8.54 0.36
C LEU A 69 1.40 9.42 1.59
N PHE A 70 1.58 10.74 1.43
CA PHE A 70 1.70 11.69 2.55
C PHE A 70 0.38 11.88 3.34
N GLY A 71 -0.77 11.54 2.75
CA GLY A 71 -2.08 11.57 3.42
C GLY A 71 -2.38 10.37 4.33
N LEU A 72 -1.53 9.33 4.33
CA LEU A 72 -1.77 8.06 5.04
C LEU A 72 -1.51 8.12 6.55
N ARG A 73 -2.36 7.44 7.33
CA ARG A 73 -2.04 6.91 8.67
C ARG A 73 -1.39 5.51 8.57
N ASP A 74 -1.89 4.69 7.65
CA ASP A 74 -1.44 3.32 7.37
C ASP A 74 -1.77 2.89 5.92
N LEU A 75 -1.40 1.66 5.52
CA LEU A 75 -1.59 1.14 4.16
C LEU A 75 -3.03 0.70 3.86
N ASP A 76 -3.85 0.44 4.88
CA ASP A 76 -5.28 0.15 4.72
C ASP A 76 -6.05 1.34 4.11
N GLU A 77 -5.64 2.58 4.40
CA GLU A 77 -6.14 3.79 3.72
C GLU A 77 -5.69 3.87 2.25
N LEU A 78 -4.47 3.41 1.93
CA LEU A 78 -3.93 3.42 0.57
C LEU A 78 -4.68 2.45 -0.35
N VAL A 79 -4.78 1.18 0.07
CA VAL A 79 -5.38 0.09 -0.73
C VAL A 79 -6.87 0.30 -1.01
N ASP A 80 -7.57 1.06 -0.16
CA ASP A 80 -9.00 1.37 -0.32
C ASP A 80 -9.34 2.02 -1.69
N HIS A 81 -8.46 2.91 -2.17
CA HIS A 81 -8.56 3.55 -3.50
C HIS A 81 -8.23 2.58 -4.63
N LEU A 82 -7.28 1.68 -4.41
CA LEU A 82 -6.81 0.71 -5.42
C LEU A 82 -7.84 -0.40 -5.68
N VAL A 83 -8.59 -0.83 -4.64
CA VAL A 83 -9.70 -1.80 -4.78
C VAL A 83 -10.79 -1.28 -5.72
N ALA A 84 -11.05 0.04 -5.68
CA ALA A 84 -12.00 0.71 -6.57
C ALA A 84 -11.43 0.98 -7.98
N ALA A 85 -10.12 1.24 -8.08
CA ALA A 85 -9.43 1.41 -9.37
C ALA A 85 -9.41 0.12 -10.21
N ARG A 86 -9.31 -1.05 -9.54
CA ARG A 86 -9.54 -2.42 -10.07
C ARG A 86 -8.78 -2.71 -11.38
O23 PNS B . 9.05 16.79 3.09
P24 PNS B . 9.82 16.26 1.94
O26 PNS B . 11.24 16.70 1.76
O27 PNS B . 9.04 16.60 0.60
C28 PNS B . 7.66 16.31 0.48
C29 PNS B . 7.17 16.43 -0.98
C30 PNS B . 7.79 15.25 -1.78
C31 PNS B . 5.64 16.24 -1.01
C32 PNS B . 7.60 17.79 -1.61
O33 PNS B . 7.23 17.83 -3.01
C34 PNS B . 7.09 19.02 -0.83
O35 PNS B . 6.06 19.61 -1.14
N36 PNS B . 7.83 19.42 0.22
C37 PNS B . 7.51 20.53 1.12
C38 PNS B . 8.29 21.77 0.66
C39 PNS B . 7.95 22.98 1.54
O40 PNS B . 7.14 23.81 1.15
N41 PNS B . 8.54 23.04 2.73
C42 PNS B . 8.35 24.10 3.71
C43 PNS B . 7.21 23.73 4.68
S44 PNS B . 7.65 22.26 5.66
H282 PNS B . 7.08 16.99 1.11
H281 PNS B . 7.46 15.30 0.84
H303 PNS B . 8.88 15.37 -1.84
H302 PNS B . 7.57 14.30 -1.28
H301 PNS B . 7.37 15.21 -2.78
H313 PNS B . 5.16 17.02 -0.41
H312 PNS B . 5.25 16.29 -2.02
H311 PNS B . 5.37 15.27 -0.57
H32 PNS B . 8.68 17.83 -1.58
H33 PNS B . 7.37 18.74 -3.35
H36 PNS B . 8.65 18.86 0.44
H372 PNS B . 6.44 20.74 1.11
H371 PNS B . 7.80 20.27 2.12
H382 PNS B . 9.36 21.58 0.73
H381 PNS B . 8.03 22.01 -0.37
H41 PNS B . 9.21 22.32 2.96
H422 PNS B . 9.26 24.24 4.29
H421 PNS B . 8.11 25.03 3.22
H431 PNS B . 7.04 24.57 5.34
H432 PNS B . 6.31 23.55 4.10
H44 PNS B . 7.78 21.42 4.61
N GLY A 1 -25.91 -24.15 -4.88
CA GLY A 1 -25.00 -24.66 -3.82
C GLY A 1 -25.29 -24.01 -2.46
N PRO A 2 -24.48 -24.32 -1.43
CA PRO A 2 -24.61 -23.75 -0.08
C PRO A 2 -24.24 -22.26 0.00
N GLY A 3 -24.60 -21.61 1.10
CA GLY A 3 -24.38 -20.17 1.32
C GLY A 3 -25.24 -19.27 0.44
N SER A 4 -24.75 -18.08 0.11
CA SER A 4 -25.43 -17.12 -0.79
C SER A 4 -24.42 -16.20 -1.52
N ALA A 5 -23.60 -15.46 -0.78
CA ALA A 5 -22.58 -14.58 -1.35
C ALA A 5 -21.37 -15.34 -1.92
N ALA A 6 -20.73 -14.78 -2.95
CA ALA A 6 -19.45 -15.24 -3.50
C ALA A 6 -18.25 -14.82 -2.61
N ALA A 7 -17.07 -15.42 -2.85
CA ALA A 7 -15.80 -15.12 -2.18
C ALA A 7 -15.13 -13.81 -2.63
N ASP A 8 -15.84 -12.93 -3.35
CA ASP A 8 -15.32 -11.71 -4.01
C ASP A 8 -14.71 -10.65 -3.06
N ASP A 9 -15.02 -10.72 -1.76
CA ASP A 9 -14.44 -9.87 -0.72
C ASP A 9 -12.92 -10.10 -0.52
N GLY A 10 -12.40 -11.27 -0.92
CA GLY A 10 -10.98 -11.65 -0.81
C GLY A 10 -10.02 -10.84 -1.69
N ARG A 11 -10.52 -10.10 -2.69
CA ARG A 11 -9.70 -9.26 -3.60
C ARG A 11 -9.01 -8.10 -2.87
N ARG A 12 -9.58 -7.59 -1.78
CA ARG A 12 -8.94 -6.57 -0.92
C ARG A 12 -7.69 -7.11 -0.23
N ALA A 13 -7.73 -8.35 0.27
CA ALA A 13 -6.58 -9.03 0.86
C ALA A 13 -5.50 -9.37 -0.19
N GLU A 14 -5.90 -9.76 -1.41
CA GLU A 14 -4.99 -9.98 -2.54
C GLU A 14 -4.24 -8.69 -2.97
N LEU A 15 -4.93 -7.55 -2.95
CA LEU A 15 -4.34 -6.23 -3.18
C LEU A 15 -3.41 -5.82 -2.01
N ALA A 16 -3.84 -6.03 -0.76
CA ALA A 16 -3.07 -5.70 0.46
C ALA A 16 -1.72 -6.46 0.53
N ASP A 17 -1.67 -7.69 0.01
CA ASP A 17 -0.42 -8.47 -0.07
C ASP A 17 0.62 -7.81 -1.00
N ARG A 18 0.24 -7.42 -2.22
CA ARG A 18 1.18 -6.85 -3.21
C ARG A 18 1.62 -5.43 -2.87
N VAL A 19 0.78 -4.59 -2.25
CA VAL A 19 1.22 -3.27 -1.73
C VAL A 19 2.21 -3.43 -0.58
N SER A 20 1.98 -4.38 0.34
CA SER A 20 2.89 -4.68 1.45
C SER A 20 4.27 -5.15 0.96
N ARG A 21 4.29 -6.07 -0.02
CA ARG A 21 5.51 -6.57 -0.67
C ARG A 21 6.27 -5.49 -1.45
N THR A 22 5.57 -4.60 -2.15
CA THR A 22 6.17 -3.48 -2.90
C THR A 22 6.80 -2.46 -1.93
N VAL A 23 6.09 -2.10 -0.86
CA VAL A 23 6.60 -1.23 0.23
C VAL A 23 7.85 -1.82 0.88
N ALA A 24 7.81 -3.11 1.29
CA ALA A 24 8.93 -3.81 1.91
C ALA A 24 10.19 -3.77 1.04
N ASP A 25 10.09 -4.11 -0.25
CA ASP A 25 11.22 -4.06 -1.19
C ASP A 25 11.72 -2.64 -1.45
N THR A 26 10.85 -1.63 -1.46
CA THR A 26 11.23 -0.21 -1.65
C THR A 26 12.08 0.32 -0.49
N ILE A 27 11.67 0.06 0.76
CA ILE A 27 12.35 0.57 1.96
C ILE A 27 13.42 -0.37 2.53
N GLY A 28 13.56 -1.58 1.98
CA GLY A 28 14.60 -2.56 2.34
C GLY A 28 14.31 -3.42 3.58
N ARG A 29 13.15 -3.28 4.21
CA ARG A 29 12.71 -4.12 5.35
C ARG A 29 12.22 -5.51 4.91
N PRO A 30 12.22 -6.52 5.79
CA PRO A 30 11.56 -7.80 5.52
C PRO A 30 10.07 -7.66 5.24
N ALA A 31 9.53 -8.51 4.36
CA ALA A 31 8.08 -8.50 4.02
C ALA A 31 7.18 -8.78 5.23
N GLY A 32 7.64 -9.58 6.19
CA GLY A 32 6.93 -9.89 7.44
C GLY A 32 6.80 -8.70 8.41
N SER A 33 7.62 -7.66 8.25
CA SER A 33 7.56 -6.42 9.05
C SER A 33 6.52 -5.41 8.55
N ILE A 34 5.89 -5.66 7.40
CA ILE A 34 4.91 -4.77 6.73
C ILE A 34 3.53 -5.44 6.65
N GLY A 35 2.46 -4.63 6.62
CA GLY A 35 1.06 -5.05 6.48
C GLY A 35 0.09 -3.87 6.49
N GLY A 36 -1.21 -4.13 6.40
CA GLY A 36 -2.26 -3.09 6.35
C GLY A 36 -2.19 -2.09 7.52
N HIS A 37 -2.00 -2.60 8.74
CA HIS A 37 -1.87 -1.79 9.97
C HIS A 37 -0.51 -1.08 10.16
N THR A 38 0.48 -1.34 9.30
CA THR A 38 1.81 -0.68 9.38
C THR A 38 1.71 0.75 8.88
N SER A 39 1.99 1.72 9.76
CA SER A 39 1.92 3.15 9.41
C SER A 39 3.14 3.62 8.60
N LEU A 40 2.94 4.64 7.76
CA LEU A 40 4.02 5.28 6.99
C LEU A 40 4.99 6.05 7.92
N GLU A 41 4.54 6.42 9.11
CA GLU A 41 5.36 6.92 10.22
C GLU A 41 6.27 5.82 10.80
N SER A 42 5.78 4.59 10.98
CA SER A 42 6.57 3.43 11.41
C SER A 42 7.60 2.97 10.36
N MET A 43 7.28 3.10 9.07
CA MET A 43 8.23 2.92 7.96
C MET A 43 9.36 3.97 7.95
N GLY A 44 9.14 5.14 8.57
CA GLY A 44 10.12 6.22 8.66
C GLY A 44 10.46 6.86 7.31
N LEU A 45 9.48 7.00 6.41
CA LEU A 45 9.68 7.46 5.04
C LEU A 45 10.26 8.89 4.97
N ASP A 46 11.37 9.06 4.24
CA ASP A 46 11.91 10.36 3.82
C ASP A 46 11.25 10.88 2.52
N SER A 47 11.46 12.16 2.22
CA SER A 47 11.09 12.84 0.96
C SER A 47 11.41 12.04 -0.32
N VAL A 48 12.65 11.57 -0.46
CA VAL A 48 13.14 10.79 -1.60
C VAL A 48 12.52 9.39 -1.62
N MET A 49 12.31 8.76 -0.45
CA MET A 49 11.67 7.45 -0.32
C MET A 49 10.20 7.49 -0.75
N ILE A 50 9.47 8.56 -0.43
CA ILE A 50 8.08 8.78 -0.90
C ILE A 50 8.04 8.94 -2.43
N ARG A 51 8.96 9.72 -3.01
CA ARG A 51 9.07 9.91 -4.47
C ARG A 51 9.39 8.61 -5.22
N ALA A 52 10.26 7.76 -4.66
CA ALA A 52 10.53 6.41 -5.15
C ALA A 52 9.31 5.48 -5.00
N LEU A 53 8.65 5.48 -3.82
CA LEU A 53 7.51 4.61 -3.51
C LEU A 53 6.30 4.87 -4.41
N ALA A 54 6.03 6.13 -4.77
CA ALA A 54 5.00 6.51 -5.73
C ALA A 54 5.19 5.82 -7.10
N SER A 55 6.43 5.81 -7.61
CA SER A 55 6.81 5.13 -8.85
C SER A 55 6.73 3.59 -8.73
N ARG A 56 7.15 3.01 -7.61
CA ARG A 56 7.09 1.55 -7.36
C ARG A 56 5.67 1.00 -7.29
N LEU A 57 4.76 1.69 -6.60
CA LEU A 57 3.32 1.36 -6.63
C LEU A 57 2.73 1.51 -8.05
N SER A 58 3.09 2.58 -8.77
CA SER A 58 2.62 2.81 -10.14
C SER A 58 3.06 1.71 -11.12
N ALA A 59 4.30 1.22 -10.99
CA ALA A 59 4.88 0.17 -11.82
C ALA A 59 4.35 -1.25 -11.54
N GLU A 60 3.86 -1.54 -10.32
CA GLU A 60 3.63 -2.92 -9.85
C GLU A 60 2.23 -3.19 -9.27
N VAL A 61 1.43 -2.15 -9.02
CA VAL A 61 0.07 -2.25 -8.46
C VAL A 61 -0.90 -1.35 -9.25
N ALA A 62 -0.84 -0.04 -9.01
CA ALA A 62 -1.64 0.99 -9.68
C ALA A 62 -1.06 2.39 -9.39
N PRO A 63 -1.25 3.40 -10.29
CA PRO A 63 -0.72 4.75 -10.11
C PRO A 63 -1.17 5.43 -8.81
N VAL A 64 -0.24 6.14 -8.17
CA VAL A 64 -0.46 6.90 -6.92
C VAL A 64 0.53 8.08 -6.83
N GLY A 65 0.06 9.22 -6.32
CA GLY A 65 0.90 10.42 -6.14
C GLY A 65 1.62 10.49 -4.78
N PRO A 66 2.68 11.32 -4.65
CA PRO A 66 3.33 11.58 -3.37
C PRO A 66 2.41 12.29 -2.37
N GLU A 67 1.41 13.07 -2.85
CA GLU A 67 0.41 13.75 -2.02
C GLU A 67 -0.48 12.79 -1.23
N MET A 68 -0.79 11.61 -1.81
CA MET A 68 -1.47 10.52 -1.10
C MET A 68 -0.59 9.96 0.02
N LEU A 69 0.70 9.70 -0.27
CA LEU A 69 1.67 9.18 0.70
C LEU A 69 1.99 10.19 1.82
N PHE A 70 1.87 11.51 1.58
CA PHE A 70 1.91 12.54 2.64
C PHE A 70 0.65 12.52 3.54
N GLY A 71 -0.52 12.21 2.97
CA GLY A 71 -1.82 12.24 3.67
C GLY A 71 -2.18 10.95 4.45
N LEU A 72 -1.72 9.79 3.99
CA LEU A 72 -2.01 8.47 4.58
C LEU A 72 -1.44 8.28 6.00
N ARG A 73 -2.22 7.54 6.82
CA ARG A 73 -1.73 6.95 8.08
C ARG A 73 -1.02 5.61 7.84
N ASP A 74 -1.69 4.67 7.16
CA ASP A 74 -1.24 3.28 6.97
C ASP A 74 -1.78 2.66 5.65
N LEU A 75 -1.30 1.46 5.29
CA LEU A 75 -1.65 0.79 4.03
C LEU A 75 -3.11 0.31 3.96
N ASP A 76 -3.78 0.12 5.10
CA ASP A 76 -5.21 -0.22 5.17
C ASP A 76 -6.12 0.92 4.65
N GLU A 77 -5.66 2.17 4.71
CA GLU A 77 -6.30 3.33 4.05
C GLU A 77 -5.92 3.44 2.55
N LEU A 78 -4.72 3.00 2.14
CA LEU A 78 -4.31 2.99 0.73
C LEU A 78 -5.05 1.94 -0.10
N VAL A 79 -5.18 0.72 0.42
CA VAL A 79 -5.77 -0.42 -0.32
C VAL A 79 -7.23 -0.15 -0.72
N ASP A 80 -7.97 0.64 0.06
CA ASP A 80 -9.30 1.12 -0.29
C ASP A 80 -9.34 1.98 -1.56
N HIS A 81 -8.24 2.64 -1.95
CA HIS A 81 -8.13 3.37 -3.22
C HIS A 81 -7.68 2.45 -4.36
N LEU A 82 -6.67 1.61 -4.12
CA LEU A 82 -6.04 0.79 -5.17
C LEU A 82 -6.82 -0.48 -5.55
N VAL A 83 -7.67 -1.02 -4.66
CA VAL A 83 -8.58 -2.14 -5.00
C VAL A 83 -9.68 -1.72 -5.99
N ALA A 84 -10.06 -0.43 -5.99
CA ALA A 84 -11.03 0.16 -6.90
C ALA A 84 -10.44 0.64 -8.25
N ALA A 85 -9.12 0.60 -8.41
CA ALA A 85 -8.43 1.07 -9.62
C ALA A 85 -8.68 0.16 -10.85
N ARG A 86 -8.69 0.75 -12.05
CA ARG A 86 -8.95 0.10 -13.35
C ARG A 86 -8.27 0.81 -14.53
O23 PNS B . 13.38 16.46 1.96
P24 PNS B . 14.11 15.35 1.27
O26 PNS B . 15.42 14.92 1.79
O27 PNS B . 14.27 15.70 -0.28
C28 PNS B . 14.12 17.03 -0.75
C29 PNS B . 14.36 17.13 -2.27
C30 PNS B . 15.78 16.63 -2.61
C31 PNS B . 13.35 16.22 -3.01
C32 PNS B . 14.18 18.61 -2.76
O33 PNS B . 12.85 19.07 -2.46
C34 PNS B . 15.26 19.61 -2.20
O35 PNS B . 15.18 20.05 -1.05
N36 PNS B . 16.29 20.04 -2.95
C37 PNS B . 16.64 19.72 -4.34
C38 PNS B . 18.02 19.05 -4.38
C39 PNS B . 19.20 19.95 -3.99
O40 PNS B . 19.03 21.13 -3.66
N41 PNS B . 20.41 19.38 -4.02
C42 PNS B . 21.65 20.02 -3.63
C43 PNS B . 22.05 19.62 -2.20
S44 PNS B . 22.35 17.83 -2.10
H282 PNS B . 14.84 17.66 -0.23
H281 PNS B . 13.12 17.37 -0.51
H303 PNS B . 16.54 17.18 -2.06
H302 PNS B . 15.88 15.57 -2.37
H301 PNS B . 15.96 16.74 -3.68
H313 PNS B . 13.50 15.18 -2.76
H312 PNS B . 12.33 16.49 -2.73
H311 PNS B . 13.46 16.34 -4.10
H32 PNS B . 14.25 18.61 -3.85
H33 PNS B . 12.74 19.99 -2.77
H36 PNS B . 16.90 20.69 -2.48
H372 PNS B . 15.92 19.06 -4.81
H371 PNS B . 16.68 20.64 -4.92
H382 PNS B . 18.02 18.18 -3.73
H381 PNS B . 18.20 18.69 -5.39
H41 PNS B . 20.45 18.41 -4.27
H422 PNS B . 22.45 19.72 -4.32
H421 PNS B . 21.57 21.11 -3.69
H431 PNS B . 22.95 20.15 -1.92
H432 PNS B . 21.25 19.91 -1.52
H44 PNS B . 22.66 17.81 -0.79
N GLY A 1 -17.26 6.99 6.96
CA GLY A 1 -16.82 5.61 6.65
C GLY A 1 -17.44 5.07 5.35
N PRO A 2 -16.95 3.93 4.83
CA PRO A 2 -17.42 3.33 3.57
C PRO A 2 -18.81 2.67 3.68
N GLY A 3 -19.29 2.35 4.88
CA GLY A 3 -20.54 1.62 5.12
C GLY A 3 -20.45 0.14 4.74
N SER A 4 -21.60 -0.48 4.47
CA SER A 4 -21.72 -1.88 4.01
C SER A 4 -21.13 -2.09 2.61
N ALA A 5 -20.67 -3.31 2.32
CA ALA A 5 -19.99 -3.69 1.08
C ALA A 5 -20.68 -4.84 0.35
N ALA A 6 -20.36 -5.00 -0.95
CA ALA A 6 -20.88 -6.06 -1.83
C ALA A 6 -20.27 -7.46 -1.61
N ALA A 7 -19.44 -7.63 -0.58
CA ALA A 7 -18.75 -8.87 -0.19
C ALA A 7 -17.79 -9.46 -1.26
N ASP A 8 -17.34 -8.64 -2.23
CA ASP A 8 -16.32 -8.97 -3.25
C ASP A 8 -14.89 -8.55 -2.82
N ASP A 9 -14.59 -8.62 -1.52
CA ASP A 9 -13.32 -8.18 -0.92
C ASP A 9 -12.08 -9.02 -1.31
N GLY A 10 -12.22 -10.07 -2.12
CA GLY A 10 -11.11 -10.84 -2.68
C GLY A 10 -10.16 -10.00 -3.54
N ARG A 11 -10.66 -8.90 -4.15
CA ARG A 11 -9.85 -7.89 -4.87
C ARG A 11 -8.80 -7.26 -3.94
N ARG A 12 -9.26 -6.80 -2.77
CA ARG A 12 -8.47 -6.15 -1.72
C ARG A 12 -7.50 -7.13 -1.02
N ALA A 13 -7.94 -8.38 -0.81
CA ALA A 13 -7.13 -9.45 -0.23
C ALA A 13 -5.93 -9.84 -1.11
N GLU A 14 -6.13 -9.94 -2.43
CA GLU A 14 -5.05 -10.13 -3.42
C GLU A 14 -4.12 -8.91 -3.49
N LEU A 15 -4.66 -7.70 -3.43
CA LEU A 15 -3.93 -6.45 -3.59
C LEU A 15 -3.03 -6.09 -2.39
N ALA A 16 -3.48 -6.33 -1.15
CA ALA A 16 -2.74 -5.98 0.06
C ALA A 16 -1.36 -6.66 0.17
N ASP A 17 -1.24 -7.91 -0.30
CA ASP A 17 0.04 -8.64 -0.36
C ASP A 17 1.02 -7.98 -1.36
N ARG A 18 0.49 -7.53 -2.51
CA ARG A 18 1.26 -6.89 -3.60
C ARG A 18 1.74 -5.50 -3.18
N VAL A 19 0.90 -4.75 -2.46
CA VAL A 19 1.24 -3.46 -1.84
C VAL A 19 2.34 -3.64 -0.79
N SER A 20 2.14 -4.49 0.22
CA SER A 20 3.08 -4.64 1.35
C SER A 20 4.44 -5.21 0.93
N ARG A 21 4.50 -6.13 -0.06
CA ARG A 21 5.79 -6.59 -0.64
C ARG A 21 6.50 -5.53 -1.47
N THR A 22 5.75 -4.69 -2.20
CA THR A 22 6.34 -3.54 -2.93
C THR A 22 6.91 -2.49 -1.97
N VAL A 23 6.20 -2.22 -0.85
CA VAL A 23 6.68 -1.37 0.24
C VAL A 23 7.95 -1.94 0.88
N ALA A 24 7.96 -3.23 1.25
CA ALA A 24 9.10 -3.92 1.83
C ALA A 24 10.36 -3.84 0.93
N ASP A 25 10.19 -4.14 -0.36
CA ASP A 25 11.27 -4.08 -1.36
C ASP A 25 11.82 -2.66 -1.58
N THR A 26 10.96 -1.64 -1.51
CA THR A 26 11.36 -0.23 -1.67
C THR A 26 12.15 0.28 -0.47
N ILE A 27 11.68 0.05 0.76
CA ILE A 27 12.33 0.55 2.00
C ILE A 27 13.46 -0.37 2.51
N GLY A 28 13.61 -1.57 1.95
CA GLY A 28 14.69 -2.52 2.23
C GLY A 28 14.47 -3.44 3.46
N ARG A 29 13.31 -3.36 4.12
CA ARG A 29 12.93 -4.25 5.25
C ARG A 29 12.48 -5.65 4.77
N PRO A 30 12.52 -6.68 5.65
CA PRO A 30 11.81 -7.93 5.43
C PRO A 30 10.28 -7.70 5.41
N ALA A 31 9.55 -8.47 4.62
CA ALA A 31 8.10 -8.31 4.42
C ALA A 31 7.29 -8.50 5.73
N GLY A 32 7.80 -9.28 6.69
CA GLY A 32 7.19 -9.49 8.01
C GLY A 32 7.12 -8.24 8.91
N SER A 33 7.89 -7.18 8.60
CA SER A 33 7.77 -5.87 9.27
C SER A 33 6.52 -5.10 8.84
N ILE A 34 6.02 -5.36 7.62
CA ILE A 34 4.98 -4.58 6.95
C ILE A 34 3.59 -5.22 7.14
N GLY A 35 2.55 -4.39 7.28
CA GLY A 35 1.14 -4.77 7.33
C GLY A 35 0.20 -3.58 7.14
N GLY A 36 -1.10 -3.85 7.04
CA GLY A 36 -2.12 -2.82 6.76
C GLY A 36 -2.13 -1.67 7.76
N HIS A 37 -2.13 -1.99 9.06
CA HIS A 37 -2.13 -1.01 10.16
C HIS A 37 -0.73 -0.52 10.59
N THR A 38 0.33 -0.89 9.87
CA THR A 38 1.67 -0.30 10.05
C THR A 38 1.66 1.17 9.58
N SER A 39 1.92 2.10 10.51
CA SER A 39 1.94 3.54 10.20
C SER A 39 3.08 3.90 9.23
N LEU A 40 2.85 4.90 8.38
CA LEU A 40 3.89 5.47 7.51
C LEU A 40 5.02 6.13 8.32
N GLU A 41 4.75 6.55 9.56
CA GLU A 41 5.77 7.01 10.52
C GLU A 41 6.62 5.85 11.07
N SER A 42 6.03 4.69 11.35
CA SER A 42 6.72 3.48 11.82
C SER A 42 7.66 2.86 10.78
N MET A 43 7.40 3.11 9.49
CA MET A 43 8.29 2.75 8.38
C MET A 43 9.39 3.78 8.08
N GLY A 44 9.41 4.91 8.82
CA GLY A 44 10.48 5.92 8.74
C GLY A 44 10.55 6.67 7.41
N LEU A 45 9.42 6.83 6.71
CA LEU A 45 9.37 7.43 5.37
C LEU A 45 9.76 8.93 5.36
N ASP A 46 10.25 9.39 4.22
CA ASP A 46 10.57 10.79 3.89
C ASP A 46 10.21 11.05 2.41
N SER A 47 10.43 12.28 1.91
CA SER A 47 10.17 12.65 0.51
C SER A 47 10.77 11.68 -0.53
N VAL A 48 12.02 11.28 -0.37
CA VAL A 48 12.72 10.38 -1.31
C VAL A 48 12.09 8.98 -1.32
N MET A 49 11.78 8.41 -0.15
CA MET A 49 11.05 7.13 -0.05
C MET A 49 9.61 7.25 -0.58
N ILE A 50 8.92 8.37 -0.35
CA ILE A 50 7.57 8.64 -0.87
C ILE A 50 7.57 8.75 -2.41
N ARG A 51 8.52 9.47 -3.01
CA ARG A 51 8.72 9.52 -4.47
C ARG A 51 9.01 8.13 -5.06
N ALA A 52 9.85 7.34 -4.39
CA ALA A 52 10.14 5.96 -4.78
C ALA A 52 8.90 5.06 -4.69
N LEU A 53 8.17 5.07 -3.56
CA LEU A 53 6.95 4.27 -3.36
C LEU A 53 5.85 4.61 -4.38
N ALA A 54 5.62 5.89 -4.65
CA ALA A 54 4.65 6.33 -5.65
C ALA A 54 4.99 5.80 -7.04
N SER A 55 6.27 5.84 -7.43
CA SER A 55 6.77 5.30 -8.72
C SER A 55 6.67 3.77 -8.79
N ARG A 56 7.13 3.05 -7.76
CA ARG A 56 7.13 1.58 -7.69
C ARG A 56 5.73 0.99 -7.66
N LEU A 57 4.81 1.57 -6.88
CA LEU A 57 3.39 1.17 -6.86
C LEU A 57 2.74 1.45 -8.22
N SER A 58 2.96 2.62 -8.82
CA SER A 58 2.40 2.95 -10.14
C SER A 58 2.86 1.98 -11.25
N ALA A 59 4.13 1.58 -11.23
CA ALA A 59 4.73 0.69 -12.23
C ALA A 59 4.33 -0.79 -12.08
N GLU A 60 3.98 -1.27 -10.89
CA GLU A 60 3.91 -2.72 -10.55
C GLU A 60 2.64 -3.16 -9.80
N VAL A 61 1.81 -2.21 -9.33
CA VAL A 61 0.62 -2.46 -8.50
C VAL A 61 -0.58 -1.65 -9.03
N ALA A 62 -0.64 -0.35 -8.74
CA ALA A 62 -1.64 0.61 -9.21
C ALA A 62 -1.17 2.08 -8.96
N PRO A 63 -1.62 3.07 -9.76
CA PRO A 63 -1.15 4.46 -9.67
C PRO A 63 -1.54 5.16 -8.37
N VAL A 64 -0.61 5.94 -7.81
CA VAL A 64 -0.79 6.82 -6.65
C VAL A 64 0.20 7.99 -6.70
N GLY A 65 -0.24 9.19 -6.32
CA GLY A 65 0.62 10.38 -6.24
C GLY A 65 1.43 10.44 -4.93
N PRO A 66 2.66 10.99 -4.93
CA PRO A 66 3.47 11.14 -3.71
C PRO A 66 2.80 12.03 -2.65
N GLU A 67 2.00 13.02 -3.07
CA GLU A 67 1.20 13.89 -2.19
C GLU A 67 0.19 13.10 -1.35
N MET A 68 -0.37 12.00 -1.88
CA MET A 68 -1.29 11.13 -1.15
C MET A 68 -0.56 10.37 -0.03
N LEU A 69 0.69 9.96 -0.25
CA LEU A 69 1.50 9.23 0.74
C LEU A 69 1.98 10.11 1.92
N PHE A 70 1.91 11.44 1.81
CA PHE A 70 2.01 12.36 2.95
C PHE A 70 0.69 12.46 3.75
N GLY A 71 -0.47 12.38 3.07
CA GLY A 71 -1.80 12.53 3.69
C GLY A 71 -2.33 11.27 4.38
N LEU A 72 -2.10 10.09 3.80
CA LEU A 72 -2.50 8.78 4.33
C LEU A 72 -1.70 8.41 5.61
N ARG A 73 -2.34 7.72 6.55
CA ARG A 73 -1.74 7.33 7.84
C ARG A 73 -1.07 5.94 7.80
N ASP A 74 -1.61 5.01 7.02
CA ASP A 74 -1.14 3.61 6.93
C ASP A 74 -1.48 2.97 5.56
N LEU A 75 -1.13 1.70 5.38
CA LEU A 75 -1.38 0.95 4.13
C LEU A 75 -2.84 0.47 3.97
N ASP A 76 -3.59 0.30 5.07
CA ASP A 76 -5.01 -0.05 5.06
C ASP A 76 -5.89 1.07 4.47
N GLU A 77 -5.53 2.34 4.70
CA GLU A 77 -6.13 3.49 3.99
C GLU A 77 -5.71 3.57 2.51
N LEU A 78 -4.46 3.21 2.20
CA LEU A 78 -3.93 3.25 0.82
C LEU A 78 -4.56 2.16 -0.08
N VAL A 79 -4.70 0.92 0.41
CA VAL A 79 -5.25 -0.18 -0.41
C VAL A 79 -6.71 0.10 -0.83
N ASP A 80 -7.46 0.88 -0.05
CA ASP A 80 -8.77 1.42 -0.46
C ASP A 80 -8.69 2.38 -1.65
N HIS A 81 -7.61 3.17 -1.83
CA HIS A 81 -7.42 3.97 -3.04
C HIS A 81 -7.06 3.07 -4.23
N LEU A 82 -6.11 2.16 -4.03
CA LEU A 82 -5.54 1.31 -5.08
C LEU A 82 -6.55 0.29 -5.64
N VAL A 83 -7.45 -0.27 -4.80
CA VAL A 83 -8.50 -1.21 -5.25
C VAL A 83 -9.64 -0.50 -6.02
N ALA A 84 -9.97 0.74 -5.63
CA ALA A 84 -11.00 1.57 -6.27
C ALA A 84 -10.51 2.28 -7.55
N ALA A 85 -9.19 2.47 -7.71
CA ALA A 85 -8.55 3.26 -8.76
C ALA A 85 -9.11 4.71 -8.86
N ARG A 86 -9.40 5.32 -7.70
CA ARG A 86 -10.10 6.62 -7.54
C ARG A 86 -9.46 7.47 -6.44
O23 PNS B . 9.54 16.76 -0.40
P24 PNS B . 10.26 16.57 0.88
O26 PNS B . 9.73 17.24 2.09
O27 PNS B . 11.78 17.07 0.69
C28 PNS B . 12.55 16.66 -0.43
C29 PNS B . 13.81 17.54 -0.66
C30 PNS B . 13.37 18.97 -1.04
C31 PNS B . 14.62 17.65 0.65
C32 PNS B . 14.68 16.91 -1.77
O33 PNS B . 15.24 15.66 -1.34
C34 PNS B . 13.94 16.77 -3.14
O35 PNS B . 13.30 15.75 -3.43
N36 PNS B . 14.05 17.78 -4.01
C37 PNS B . 13.44 17.83 -5.34
C38 PNS B . 14.24 18.77 -6.25
C39 PNS B . 14.12 20.23 -5.82
O40 PNS B . 13.13 20.88 -6.12
N41 PNS B . 15.13 20.73 -5.11
C42 PNS B . 15.18 22.08 -4.56
C43 PNS B . 16.06 22.98 -5.43
S44 PNS B . 17.79 22.41 -5.38
H282 PNS B . 11.94 16.70 -1.34
H281 PNS B . 12.88 15.63 -0.29
H303 PNS B . 12.72 18.95 -1.91
H302 PNS B . 12.81 19.43 -0.22
H301 PNS B . 14.24 19.58 -1.25
H313 PNS B . 14.86 16.65 1.05
H312 PNS B . 15.55 18.19 0.47
H311 PNS B . 14.05 18.19 1.42
H32 PNS B . 15.52 17.59 -1.96
H33 PNS B . 15.77 15.27 -2.08
H36 PNS B . 14.56 18.60 -3.71
H372 PNS B . 13.44 16.83 -5.77
H371 PNS B . 12.41 18.17 -5.26
H382 PNS B . 15.28 18.47 -6.26
H381 PNS B . 13.86 18.70 -7.27
H41 PNS B . 15.93 20.14 -4.95
H422 PNS B . 14.18 22.53 -4.52
H421 PNS B . 15.60 22.05 -3.55
H431 PNS B . 15.70 22.96 -6.47
H432 PNS B . 16.00 24.01 -5.07
H44 PNS B . 18.29 23.38 -6.18
N GLY A 1 -24.81 4.28 2.22
CA GLY A 1 -25.21 3.77 0.89
C GLY A 1 -24.82 2.30 0.71
N PRO A 2 -25.50 1.57 -0.20
CA PRO A 2 -25.22 0.15 -0.48
C PRO A 2 -23.84 -0.09 -1.09
N GLY A 3 -23.30 -1.30 -0.90
CA GLY A 3 -21.97 -1.71 -1.38
C GLY A 3 -20.78 -1.19 -0.56
N SER A 4 -21.03 -0.46 0.53
CA SER A 4 -19.98 0.07 1.42
C SER A 4 -19.17 -1.05 2.09
N ALA A 5 -17.84 -0.90 2.08
CA ALA A 5 -16.85 -1.84 2.63
C ALA A 5 -16.90 -3.29 2.08
N ALA A 6 -17.58 -3.54 0.95
CA ALA A 6 -17.77 -4.87 0.38
C ALA A 6 -16.45 -5.56 -0.04
N ALA A 7 -15.42 -4.79 -0.37
CA ALA A 7 -14.08 -5.28 -0.75
C ALA A 7 -13.27 -5.91 0.40
N ASP A 8 -13.79 -5.91 1.64
CA ASP A 8 -13.30 -6.74 2.75
C ASP A 8 -13.58 -8.25 2.57
N ASP A 9 -14.32 -8.63 1.53
CA ASP A 9 -14.55 -10.04 1.12
C ASP A 9 -13.27 -10.79 0.69
N GLY A 10 -12.17 -10.06 0.46
CA GLY A 10 -10.84 -10.59 0.11
C GLY A 10 -10.06 -9.69 -0.85
N ARG A 11 -10.74 -8.80 -1.59
CA ARG A 11 -10.13 -7.89 -2.57
C ARG A 11 -9.08 -6.95 -1.96
N ARG A 12 -9.40 -6.30 -0.82
CA ARG A 12 -8.45 -5.42 -0.10
C ARG A 12 -7.26 -6.19 0.47
N ALA A 13 -7.45 -7.42 0.95
CA ALA A 13 -6.35 -8.28 1.43
C ALA A 13 -5.41 -8.70 0.28
N GLU A 14 -5.95 -9.11 -0.87
CA GLU A 14 -5.18 -9.47 -2.06
C GLU A 14 -4.41 -8.28 -2.66
N LEU A 15 -4.99 -7.07 -2.67
CA LEU A 15 -4.29 -5.84 -3.06
C LEU A 15 -3.21 -5.44 -2.03
N ALA A 16 -3.48 -5.57 -0.73
CA ALA A 16 -2.48 -5.30 0.31
C ALA A 16 -1.25 -6.23 0.20
N ASP A 17 -1.45 -7.49 -0.21
CA ASP A 17 -0.39 -8.47 -0.49
C ASP A 17 0.46 -8.16 -1.75
N ARG A 18 0.05 -7.19 -2.59
CA ARG A 18 0.90 -6.58 -3.64
C ARG A 18 1.69 -5.40 -3.09
N VAL A 19 1.02 -4.51 -2.35
CA VAL A 19 1.60 -3.29 -1.76
C VAL A 19 2.72 -3.61 -0.77
N SER A 20 2.52 -4.63 0.10
CA SER A 20 3.45 -4.99 1.16
C SER A 20 4.84 -5.37 0.63
N ARG A 21 4.90 -6.06 -0.52
CA ARG A 21 6.13 -6.46 -1.21
C ARG A 21 6.91 -5.26 -1.78
N THR A 22 6.20 -4.22 -2.20
CA THR A 22 6.80 -3.00 -2.77
C THR A 22 7.43 -2.16 -1.66
N VAL A 23 6.70 -1.91 -0.57
CA VAL A 23 7.26 -1.16 0.56
C VAL A 23 8.40 -1.91 1.25
N ALA A 24 8.30 -3.24 1.43
CA ALA A 24 9.37 -4.08 1.97
C ALA A 24 10.69 -3.93 1.17
N ASP A 25 10.63 -4.13 -0.15
CA ASP A 25 11.79 -4.01 -1.05
C ASP A 25 12.34 -2.56 -1.10
N THR A 26 11.48 -1.55 -1.08
CA THR A 26 11.87 -0.14 -1.20
C THR A 26 12.58 0.37 0.07
N ILE A 27 12.03 0.10 1.26
CA ILE A 27 12.59 0.60 2.54
C ILE A 27 13.70 -0.29 3.14
N GLY A 28 13.91 -1.50 2.58
CA GLY A 28 14.92 -2.44 3.07
C GLY A 28 14.50 -3.22 4.33
N ARG A 29 13.28 -3.73 4.36
CA ARG A 29 12.73 -4.61 5.41
C ARG A 29 12.21 -5.93 4.81
N PRO A 30 12.22 -7.05 5.55
CA PRO A 30 11.64 -8.31 5.09
C PRO A 30 10.11 -8.24 5.04
N ALA A 31 9.50 -9.05 4.18
CA ALA A 31 8.04 -9.06 3.97
C ALA A 31 7.23 -9.47 5.23
N GLY A 32 7.87 -10.17 6.19
CA GLY A 32 7.28 -10.54 7.48
C GLY A 32 7.12 -9.39 8.48
N SER A 33 7.92 -8.32 8.36
CA SER A 33 7.81 -7.10 9.19
C SER A 33 6.65 -6.19 8.77
N ILE A 34 6.31 -6.20 7.48
CA ILE A 34 5.20 -5.43 6.90
C ILE A 34 3.87 -6.19 7.05
N GLY A 35 2.79 -5.47 7.36
CA GLY A 35 1.41 -5.91 7.28
C GLY A 35 0.47 -4.79 6.82
N GLY A 36 -0.80 -5.11 6.52
CA GLY A 36 -1.77 -4.13 6.01
C GLY A 36 -2.09 -2.97 6.97
N HIS A 37 -1.76 -3.11 8.27
CA HIS A 37 -1.95 -2.08 9.31
C HIS A 37 -0.64 -1.40 9.77
N THR A 38 0.48 -1.61 9.06
CA THR A 38 1.77 -0.97 9.37
C THR A 38 1.76 0.52 9.01
N SER A 39 1.88 1.40 10.01
CA SER A 39 1.83 2.86 9.85
C SER A 39 2.96 3.42 8.99
N LEU A 40 2.61 4.35 8.10
CA LEU A 40 3.53 5.10 7.24
C LEU A 40 4.40 6.08 8.06
N GLU A 41 3.90 6.58 9.20
CA GLU A 41 4.70 7.38 10.15
C GLU A 41 5.65 6.50 10.96
N SER A 42 5.21 5.30 11.39
CA SER A 42 6.02 4.37 12.19
C SER A 42 7.20 3.79 11.40
N MET A 43 7.06 3.64 10.08
CA MET A 43 8.15 3.25 9.17
C MET A 43 9.21 4.36 8.94
N GLY A 44 9.01 5.57 9.47
CA GLY A 44 10.01 6.65 9.43
C GLY A 44 10.30 7.20 8.02
N LEU A 45 9.28 7.18 7.15
CA LEU A 45 9.37 7.61 5.75
C LEU A 45 9.68 9.12 5.60
N ASP A 46 10.20 9.50 4.44
CA ASP A 46 10.40 10.89 4.00
C ASP A 46 9.96 11.07 2.54
N SER A 47 9.93 12.31 2.04
CA SER A 47 9.52 12.62 0.65
C SER A 47 10.31 11.84 -0.41
N VAL A 48 11.62 11.73 -0.27
CA VAL A 48 12.52 10.97 -1.17
C VAL A 48 12.08 9.50 -1.28
N MET A 49 11.85 8.83 -0.15
CA MET A 49 11.39 7.44 -0.12
C MET A 49 9.94 7.30 -0.61
N ILE A 50 9.06 8.27 -0.30
CA ILE A 50 7.66 8.29 -0.76
C ILE A 50 7.55 8.45 -2.28
N ARG A 51 8.41 9.24 -2.94
CA ARG A 51 8.49 9.26 -4.42
C ARG A 51 8.85 7.89 -5.00
N ALA A 52 9.78 7.17 -4.39
CA ALA A 52 10.14 5.81 -4.80
C ALA A 52 8.98 4.81 -4.60
N LEU A 53 8.28 4.87 -3.47
CA LEU A 53 7.08 4.05 -3.19
C LEU A 53 5.96 4.32 -4.20
N ALA A 54 5.62 5.58 -4.43
CA ALA A 54 4.60 5.98 -5.41
C ALA A 54 4.95 5.56 -6.84
N SER A 55 6.22 5.71 -7.25
CA SER A 55 6.73 5.27 -8.55
C SER A 55 6.64 3.75 -8.73
N ARG A 56 7.06 2.95 -7.72
CA ARG A 56 6.94 1.49 -7.72
C ARG A 56 5.50 0.99 -7.82
N LEU A 57 4.58 1.59 -7.05
CA LEU A 57 3.15 1.27 -7.13
C LEU A 57 2.59 1.62 -8.53
N SER A 58 2.89 2.81 -9.05
CA SER A 58 2.43 3.27 -10.38
C SER A 58 2.92 2.38 -11.53
N ALA A 59 4.15 1.87 -11.44
CA ALA A 59 4.77 1.05 -12.47
C ALA A 59 4.20 -0.39 -12.60
N GLU A 60 3.58 -0.95 -11.55
CA GLU A 60 3.21 -2.38 -11.49
C GLU A 60 1.86 -2.70 -10.83
N VAL A 61 1.48 -1.97 -9.77
CA VAL A 61 0.26 -2.25 -8.98
C VAL A 61 -0.94 -1.46 -9.52
N ALA A 62 -0.90 -0.13 -9.41
CA ALA A 62 -1.93 0.82 -9.85
C ALA A 62 -1.37 2.26 -9.77
N PRO A 63 -1.87 3.22 -10.58
CA PRO A 63 -1.39 4.61 -10.56
C PRO A 63 -1.58 5.29 -9.19
N VAL A 64 -0.47 5.78 -8.62
CA VAL A 64 -0.38 6.44 -7.31
C VAL A 64 0.62 7.61 -7.40
N GLY A 65 0.24 8.78 -6.88
CA GLY A 65 1.11 9.95 -6.72
C GLY A 65 1.66 10.07 -5.29
N PRO A 66 2.86 10.67 -5.09
CA PRO A 66 3.45 10.83 -3.76
C PRO A 66 2.62 11.74 -2.84
N GLU A 67 1.81 12.64 -3.40
CA GLU A 67 0.88 13.51 -2.66
C GLU A 67 -0.20 12.73 -1.89
N MET A 68 -0.53 11.50 -2.30
CA MET A 68 -1.39 10.58 -1.52
C MET A 68 -0.68 10.14 -0.23
N LEU A 69 0.53 9.61 -0.36
CA LEU A 69 1.34 9.07 0.74
C LEU A 69 1.86 10.16 1.71
N PHE A 70 1.93 11.43 1.28
CA PHE A 70 2.18 12.57 2.18
C PHE A 70 1.02 12.79 3.18
N GLY A 71 -0.23 12.52 2.78
CA GLY A 71 -1.42 12.69 3.61
C GLY A 71 -1.87 11.44 4.37
N LEU A 72 -1.79 10.27 3.71
CA LEU A 72 -2.17 8.96 4.29
C LEU A 72 -1.23 8.55 5.44
N ARG A 73 -1.79 7.85 6.44
CA ARG A 73 -1.09 7.38 7.64
C ARG A 73 -0.89 5.86 7.72
N ASP A 74 -1.60 5.08 6.91
CA ASP A 74 -1.59 3.61 6.95
C ASP A 74 -1.83 2.98 5.57
N LEU A 75 -1.29 1.78 5.34
CA LEU A 75 -1.50 0.98 4.13
C LEU A 75 -2.98 0.54 4.00
N ASP A 76 -3.67 0.35 5.12
CA ASP A 76 -5.12 0.13 5.23
C ASP A 76 -5.94 1.27 4.57
N GLU A 77 -5.54 2.52 4.77
CA GLU A 77 -6.17 3.70 4.16
C GLU A 77 -5.81 3.84 2.66
N LEU A 78 -4.58 3.46 2.27
CA LEU A 78 -4.15 3.45 0.86
C LEU A 78 -4.88 2.39 0.04
N VAL A 79 -4.99 1.14 0.51
CA VAL A 79 -5.52 0.03 -0.28
C VAL A 79 -7.00 0.21 -0.64
N ASP A 80 -7.76 0.96 0.17
CA ASP A 80 -9.12 1.41 -0.18
C ASP A 80 -9.15 2.32 -1.43
N HIS A 81 -8.09 3.08 -1.72
CA HIS A 81 -7.97 3.83 -2.99
C HIS A 81 -7.63 2.92 -4.17
N LEU A 82 -6.84 1.85 -3.94
CA LEU A 82 -6.43 0.90 -4.99
C LEU A 82 -7.59 0.04 -5.51
N VAL A 83 -8.61 -0.24 -4.67
CA VAL A 83 -9.88 -0.84 -5.13
C VAL A 83 -10.58 0.05 -6.16
N ALA A 84 -10.61 1.38 -5.92
CA ALA A 84 -11.22 2.38 -6.79
C ALA A 84 -10.39 2.77 -8.03
N ALA A 85 -9.14 2.30 -8.13
CA ALA A 85 -8.19 2.64 -9.21
C ALA A 85 -8.45 1.96 -10.57
N ARG A 86 -9.60 1.27 -10.73
CA ARG A 86 -10.04 0.59 -11.96
C ARG A 86 -11.55 0.70 -12.20
O23 PNS B . 11.67 16.04 -1.11
P24 PNS B . 11.35 16.08 0.34
O26 PNS B . 10.35 17.03 0.85
O27 PNS B . 12.72 16.23 1.16
C28 PNS B . 12.68 16.71 2.50
C29 PNS B . 14.01 16.44 3.25
C30 PNS B . 14.15 14.92 3.47
C31 PNS B . 15.22 16.91 2.42
C32 PNS B . 13.99 17.18 4.62
O33 PNS B . 14.06 18.60 4.42
C34 PNS B . 12.80 16.78 5.54
O35 PNS B . 11.70 17.32 5.43
N36 PNS B . 13.03 15.83 6.46
C37 PNS B . 12.02 15.34 7.40
C38 PNS B . 11.41 14.04 6.86
C39 PNS B . 10.24 13.59 7.72
O40 PNS B . 10.43 12.93 8.74
N41 PNS B . 9.02 13.97 7.33
C42 PNS B . 7.78 13.68 8.04
C43 PNS B . 7.18 12.37 7.53
S44 PNS B . 5.60 12.06 8.37
H282 PNS B . 11.87 16.21 3.03
H281 PNS B . 12.49 17.79 2.47
H303 PNS B . 15.04 14.69 4.05
H302 PNS B . 13.27 14.52 4.00
H301 PNS B . 14.23 14.41 2.51
H313 PNS B . 15.11 17.96 2.13
H312 PNS B . 16.13 16.79 3.00
H311 PNS B . 15.31 16.31 1.51
H32 PNS B . 14.91 16.88 5.16
H33 PNS B . 14.02 19.05 5.29
H36 PNS B . 13.95 15.42 6.50
H372 PNS B . 12.48 15.13 8.37
H371 PNS B . 11.24 16.08 7.54
H382 PNS B . 11.06 14.20 5.84
H381 PNS B . 12.16 13.25 6.84
H41 PNS B . 8.97 14.53 6.50
H422 PNS B . 7.96 13.60 9.11
H421 PNS B . 7.07 14.48 7.86
H431 PNS B . 7.03 12.43 6.46
H432 PNS B . 7.88 11.54 7.74
H44 PNS B . 6.08 12.08 9.61
N GLY A 1 -28.12 -8.95 0.19
CA GLY A 1 -27.51 -9.06 -1.15
C GLY A 1 -26.59 -10.26 -1.26
N PRO A 2 -25.70 -10.30 -2.28
CA PRO A 2 -24.82 -11.44 -2.55
C PRO A 2 -23.79 -11.76 -1.45
N GLY A 3 -23.36 -10.76 -0.68
CA GLY A 3 -22.36 -10.93 0.40
C GLY A 3 -21.02 -11.47 -0.12
N SER A 4 -20.56 -12.58 0.46
CA SER A 4 -19.30 -13.26 0.12
C SER A 4 -19.17 -13.62 -1.37
N ALA A 5 -20.30 -13.89 -2.05
CA ALA A 5 -20.34 -14.25 -3.47
C ALA A 5 -19.86 -13.11 -4.42
N ALA A 6 -19.80 -11.86 -3.96
CA ALA A 6 -19.24 -10.73 -4.72
C ALA A 6 -17.69 -10.77 -4.85
N ALA A 7 -17.00 -11.46 -3.93
CA ALA A 7 -15.55 -11.70 -3.89
C ALA A 7 -14.66 -10.43 -3.92
N ASP A 8 -15.19 -9.25 -3.57
CA ASP A 8 -14.45 -7.98 -3.56
C ASP A 8 -13.41 -7.91 -2.42
N ASP A 9 -13.60 -8.66 -1.34
CA ASP A 9 -12.61 -8.89 -0.28
C ASP A 9 -11.39 -9.69 -0.78
N GLY A 10 -11.57 -10.56 -1.78
CA GLY A 10 -10.49 -11.25 -2.49
C GLY A 10 -9.63 -10.29 -3.30
N ARG A 11 -10.23 -9.30 -3.97
CA ARG A 11 -9.53 -8.21 -4.66
C ARG A 11 -8.76 -7.33 -3.69
N ARG A 12 -9.37 -7.00 -2.54
CA ARG A 12 -8.71 -6.23 -1.46
C ARG A 12 -7.49 -6.94 -0.89
N ALA A 13 -7.58 -8.24 -0.63
CA ALA A 13 -6.47 -9.08 -0.18
C ALA A 13 -5.34 -9.17 -1.23
N GLU A 14 -5.69 -9.32 -2.52
CA GLU A 14 -4.72 -9.37 -3.63
C GLU A 14 -3.92 -8.06 -3.75
N LEU A 15 -4.59 -6.91 -3.69
CA LEU A 15 -3.93 -5.59 -3.68
C LEU A 15 -3.12 -5.36 -2.40
N ALA A 16 -3.60 -5.79 -1.22
CA ALA A 16 -2.89 -5.62 0.06
C ALA A 16 -1.56 -6.39 0.12
N ASP A 17 -1.50 -7.61 -0.42
CA ASP A 17 -0.25 -8.37 -0.56
C ASP A 17 0.73 -7.68 -1.54
N ARG A 18 0.23 -7.14 -2.66
CA ARG A 18 1.04 -6.43 -3.67
C ARG A 18 1.60 -5.11 -3.12
N VAL A 19 0.78 -4.36 -2.35
CA VAL A 19 1.23 -3.18 -1.58
C VAL A 19 2.33 -3.58 -0.60
N SER A 20 2.09 -4.57 0.27
CA SER A 20 3.02 -4.94 1.35
C SER A 20 4.38 -5.41 0.81
N ARG A 21 4.42 -6.24 -0.24
CA ARG A 21 5.68 -6.72 -0.86
C ARG A 21 6.40 -5.64 -1.66
N THR A 22 5.69 -4.65 -2.21
CA THR A 22 6.29 -3.50 -2.91
C THR A 22 6.91 -2.52 -1.90
N VAL A 23 6.20 -2.22 -0.81
CA VAL A 23 6.70 -1.43 0.32
C VAL A 23 7.95 -2.08 0.94
N ALA A 24 7.89 -3.39 1.22
CA ALA A 24 9.02 -4.14 1.77
C ALA A 24 10.28 -4.05 0.89
N ASP A 25 10.13 -4.27 -0.42
CA ASP A 25 11.24 -4.16 -1.38
C ASP A 25 11.78 -2.73 -1.54
N THR A 26 10.92 -1.72 -1.36
CA THR A 26 11.31 -0.28 -1.45
C THR A 26 12.12 0.18 -0.23
N ILE A 27 11.64 -0.11 0.99
CA ILE A 27 12.30 0.31 2.24
C ILE A 27 13.38 -0.67 2.74
N GLY A 28 13.48 -1.86 2.14
CA GLY A 28 14.52 -2.87 2.41
C GLY A 28 14.26 -3.80 3.62
N ARG A 29 13.08 -3.73 4.24
CA ARG A 29 12.67 -4.62 5.35
C ARG A 29 12.12 -5.97 4.84
N PRO A 30 12.12 -7.04 5.66
CA PRO A 30 11.40 -8.28 5.36
C PRO A 30 9.90 -8.05 5.15
N ALA A 31 9.28 -8.82 4.25
CA ALA A 31 7.84 -8.70 3.93
C ALA A 31 6.92 -9.02 5.12
N GLY A 32 7.34 -9.90 6.03
CA GLY A 32 6.62 -10.23 7.27
C GLY A 32 6.56 -9.08 8.30
N SER A 33 7.43 -8.07 8.17
CA SER A 33 7.42 -6.85 9.01
C SER A 33 6.41 -5.78 8.55
N ILE A 34 5.79 -5.96 7.38
CA ILE A 34 4.87 -5.00 6.73
C ILE A 34 3.42 -5.54 6.76
N GLY A 35 2.45 -4.64 6.92
CA GLY A 35 1.01 -4.95 6.89
C GLY A 35 0.13 -3.70 6.97
N GLY A 36 -1.18 -3.87 6.81
CA GLY A 36 -2.14 -2.76 6.63
C GLY A 36 -2.04 -1.64 7.67
N HIS A 37 -2.01 -1.98 8.97
CA HIS A 37 -1.93 -1.02 10.08
C HIS A 37 -0.52 -0.48 10.39
N THR A 38 0.50 -0.83 9.60
CA THR A 38 1.86 -0.29 9.75
C THR A 38 1.90 1.17 9.30
N SER A 39 2.26 2.09 10.20
CA SER A 39 2.30 3.53 9.93
C SER A 39 3.54 3.96 9.12
N LEU A 40 3.43 5.10 8.43
CA LEU A 40 4.52 5.64 7.62
C LEU A 40 5.75 6.04 8.47
N GLU A 41 5.53 6.51 9.70
CA GLU A 41 6.59 6.84 10.66
C GLU A 41 7.26 5.58 11.27
N SER A 42 6.52 4.47 11.42
CA SER A 42 7.10 3.18 11.82
C SER A 42 8.04 2.60 10.75
N MET A 43 7.70 2.83 9.47
CA MET A 43 8.54 2.54 8.30
C MET A 43 9.64 3.58 8.05
N GLY A 44 9.74 4.65 8.85
CA GLY A 44 10.79 5.67 8.78
C GLY A 44 10.77 6.52 7.49
N LEU A 45 9.62 6.61 6.82
CA LEU A 45 9.49 7.26 5.51
C LEU A 45 9.72 8.79 5.54
N ASP A 46 10.22 9.32 4.43
CA ASP A 46 10.47 10.74 4.16
C ASP A 46 10.27 11.03 2.65
N SER A 47 10.13 12.28 2.24
CA SER A 47 9.64 12.68 0.90
C SER A 47 10.31 11.94 -0.28
N VAL A 48 11.64 11.91 -0.34
CA VAL A 48 12.39 11.25 -1.45
C VAL A 48 12.08 9.76 -1.54
N MET A 49 11.97 9.07 -0.40
CA MET A 49 11.54 7.67 -0.36
C MET A 49 10.05 7.49 -0.71
N ILE A 50 9.20 8.47 -0.36
CA ILE A 50 7.77 8.47 -0.72
C ILE A 50 7.55 8.70 -2.23
N ARG A 51 8.34 9.57 -2.88
CA ARG A 51 8.38 9.70 -4.36
C ARG A 51 8.70 8.36 -5.02
N ALA A 52 9.74 7.67 -4.52
CA ALA A 52 10.14 6.35 -5.02
C ALA A 52 9.05 5.29 -4.77
N LEU A 53 8.46 5.24 -3.56
CA LEU A 53 7.40 4.29 -3.23
C LEU A 53 6.14 4.50 -4.08
N ALA A 54 5.70 5.74 -4.29
CA ALA A 54 4.58 6.06 -5.19
C ALA A 54 4.87 5.63 -6.64
N SER A 55 6.10 5.81 -7.12
CA SER A 55 6.53 5.34 -8.45
C SER A 55 6.52 3.81 -8.57
N ARG A 56 7.04 3.09 -7.55
CA ARG A 56 7.02 1.62 -7.49
C ARG A 56 5.60 1.04 -7.42
N LEU A 57 4.74 1.60 -6.57
CA LEU A 57 3.31 1.25 -6.48
C LEU A 57 2.59 1.54 -7.81
N SER A 58 2.86 2.66 -8.46
CA SER A 58 2.28 3.03 -9.76
C SER A 58 2.66 2.04 -10.88
N ALA A 59 3.93 1.61 -10.91
CA ALA A 59 4.45 0.67 -11.91
C ALA A 59 4.02 -0.80 -11.70
N GLU A 60 3.80 -1.25 -10.45
CA GLU A 60 3.72 -2.67 -10.11
C GLU A 60 2.45 -3.09 -9.33
N VAL A 61 1.65 -2.13 -8.86
CA VAL A 61 0.41 -2.37 -8.10
C VAL A 61 -0.79 -1.69 -8.77
N ALA A 62 -0.89 -0.37 -8.68
CA ALA A 62 -1.83 0.48 -9.44
C ALA A 62 -1.42 1.97 -9.37
N PRO A 63 -1.77 2.80 -10.37
CA PRO A 63 -1.37 4.22 -10.43
C PRO A 63 -1.68 5.03 -9.17
N VAL A 64 -0.67 5.74 -8.65
CA VAL A 64 -0.72 6.55 -7.42
C VAL A 64 0.38 7.64 -7.45
N GLY A 65 0.11 8.79 -6.82
CA GLY A 65 1.06 9.91 -6.68
C GLY A 65 1.51 10.12 -5.23
N PRO A 66 2.72 10.68 -4.97
CA PRO A 66 3.23 10.90 -3.61
C PRO A 66 2.39 11.90 -2.82
N GLU A 67 1.64 12.79 -3.49
CA GLU A 67 0.68 13.72 -2.86
C GLU A 67 -0.40 13.00 -2.03
N MET A 68 -0.80 11.78 -2.43
CA MET A 68 -1.70 10.93 -1.64
C MET A 68 -0.98 10.37 -0.41
N LEU A 69 0.22 9.82 -0.58
CA LEU A 69 1.01 9.22 0.49
C LEU A 69 1.43 10.23 1.57
N PHE A 70 1.60 11.52 1.23
CA PHE A 70 1.82 12.61 2.20
C PHE A 70 0.60 12.84 3.13
N GLY A 71 -0.63 12.59 2.67
CA GLY A 71 -1.87 12.74 3.44
C GLY A 71 -2.28 11.47 4.20
N LEU A 72 -2.02 10.29 3.63
CA LEU A 72 -2.34 8.97 4.21
C LEU A 72 -1.49 8.67 5.46
N ARG A 73 -1.96 7.75 6.32
CA ARG A 73 -1.34 7.42 7.63
C ARG A 73 -0.81 5.98 7.71
N ASP A 74 -1.39 5.02 6.99
CA ASP A 74 -0.98 3.61 6.94
C ASP A 74 -1.34 2.96 5.60
N LEU A 75 -0.95 1.69 5.42
CA LEU A 75 -1.17 0.94 4.17
C LEU A 75 -2.63 0.50 3.94
N ASP A 76 -3.44 0.36 5.00
CA ASP A 76 -4.87 0.01 4.93
C ASP A 76 -5.73 1.15 4.35
N GLU A 77 -5.40 2.41 4.63
CA GLU A 77 -6.00 3.57 3.95
C GLU A 77 -5.50 3.75 2.51
N LEU A 78 -4.23 3.41 2.22
CA LEU A 78 -3.63 3.48 0.88
C LEU A 78 -4.26 2.47 -0.10
N VAL A 79 -4.37 1.19 0.31
CA VAL A 79 -4.76 0.08 -0.57
C VAL A 79 -6.17 0.23 -1.16
N ASP A 80 -7.11 0.87 -0.45
CA ASP A 80 -8.49 1.05 -0.88
C ASP A 80 -8.62 1.80 -2.23
N HIS A 81 -7.75 2.79 -2.46
CA HIS A 81 -7.69 3.55 -3.72
C HIS A 81 -7.15 2.73 -4.89
N LEU A 82 -6.26 1.77 -4.61
CA LEU A 82 -5.66 0.88 -5.62
C LEU A 82 -6.62 -0.24 -6.03
N VAL A 83 -7.48 -0.70 -5.11
CA VAL A 83 -8.58 -1.65 -5.36
C VAL A 83 -9.68 -1.03 -6.25
N ALA A 84 -9.91 0.28 -6.12
CA ALA A 84 -10.87 1.04 -6.93
C ALA A 84 -10.42 1.28 -8.39
N ALA A 85 -9.13 1.12 -8.71
CA ALA A 85 -8.63 1.19 -10.09
C ALA A 85 -9.12 0.00 -10.95
N ARG A 86 -9.26 0.21 -12.27
CA ARG A 86 -9.74 -0.80 -13.24
C ARG A 86 -8.78 -1.99 -13.36
O23 PNS B . 12.84 16.33 0.23
P24 PNS B . 11.42 16.05 0.02
O26 PNS B . 10.87 16.03 -1.37
O27 PNS B . 10.55 17.08 0.87
C28 PNS B . 10.88 17.37 2.21
C29 PNS B . 9.85 18.32 2.84
C30 PNS B . 8.48 17.59 2.92
C31 PNS B . 10.30 18.61 4.30
C32 PNS B . 9.69 19.60 1.96
O33 PNS B . 8.81 20.55 2.60
C34 PNS B . 11.03 20.28 1.55
O35 PNS B . 11.79 20.76 2.40
N36 PNS B . 11.39 20.39 0.27
C37 PNS B . 10.70 19.91 -0.93
C38 PNS B . 9.69 20.95 -1.42
C39 PNS B . 10.35 22.23 -1.91
O40 PNS B . 10.67 22.34 -3.09
N41 PNS B . 10.56 23.19 -1.02
C42 PNS B . 11.21 24.47 -1.28
C43 PNS B . 10.15 25.53 -1.60
S44 PNS B . 10.97 27.13 -1.87
H282 PNS B . 11.87 17.82 2.25
H281 PNS B . 10.91 16.43 2.78
H303 PNS B . 8.10 17.35 1.93
H302 PNS B . 8.59 16.66 3.48
H301 PNS B . 7.75 18.20 3.42
H313 PNS B . 9.59 19.25 4.81
H312 PNS B . 10.39 17.67 4.84
H311 PNS B . 11.29 19.08 4.30
H32 PNS B . 9.18 19.30 1.05
H33 PNS B . 9.32 20.99 3.32
H36 PNS B . 12.28 20.85 0.12
H372 PNS B . 11.43 19.73 -1.72
H371 PNS B . 10.19 18.97 -0.74
H382 PNS B . 9.12 20.52 -2.24
H381 PNS B . 8.98 21.18 -0.62
H41 PNS B . 10.28 23.00 -0.06
H422 PNS B . 11.77 24.78 -0.40
H421 PNS B . 11.91 24.38 -2.12
H431 PNS B . 9.61 25.25 -2.50
H432 PNS B . 9.46 25.61 -0.76
H44 PNS B . 11.51 27.24 -0.64
N GLY A 1 -21.28 -4.88 -15.87
CA GLY A 1 -20.52 -3.97 -15.00
C GLY A 1 -19.97 -4.67 -13.75
N PRO A 2 -19.17 -3.96 -12.94
CA PRO A 2 -18.57 -4.52 -11.71
C PRO A 2 -19.63 -4.83 -10.62
N GLY A 3 -19.31 -5.78 -9.74
CA GLY A 3 -20.15 -6.20 -8.63
C GLY A 3 -20.20 -5.20 -7.46
N SER A 4 -21.24 -5.30 -6.63
CA SER A 4 -21.43 -4.55 -5.38
C SER A 4 -22.21 -5.41 -4.38
N ALA A 5 -21.70 -5.51 -3.13
CA ALA A 5 -22.12 -6.51 -2.12
C ALA A 5 -22.05 -7.98 -2.61
N ALA A 6 -21.24 -8.24 -3.66
CA ALA A 6 -21.08 -9.55 -4.30
C ALA A 6 -20.11 -10.48 -3.55
N ALA A 7 -20.06 -11.75 -3.95
CA ALA A 7 -19.10 -12.75 -3.44
C ALA A 7 -17.64 -12.47 -3.86
N ASP A 8 -17.40 -11.61 -4.85
CA ASP A 8 -16.07 -11.20 -5.35
C ASP A 8 -15.34 -10.19 -4.42
N ASP A 9 -15.42 -10.40 -3.10
CA ASP A 9 -14.85 -9.52 -2.06
C ASP A 9 -13.31 -9.65 -1.92
N GLY A 10 -12.69 -10.66 -2.53
CA GLY A 10 -11.27 -11.00 -2.39
C GLY A 10 -10.28 -10.05 -3.07
N ARG A 11 -10.75 -9.03 -3.81
CA ARG A 11 -9.92 -8.04 -4.52
C ARG A 11 -8.97 -7.28 -3.59
N ARG A 12 -9.38 -7.02 -2.35
CA ARG A 12 -8.58 -6.30 -1.35
C ARG A 12 -7.27 -7.02 -1.00
N ALA A 13 -7.31 -8.36 -0.91
CA ALA A 13 -6.12 -9.17 -0.64
C ALA A 13 -5.09 -9.15 -1.80
N GLU A 14 -5.56 -9.12 -3.06
CA GLU A 14 -4.70 -9.05 -4.24
C GLU A 14 -3.92 -7.72 -4.30
N LEU A 15 -4.57 -6.59 -3.99
CA LEU A 15 -3.90 -5.29 -3.85
C LEU A 15 -3.01 -5.25 -2.59
N ALA A 16 -3.49 -5.74 -1.44
CA ALA A 16 -2.77 -5.68 -0.16
C ALA A 16 -1.41 -6.41 -0.20
N ASP A 17 -1.32 -7.58 -0.84
CA ASP A 17 -0.08 -8.32 -0.99
C ASP A 17 0.96 -7.53 -1.82
N ARG A 18 0.53 -6.94 -2.95
CA ARG A 18 1.37 -6.13 -3.84
C ARG A 18 1.87 -4.88 -3.14
N VAL A 19 0.98 -4.18 -2.42
CA VAL A 19 1.31 -3.02 -1.58
C VAL A 19 2.39 -3.41 -0.57
N SER A 20 2.16 -4.46 0.23
CA SER A 20 3.07 -4.82 1.33
C SER A 20 4.47 -5.23 0.84
N ARG A 21 4.57 -6.07 -0.19
CA ARG A 21 5.86 -6.53 -0.74
C ARG A 21 6.62 -5.44 -1.51
N THR A 22 5.91 -4.53 -2.20
CA THR A 22 6.53 -3.38 -2.89
C THR A 22 7.08 -2.39 -1.88
N VAL A 23 6.31 -2.08 -0.83
CA VAL A 23 6.75 -1.22 0.28
C VAL A 23 7.96 -1.82 1.01
N ALA A 24 7.91 -3.10 1.36
CA ALA A 24 8.99 -3.79 2.08
C ALA A 24 10.33 -3.71 1.34
N ASP A 25 10.35 -4.09 0.05
CA ASP A 25 11.56 -4.11 -0.77
C ASP A 25 12.13 -2.71 -1.06
N THR A 26 11.26 -1.69 -1.14
CA THR A 26 11.68 -0.28 -1.34
C THR A 26 12.41 0.29 -0.11
N ILE A 27 11.99 -0.07 1.11
CA ILE A 27 12.68 0.30 2.36
C ILE A 27 13.74 -0.73 2.83
N GLY A 28 13.90 -1.85 2.12
CA GLY A 28 14.91 -2.88 2.38
C GLY A 28 14.58 -3.87 3.51
N ARG A 29 13.34 -3.92 4.00
CA ARG A 29 12.86 -4.90 5.01
C ARG A 29 12.32 -6.19 4.34
N PRO A 30 12.26 -7.33 5.08
CA PRO A 30 11.53 -8.52 4.64
C PRO A 30 10.04 -8.25 4.40
N ALA A 31 9.41 -8.96 3.47
CA ALA A 31 7.99 -8.79 3.12
C ALA A 31 7.03 -9.04 4.30
N GLY A 32 7.41 -9.92 5.24
CA GLY A 32 6.64 -10.20 6.47
C GLY A 32 6.70 -9.13 7.55
N SER A 33 7.60 -8.14 7.45
CA SER A 33 7.69 -7.01 8.40
C SER A 33 6.51 -6.03 8.23
N ILE A 34 6.06 -5.82 6.99
CA ILE A 34 5.00 -4.89 6.60
C ILE A 34 3.60 -5.51 6.83
N GLY A 35 2.63 -4.67 7.22
CA GLY A 35 1.21 -5.01 7.37
C GLY A 35 0.31 -3.77 7.29
N GLY A 36 -0.99 -3.97 7.07
CA GLY A 36 -1.94 -2.91 6.70
C GLY A 36 -1.95 -1.71 7.67
N HIS A 37 -2.09 -1.96 8.97
CA HIS A 37 -2.20 -0.89 9.98
C HIS A 37 -0.83 -0.28 10.43
N THR A 38 0.28 -0.67 9.79
CA THR A 38 1.62 -0.10 10.06
C THR A 38 1.69 1.36 9.61
N SER A 39 2.12 2.27 10.49
CA SER A 39 2.22 3.70 10.19
C SER A 39 3.46 4.04 9.35
N LEU A 40 3.45 5.23 8.72
CA LEU A 40 4.60 5.74 7.95
C LEU A 40 5.84 5.98 8.83
N GLU A 41 5.63 6.32 10.10
CA GLU A 41 6.70 6.46 11.10
C GLU A 41 7.31 5.12 11.52
N SER A 42 6.49 4.07 11.65
CA SER A 42 6.94 2.69 11.93
C SER A 42 7.75 2.09 10.77
N MET A 43 7.48 2.53 9.54
CA MET A 43 8.29 2.25 8.33
C MET A 43 9.48 3.20 8.13
N GLY A 44 9.61 4.25 8.96
CA GLY A 44 10.72 5.21 8.93
C GLY A 44 10.80 6.05 7.65
N LEU A 45 9.67 6.32 6.99
CA LEU A 45 9.61 6.98 5.68
C LEU A 45 10.05 8.46 5.72
N ASP A 46 10.46 8.96 4.56
CA ASP A 46 10.91 10.34 4.29
C ASP A 46 10.59 10.70 2.82
N SER A 47 10.68 11.97 2.44
CA SER A 47 10.28 12.52 1.12
C SER A 47 10.77 11.71 -0.09
N VAL A 48 12.07 11.38 -0.16
CA VAL A 48 12.68 10.60 -1.26
C VAL A 48 12.11 9.18 -1.31
N MET A 49 11.92 8.53 -0.16
CA MET A 49 11.28 7.21 -0.05
C MET A 49 9.81 7.26 -0.48
N ILE A 50 9.07 8.31 -0.10
CA ILE A 50 7.66 8.51 -0.46
C ILE A 50 7.49 8.69 -1.98
N ARG A 51 8.35 9.49 -2.62
CA ARG A 51 8.35 9.67 -4.09
C ARG A 51 8.75 8.39 -4.83
N ALA A 52 9.75 7.66 -4.33
CA ALA A 52 10.13 6.33 -4.84
C ALA A 52 9.00 5.30 -4.68
N LEU A 53 8.31 5.25 -3.53
CA LEU A 53 7.14 4.40 -3.32
C LEU A 53 6.02 4.72 -4.31
N ALA A 54 5.71 5.99 -4.56
CA ALA A 54 4.67 6.36 -5.52
C ALA A 54 4.95 5.83 -6.94
N SER A 55 6.19 5.95 -7.44
CA SER A 55 6.58 5.41 -8.75
C SER A 55 6.63 3.87 -8.76
N ARG A 56 7.05 3.23 -7.66
CA ARG A 56 7.12 1.76 -7.48
C ARG A 56 5.73 1.12 -7.42
N LEU A 57 4.79 1.66 -6.63
CA LEU A 57 3.41 1.18 -6.59
C LEU A 57 2.69 1.41 -7.93
N SER A 58 2.98 2.50 -8.64
CA SER A 58 2.42 2.75 -9.99
C SER A 58 2.79 1.65 -11.00
N ALA A 59 3.96 1.02 -10.85
CA ALA A 59 4.45 -0.06 -11.72
C ALA A 59 3.99 -1.48 -11.31
N GLU A 60 3.66 -1.72 -10.03
CA GLU A 60 3.48 -3.07 -9.45
C GLU A 60 2.09 -3.32 -8.83
N VAL A 61 1.45 -2.26 -8.32
CA VAL A 61 0.14 -2.29 -7.64
C VAL A 61 -0.93 -1.72 -8.57
N ALA A 62 -0.99 -0.40 -8.68
CA ALA A 62 -1.91 0.41 -9.48
C ALA A 62 -1.41 1.88 -9.51
N PRO A 63 -1.76 2.69 -10.53
CA PRO A 63 -1.32 4.08 -10.64
C PRO A 63 -1.60 4.91 -9.37
N VAL A 64 -0.58 5.62 -8.88
CA VAL A 64 -0.64 6.46 -7.67
C VAL A 64 0.33 7.64 -7.77
N GLY A 65 -0.09 8.81 -7.27
CA GLY A 65 0.76 10.00 -7.12
C GLY A 65 1.29 10.16 -5.68
N PRO A 66 2.48 10.76 -5.48
CA PRO A 66 3.05 10.95 -4.14
C PRO A 66 2.19 11.85 -3.23
N GLU A 67 1.32 12.70 -3.79
CA GLU A 67 0.37 13.51 -3.03
C GLU A 67 -0.60 12.66 -2.17
N MET A 68 -0.93 11.44 -2.63
CA MET A 68 -1.68 10.46 -1.84
C MET A 68 -0.88 10.03 -0.60
N LEU A 69 0.37 9.58 -0.80
CA LEU A 69 1.26 9.06 0.26
C LEU A 69 1.72 10.14 1.25
N PHE A 70 1.92 11.38 0.82
CA PHE A 70 2.22 12.51 1.72
C PHE A 70 1.03 12.87 2.65
N GLY A 71 -0.22 12.59 2.24
CA GLY A 71 -1.43 12.75 3.04
C GLY A 71 -1.87 11.49 3.82
N LEU A 72 -1.17 10.36 3.65
CA LEU A 72 -1.57 9.04 4.12
C LEU A 72 -1.30 8.79 5.62
N ARG A 73 -2.09 7.91 6.25
CA ARG A 73 -1.92 7.44 7.64
C ARG A 73 -1.26 6.05 7.77
N ASP A 74 -1.71 5.07 6.98
CA ASP A 74 -1.22 3.68 6.95
C ASP A 74 -1.57 2.99 5.61
N LEU A 75 -1.09 1.77 5.40
CA LEU A 75 -1.34 1.01 4.17
C LEU A 75 -2.79 0.51 4.03
N ASP A 76 -3.52 0.36 5.15
CA ASP A 76 -4.92 -0.02 5.20
C ASP A 76 -5.85 1.05 4.59
N GLU A 77 -5.49 2.33 4.68
CA GLU A 77 -6.13 3.44 3.96
C GLU A 77 -5.77 3.43 2.46
N LEU A 78 -4.50 3.17 2.14
CA LEU A 78 -3.98 3.17 0.77
C LEU A 78 -4.58 2.06 -0.10
N VAL A 79 -4.67 0.83 0.43
CA VAL A 79 -5.22 -0.33 -0.31
C VAL A 79 -6.66 -0.11 -0.74
N ASP A 80 -7.52 0.52 0.08
CA ASP A 80 -8.90 0.86 -0.28
C ASP A 80 -8.97 1.88 -1.42
N HIS A 81 -8.07 2.87 -1.46
CA HIS A 81 -7.97 3.83 -2.57
C HIS A 81 -7.59 3.14 -3.89
N LEU A 82 -6.59 2.24 -3.86
CA LEU A 82 -6.12 1.55 -5.06
C LEU A 82 -7.03 0.40 -5.53
N VAL A 83 -7.82 -0.21 -4.64
CA VAL A 83 -8.95 -1.08 -5.02
C VAL A 83 -10.04 -0.28 -5.73
N ALA A 84 -10.40 0.92 -5.24
CA ALA A 84 -11.40 1.77 -5.86
C ALA A 84 -10.95 2.40 -7.20
N ALA A 85 -9.65 2.62 -7.40
CA ALA A 85 -9.07 3.26 -8.58
C ALA A 85 -9.10 2.43 -9.89
N ARG A 86 -9.39 1.12 -9.83
CA ARG A 86 -9.34 0.18 -10.97
C ARG A 86 -10.47 -0.86 -10.94
O23 PNS B . 10.03 16.86 3.40
P24 PNS B . 10.63 16.31 2.16
O26 PNS B . 12.10 16.46 1.95
O27 PNS B . 9.88 16.94 0.90
C28 PNS B . 8.47 16.91 0.83
C29 PNS B . 7.93 17.57 -0.48
C30 PNS B . 8.30 19.06 -0.47
C31 PNS B . 8.60 16.88 -1.69
C32 PNS B . 6.38 17.35 -0.51
O33 PNS B . 5.79 17.88 0.69
C34 PNS B . 5.70 17.89 -1.79
O35 PNS B . 5.56 17.18 -2.79
N36 PNS B . 5.26 19.16 -1.75
C37 PNS B . 4.65 19.88 -2.85
C38 PNS B . 3.13 19.81 -2.78
C39 PNS B . 2.58 18.47 -3.30
O40 PNS B . 2.46 18.30 -4.52
N41 PNS B . 2.23 17.48 -2.49
C42 PNS B . 2.29 17.44 -1.03
C43 PNS B . 0.95 17.89 -0.42
S44 PNS B . -0.39 16.78 -0.94
H282 PNS B . 8.06 17.44 1.69
H281 PNS B . 8.14 15.87 0.87
H303 PNS B . 9.39 19.19 -0.42
H302 PNS B . 7.97 19.54 -1.39
H301 PNS B . 7.85 19.57 0.38
H313 PNS B . 8.35 15.82 -1.71
H312 PNS B . 8.27 17.35 -2.62
H311 PNS B . 9.68 16.99 -1.64
H32 PNS B . 6.21 16.27 -0.52
H33 PNS B . 4.88 17.53 0.79
H36 PNS B . 5.42 19.65 -0.89
H372 PNS B . 4.94 20.94 -2.77
H371 PNS B . 5.01 19.51 -3.81
H382 PNS B . 2.77 20.00 -1.77
H381 PNS B . 2.71 20.58 -3.41
H41 PNS B . 1.91 16.65 -2.95
H422 PNS B . 2.50 16.41 -0.71
H421 PNS B . 3.08 18.08 -0.64
H431 PNS B . 1.03 17.86 0.67
H432 PNS B . 0.73 18.91 -0.74
H44 PNS B . -0.33 17.09 -2.24
N GLY A 1 -28.91 -2.21 2.88
CA GLY A 1 -28.30 -1.03 3.53
C GLY A 1 -27.18 -0.41 2.70
N PRO A 2 -26.36 0.49 3.29
CA PRO A 2 -25.27 1.19 2.61
C PRO A 2 -24.20 0.26 2.03
N GLY A 3 -23.52 0.71 0.96
CA GLY A 3 -22.41 0.01 0.31
C GLY A 3 -21.07 0.06 1.06
N SER A 4 -21.01 0.73 2.22
CA SER A 4 -19.80 0.94 3.05
C SER A 4 -19.26 -0.33 3.72
N ALA A 5 -19.99 -1.45 3.67
CA ALA A 5 -19.63 -2.73 4.28
C ALA A 5 -20.03 -3.93 3.39
N ALA A 6 -19.35 -5.08 3.60
CA ALA A 6 -19.56 -6.38 2.93
C ALA A 6 -19.38 -6.41 1.39
N ALA A 7 -18.87 -5.32 0.78
CA ALA A 7 -18.63 -5.18 -0.66
C ALA A 7 -17.21 -5.61 -1.11
N ASP A 8 -16.37 -6.13 -0.20
CA ASP A 8 -14.96 -6.43 -0.41
C ASP A 8 -14.72 -7.57 -1.42
N ASP A 9 -15.56 -8.61 -1.35
CA ASP A 9 -15.48 -9.86 -2.15
C ASP A 9 -14.12 -10.60 -2.07
N GLY A 10 -13.25 -10.24 -1.12
CA GLY A 10 -11.87 -10.73 -1.00
C GLY A 10 -10.87 -10.06 -1.95
N ARG A 11 -11.28 -9.05 -2.75
CA ARG A 11 -10.45 -8.37 -3.76
C ARG A 11 -9.32 -7.55 -3.12
N ARG A 12 -9.63 -6.84 -2.03
CA ARG A 12 -8.71 -5.94 -1.33
C ARG A 12 -7.54 -6.68 -0.65
N ALA A 13 -7.73 -7.94 -0.28
CA ALA A 13 -6.66 -8.80 0.24
C ALA A 13 -5.59 -9.14 -0.82
N GLU A 14 -5.97 -9.30 -2.10
CA GLU A 14 -5.03 -9.52 -3.21
C GLU A 14 -4.18 -8.27 -3.48
N LEU A 15 -4.78 -7.07 -3.43
CA LEU A 15 -4.06 -5.80 -3.50
C LEU A 15 -3.15 -5.60 -2.28
N ALA A 16 -3.59 -5.98 -1.07
CA ALA A 16 -2.78 -5.85 0.16
C ALA A 16 -1.49 -6.69 0.12
N ASP A 17 -1.55 -7.89 -0.45
CA ASP A 17 -0.39 -8.76 -0.65
C ASP A 17 0.67 -8.12 -1.57
N ARG A 18 0.24 -7.50 -2.69
CA ARG A 18 1.14 -6.78 -3.62
C ARG A 18 1.69 -5.49 -2.99
N VAL A 19 0.86 -4.71 -2.30
CA VAL A 19 1.25 -3.49 -1.57
C VAL A 19 2.36 -3.79 -0.57
N SER A 20 2.19 -4.82 0.27
CA SER A 20 3.15 -5.19 1.33
C SER A 20 4.53 -5.54 0.77
N ARG A 21 4.57 -6.23 -0.39
CA ARG A 21 5.81 -6.56 -1.11
C ARG A 21 6.45 -5.35 -1.79
N THR A 22 5.66 -4.37 -2.22
CA THR A 22 6.14 -3.21 -2.98
C THR A 22 6.76 -2.16 -2.06
N VAL A 23 6.17 -1.92 -0.89
CA VAL A 23 6.75 -1.06 0.14
C VAL A 23 8.00 -1.70 0.78
N ALA A 24 8.01 -3.02 0.97
CA ALA A 24 9.21 -3.76 1.38
C ALA A 24 10.36 -3.64 0.38
N ASP A 25 10.08 -3.79 -0.92
CA ASP A 25 11.05 -3.58 -2.01
C ASP A 25 11.56 -2.13 -2.10
N THR A 26 10.73 -1.14 -1.79
CA THR A 26 11.11 0.29 -1.76
C THR A 26 12.15 0.59 -0.68
N ILE A 27 11.99 0.03 0.53
CA ILE A 27 12.86 0.32 1.70
C ILE A 27 13.94 -0.76 1.97
N GLY A 28 13.88 -1.92 1.31
CA GLY A 28 14.84 -3.03 1.43
C GLY A 28 14.64 -3.95 2.65
N ARG A 29 13.55 -3.80 3.41
CA ARG A 29 13.23 -4.62 4.60
C ARG A 29 12.70 -6.03 4.22
N PRO A 30 12.90 -7.05 5.06
CA PRO A 30 12.42 -8.42 4.81
C PRO A 30 10.90 -8.56 4.89
N ALA A 31 10.37 -9.62 4.27
CA ALA A 31 8.97 -9.99 4.37
C ALA A 31 8.53 -10.31 5.81
N GLY A 32 7.25 -10.08 6.12
CA GLY A 32 6.68 -10.24 7.47
C GLY A 32 6.91 -9.06 8.42
N SER A 33 7.82 -8.13 8.08
CA SER A 33 8.00 -6.86 8.81
C SER A 33 6.82 -5.89 8.55
N ILE A 34 6.23 -5.96 7.36
CA ILE A 34 5.12 -5.11 6.90
C ILE A 34 3.76 -5.75 7.25
N GLY A 35 2.76 -4.91 7.57
CA GLY A 35 1.35 -5.28 7.67
C GLY A 35 0.42 -4.10 7.36
N GLY A 36 -0.84 -4.35 7.04
CA GLY A 36 -1.80 -3.29 6.64
C GLY A 36 -2.00 -2.20 7.70
N HIS A 37 -1.97 -2.58 8.99
CA HIS A 37 -2.09 -1.66 10.13
C HIS A 37 -0.84 -0.78 10.36
N THR A 38 0.30 -1.10 9.74
CA THR A 38 1.55 -0.32 9.84
C THR A 38 1.41 1.04 9.14
N SER A 39 1.88 2.10 9.80
CA SER A 39 1.86 3.47 9.25
C SER A 39 3.11 3.83 8.45
N LEU A 40 2.97 4.79 7.53
CA LEU A 40 4.07 5.40 6.77
C LEU A 40 5.09 6.11 7.70
N GLU A 41 4.60 6.63 8.83
CA GLU A 41 5.43 7.21 9.90
C GLU A 41 6.21 6.15 10.71
N SER A 42 5.59 4.99 11.00
CA SER A 42 6.23 3.87 11.71
C SER A 42 7.34 3.20 10.88
N MET A 43 7.16 3.10 9.56
CA MET A 43 8.21 2.72 8.61
C MET A 43 9.29 3.80 8.42
N GLY A 44 9.11 5.01 8.96
CA GLY A 44 10.09 6.08 8.97
C GLY A 44 10.38 6.68 7.58
N LEU A 45 9.40 6.65 6.67
CA LEU A 45 9.58 7.07 5.28
C LEU A 45 9.91 8.57 5.18
N ASP A 46 11.07 8.89 4.60
CA ASP A 46 11.44 10.25 4.18
C ASP A 46 10.63 10.67 2.93
N SER A 47 10.69 11.96 2.57
CA SER A 47 10.05 12.47 1.33
C SER A 47 10.51 11.76 0.06
N VAL A 48 11.82 11.54 -0.11
CA VAL A 48 12.41 10.77 -1.21
C VAL A 48 11.91 9.32 -1.23
N MET A 49 11.75 8.69 -0.06
CA MET A 49 11.18 7.33 0.06
C MET A 49 9.69 7.29 -0.30
N ILE A 50 8.92 8.35 0.00
CA ILE A 50 7.52 8.48 -0.45
C ILE A 50 7.43 8.68 -1.97
N ARG A 51 8.32 9.48 -2.58
CA ARG A 51 8.41 9.62 -4.05
C ARG A 51 8.81 8.31 -4.74
N ALA A 52 9.74 7.55 -4.16
CA ALA A 52 10.09 6.20 -4.61
C ALA A 52 8.90 5.23 -4.46
N LEU A 53 8.19 5.22 -3.32
CA LEU A 53 7.03 4.38 -3.07
C LEU A 53 5.89 4.66 -4.08
N ALA A 54 5.63 5.92 -4.40
CA ALA A 54 4.65 6.29 -5.42
C ALA A 54 4.97 5.69 -6.80
N SER A 55 6.24 5.76 -7.22
CA SER A 55 6.73 5.18 -8.48
C SER A 55 6.64 3.65 -8.48
N ARG A 56 7.06 2.98 -7.39
CA ARG A 56 7.01 1.51 -7.28
C ARG A 56 5.57 0.99 -7.24
N LEU A 57 4.66 1.62 -6.49
CA LEU A 57 3.24 1.26 -6.49
C LEU A 57 2.59 1.45 -7.87
N SER A 58 2.92 2.54 -8.59
CA SER A 58 2.44 2.76 -9.96
C SER A 58 2.94 1.69 -10.96
N ALA A 59 4.15 1.16 -10.75
CA ALA A 59 4.75 0.11 -11.59
C ALA A 59 4.30 -1.33 -11.25
N GLU A 60 3.90 -1.61 -10.01
CA GLU A 60 3.69 -2.98 -9.50
C GLU A 60 2.25 -3.28 -9.04
N VAL A 61 1.46 -2.25 -8.72
CA VAL A 61 0.11 -2.37 -8.14
C VAL A 61 -0.91 -1.60 -8.96
N ALA A 62 -0.96 -0.26 -8.79
CA ALA A 62 -1.76 0.68 -9.58
C ALA A 62 -1.29 2.14 -9.37
N PRO A 63 -1.62 3.08 -10.28
CA PRO A 63 -1.14 4.47 -10.22
C PRO A 63 -1.50 5.24 -8.93
N VAL A 64 -0.52 5.95 -8.37
CA VAL A 64 -0.69 6.87 -7.22
C VAL A 64 0.39 7.97 -7.23
N GLY A 65 0.00 9.21 -6.92
CA GLY A 65 0.92 10.35 -6.81
C GLY A 65 1.49 10.49 -5.39
N PRO A 66 2.75 10.93 -5.21
CA PRO A 66 3.36 11.12 -3.89
C PRO A 66 2.66 12.20 -3.06
N GLU A 67 2.04 13.21 -3.69
CA GLU A 67 1.23 14.23 -3.01
C GLU A 67 0.06 13.62 -2.23
N MET A 68 -0.51 12.52 -2.73
CA MET A 68 -1.56 11.77 -2.05
C MET A 68 -1.02 10.88 -0.92
N LEU A 69 0.18 10.30 -1.08
CA LEU A 69 0.89 9.55 -0.03
C LEU A 69 1.37 10.42 1.14
N PHE A 70 1.69 11.70 0.93
CA PHE A 70 1.89 12.66 2.02
C PHE A 70 0.59 12.98 2.80
N GLY A 71 -0.59 12.78 2.19
CA GLY A 71 -1.90 12.89 2.86
C GLY A 71 -2.32 11.61 3.61
N LEU A 72 -1.97 10.43 3.07
CA LEU A 72 -2.19 9.12 3.70
C LEU A 72 -1.38 8.90 4.99
N ARG A 73 -1.76 7.90 5.78
CA ARG A 73 -1.11 7.53 7.05
C ARG A 73 -0.86 6.02 7.21
N ASP A 74 -1.85 5.16 6.95
CA ASP A 74 -1.74 3.70 7.08
C ASP A 74 -1.83 2.97 5.73
N LEU A 75 -1.19 1.80 5.61
CA LEU A 75 -1.30 0.96 4.41
C LEU A 75 -2.73 0.44 4.16
N ASP A 76 -3.56 0.32 5.20
CA ASP A 76 -5.01 0.06 5.09
C ASP A 76 -5.77 1.15 4.32
N GLU A 77 -5.33 2.41 4.36
CA GLU A 77 -5.91 3.52 3.58
C GLU A 77 -5.35 3.57 2.16
N LEU A 78 -4.06 3.27 1.98
CA LEU A 78 -3.40 3.20 0.67
C LEU A 78 -3.98 2.07 -0.21
N VAL A 79 -4.10 0.85 0.34
CA VAL A 79 -4.62 -0.30 -0.43
C VAL A 79 -6.05 -0.06 -0.94
N ASP A 80 -6.88 0.61 -0.15
CA ASP A 80 -8.27 0.93 -0.52
C ASP A 80 -8.35 1.89 -1.72
N HIS A 81 -7.42 2.85 -1.82
CA HIS A 81 -7.27 3.71 -3.01
C HIS A 81 -6.84 2.92 -4.26
N LEU A 82 -5.93 1.96 -4.12
CA LEU A 82 -5.44 1.13 -5.23
C LEU A 82 -6.47 0.08 -5.72
N VAL A 83 -7.36 -0.39 -4.84
CA VAL A 83 -8.58 -1.13 -5.24
C VAL A 83 -9.51 -0.23 -6.07
N ALA A 84 -9.72 1.01 -5.63
CA ALA A 84 -10.58 2.00 -6.30
C ALA A 84 -9.97 2.69 -7.54
N ALA A 85 -8.75 2.32 -7.95
CA ALA A 85 -8.02 2.95 -9.06
C ALA A 85 -8.66 2.73 -10.46
N ARG A 86 -9.36 1.60 -10.65
CA ARG A 86 -10.15 1.29 -11.86
C ARG A 86 -11.58 1.82 -11.73
O23 PNS B . 13.55 15.91 1.26
P24 PNS B . 12.08 15.84 1.12
O26 PNS B . 11.46 16.35 -0.13
O27 PNS B . 11.40 16.58 2.35
C28 PNS B . 11.79 16.26 3.68
C29 PNS B . 10.97 17.05 4.73
C30 PNS B . 11.54 16.72 6.12
C31 PNS B . 11.17 18.56 4.49
C32 PNS B . 9.46 16.65 4.60
O33 PNS B . 9.27 15.24 4.84
C34 PNS B . 8.50 17.53 5.44
O35 PNS B . 8.33 17.31 6.65
N36 PNS B . 7.89 18.54 4.81
C37 PNS B . 6.99 19.50 5.43
C38 PNS B . 7.73 20.82 5.66
C39 PNS B . 6.86 21.85 6.33
O40 PNS B . 6.22 22.65 5.65
N41 PNS B . 6.73 21.90 7.66
C42 PNS B . 7.40 21.06 8.65
C43 PNS B . 8.69 21.74 9.13
S44 PNS B . 9.48 20.73 10.39
H282 PNS B . 12.84 16.52 3.81
H281 PNS B . 11.67 15.19 3.85
H303 PNS B . 11.00 17.27 6.89
H302 PNS B . 11.46 15.65 6.33
H301 PNS B . 12.59 17.00 6.16
H313 PNS B . 10.71 18.86 3.54
H312 PNS B . 10.70 19.13 5.29
H311 PNS B . 12.24 18.79 4.46
H32 PNS B . 9.19 16.82 3.55
H33 PNS B . 9.17 15.12 5.81
H36 PNS B . 8.07 18.64 3.82
H372 PNS B . 6.13 19.67 4.77
H371 PNS B . 6.61 19.13 6.39
H382 PNS B . 8.63 20.64 6.26
H381 PNS B . 8.07 21.21 4.69
H41 PNS B . 6.10 22.61 8.00
H422 PNS B . 6.74 20.92 9.50
H421 PNS B . 7.65 20.07 8.25
H431 PNS B . 9.36 21.88 8.27
H432 PNS B . 8.44 22.73 9.54
H44 PNS B . 9.73 19.65 9.60
N GLY A 1 -12.77 -22.92 15.31
CA GLY A 1 -13.73 -22.14 14.49
C GLY A 1 -13.08 -20.92 13.84
N PRO A 2 -13.84 -20.09 13.11
CA PRO A 2 -13.36 -18.86 12.47
C PRO A 2 -12.95 -17.79 13.51
N GLY A 3 -12.09 -16.86 13.09
CA GLY A 3 -11.55 -15.77 13.92
C GLY A 3 -10.49 -14.93 13.19
N SER A 4 -9.55 -14.37 13.95
CA SER A 4 -8.38 -13.60 13.46
C SER A 4 -8.75 -12.40 12.54
N ALA A 5 -9.87 -11.74 12.87
CA ALA A 5 -10.40 -10.56 12.16
C ALA A 5 -10.63 -10.76 10.63
N ALA A 6 -11.01 -11.98 10.21
CA ALA A 6 -11.32 -12.30 8.81
C ALA A 6 -12.51 -11.47 8.26
N ALA A 7 -12.48 -11.16 6.96
CA ALA A 7 -13.45 -10.29 6.27
C ALA A 7 -13.66 -10.69 4.80
N ASP A 8 -14.73 -10.16 4.18
CA ASP A 8 -15.12 -10.40 2.78
C ASP A 8 -14.33 -9.57 1.76
N ASP A 9 -13.30 -8.82 2.18
CA ASP A 9 -12.48 -7.90 1.37
C ASP A 9 -11.49 -8.61 0.40
N GLY A 10 -11.83 -9.77 -0.17
CA GLY A 10 -10.92 -10.65 -0.91
C GLY A 10 -10.10 -9.99 -2.04
N ARG A 11 -10.73 -9.12 -2.85
CA ARG A 11 -10.04 -8.36 -3.91
C ARG A 11 -9.06 -7.32 -3.38
N ARG A 12 -9.40 -6.65 -2.26
CA ARG A 12 -8.53 -5.67 -1.58
C ARG A 12 -7.39 -6.35 -0.82
N ALA A 13 -7.63 -7.54 -0.25
CA ALA A 13 -6.64 -8.31 0.50
C ALA A 13 -5.45 -8.78 -0.37
N GLU A 14 -5.70 -9.16 -1.64
CA GLU A 14 -4.63 -9.48 -2.59
C GLU A 14 -3.80 -8.24 -2.92
N LEU A 15 -4.46 -7.11 -3.21
CA LEU A 15 -3.79 -5.83 -3.45
C LEU A 15 -3.01 -5.35 -2.21
N ALA A 16 -3.51 -5.59 -1.00
CA ALA A 16 -2.85 -5.23 0.26
C ALA A 16 -1.53 -6.01 0.47
N ASP A 17 -1.48 -7.29 0.07
CA ASP A 17 -0.24 -8.06 0.05
C ASP A 17 0.77 -7.50 -0.98
N ARG A 18 0.32 -7.16 -2.19
CA ARG A 18 1.15 -6.55 -3.24
C ARG A 18 1.70 -5.19 -2.83
N VAL A 19 0.87 -4.35 -2.20
CA VAL A 19 1.26 -3.07 -1.58
C VAL A 19 2.32 -3.30 -0.50
N SER A 20 2.07 -4.18 0.47
CA SER A 20 2.99 -4.46 1.58
C SER A 20 4.35 -4.97 1.10
N ARG A 21 4.36 -5.86 0.11
CA ARG A 21 5.54 -6.43 -0.53
C ARG A 21 6.33 -5.39 -1.34
N THR A 22 5.64 -4.51 -2.07
CA THR A 22 6.27 -3.41 -2.85
C THR A 22 6.90 -2.37 -1.93
N VAL A 23 6.21 -2.02 -0.84
CA VAL A 23 6.71 -1.13 0.22
C VAL A 23 7.94 -1.74 0.89
N ALA A 24 7.86 -2.99 1.37
CA ALA A 24 8.95 -3.70 2.04
C ALA A 24 10.22 -3.83 1.17
N ASP A 25 10.04 -4.18 -0.11
CA ASP A 25 11.13 -4.27 -1.10
C ASP A 25 11.82 -2.91 -1.34
N THR A 26 11.05 -1.82 -1.36
CA THR A 26 11.58 -0.45 -1.57
C THR A 26 12.31 0.09 -0.33
N ILE A 27 11.78 -0.14 0.88
CA ILE A 27 12.40 0.32 2.15
C ILE A 27 13.47 -0.62 2.70
N GLY A 28 13.70 -1.77 2.05
CA GLY A 28 14.76 -2.74 2.39
C GLY A 28 14.47 -3.64 3.59
N ARG A 29 13.19 -3.90 3.88
CA ARG A 29 12.70 -4.77 4.99
C ARG A 29 12.12 -6.10 4.49
N PRO A 30 11.95 -7.13 5.35
CA PRO A 30 11.29 -8.39 4.99
C PRO A 30 9.81 -8.19 4.60
N ALA A 31 9.35 -8.89 3.55
CA ALA A 31 7.98 -8.77 3.04
C ALA A 31 6.90 -9.18 4.06
N GLY A 32 7.22 -10.10 4.99
CA GLY A 32 6.32 -10.54 6.07
C GLY A 32 6.23 -9.58 7.26
N SER A 33 7.13 -8.59 7.37
CA SER A 33 7.15 -7.60 8.46
C SER A 33 6.12 -6.49 8.27
N ILE A 34 5.97 -5.99 7.04
CA ILE A 34 5.00 -4.96 6.66
C ILE A 34 3.61 -5.60 6.43
N GLY A 35 2.55 -4.88 6.77
CA GLY A 35 1.15 -5.25 6.53
C GLY A 35 0.22 -4.03 6.43
N GLY A 36 -1.08 -4.26 6.19
CA GLY A 36 -2.09 -3.19 6.02
C GLY A 36 -2.16 -2.18 7.19
N HIS A 37 -1.96 -2.67 8.42
CA HIS A 37 -1.94 -1.87 9.65
C HIS A 37 -0.64 -1.08 9.89
N THR A 38 0.40 -1.25 9.07
CA THR A 38 1.71 -0.61 9.26
C THR A 38 1.67 0.87 8.89
N SER A 39 2.04 1.74 9.84
CA SER A 39 2.10 3.20 9.66
C SER A 39 3.39 3.65 8.97
N LEU A 40 3.38 4.84 8.37
CA LEU A 40 4.58 5.43 7.76
C LEU A 40 5.63 5.83 8.81
N GLU A 41 5.20 6.07 10.06
CA GLU A 41 6.09 6.33 11.20
C GLU A 41 6.89 5.07 11.59
N SER A 42 6.29 3.87 11.47
CA SER A 42 6.99 2.59 11.66
C SER A 42 8.04 2.33 10.56
N MET A 43 7.75 2.73 9.31
CA MET A 43 8.69 2.66 8.17
C MET A 43 9.82 3.69 8.26
N GLY A 44 9.57 4.88 8.85
CA GLY A 44 10.54 5.96 8.99
C GLY A 44 10.85 6.69 7.67
N LEU A 45 9.85 6.91 6.82
CA LEU A 45 10.01 7.43 5.45
C LEU A 45 10.56 8.86 5.38
N ASP A 46 11.28 9.13 4.29
CA ASP A 46 11.71 10.47 3.85
C ASP A 46 10.89 10.97 2.64
N SER A 47 10.92 12.28 2.38
CA SER A 47 10.24 12.94 1.24
C SER A 47 10.65 12.36 -0.13
N VAL A 48 11.93 12.05 -0.30
CA VAL A 48 12.46 11.36 -1.51
C VAL A 48 11.93 9.92 -1.61
N MET A 49 11.90 9.18 -0.49
CA MET A 49 11.44 7.79 -0.46
C MET A 49 9.94 7.66 -0.74
N ILE A 50 9.12 8.64 -0.36
CA ILE A 50 7.68 8.69 -0.65
C ILE A 50 7.43 8.84 -2.17
N ARG A 51 8.24 9.63 -2.88
CA ARG A 51 8.21 9.71 -4.36
C ARG A 51 8.62 8.38 -5.01
N ALA A 52 9.67 7.73 -4.48
CA ALA A 52 10.11 6.42 -4.94
C ALA A 52 9.02 5.34 -4.73
N LEU A 53 8.35 5.33 -3.58
CA LEU A 53 7.25 4.42 -3.26
C LEU A 53 6.02 4.64 -4.17
N ALA A 54 5.65 5.89 -4.45
CA ALA A 54 4.56 6.18 -5.40
C ALA A 54 4.87 5.65 -6.81
N SER A 55 6.12 5.81 -7.28
CA SER A 55 6.61 5.25 -8.54
C SER A 55 6.61 3.72 -8.56
N ARG A 56 7.10 3.06 -7.50
CA ARG A 56 7.08 1.59 -7.37
C ARG A 56 5.67 1.02 -7.28
N LEU A 57 4.75 1.63 -6.54
CA LEU A 57 3.34 1.24 -6.51
C LEU A 57 2.68 1.40 -7.88
N SER A 58 3.00 2.45 -8.64
CA SER A 58 2.54 2.62 -10.03
C SER A 58 3.06 1.51 -10.96
N ALA A 59 4.31 1.09 -10.78
CA ALA A 59 4.96 0.04 -11.57
C ALA A 59 4.56 -1.41 -11.22
N GLU A 60 4.01 -1.66 -10.01
CA GLU A 60 3.83 -3.01 -9.44
C GLU A 60 2.40 -3.33 -8.98
N VAL A 61 1.56 -2.32 -8.73
CA VAL A 61 0.20 -2.47 -8.19
C VAL A 61 -0.82 -1.69 -9.03
N ALA A 62 -0.83 -0.35 -8.94
CA ALA A 62 -1.70 0.56 -9.67
C ALA A 62 -1.19 2.02 -9.57
N PRO A 63 -1.43 2.88 -10.58
CA PRO A 63 -0.92 4.25 -10.61
C PRO A 63 -1.41 5.09 -9.43
N VAL A 64 -0.47 5.81 -8.80
CA VAL A 64 -0.67 6.64 -7.60
C VAL A 64 0.39 7.75 -7.51
N GLY A 65 0.00 8.93 -7.04
CA GLY A 65 0.91 10.07 -6.79
C GLY A 65 1.40 10.15 -5.34
N PRO A 66 2.56 10.79 -5.08
CA PRO A 66 3.10 10.93 -3.71
C PRO A 66 2.18 11.73 -2.78
N GLU A 67 1.32 12.61 -3.32
CA GLU A 67 0.32 13.35 -2.55
C GLU A 67 -0.69 12.44 -1.80
N MET A 68 -1.03 11.27 -2.37
CA MET A 68 -1.79 10.23 -1.68
C MET A 68 -0.99 9.66 -0.50
N LEU A 69 0.28 9.32 -0.72
CA LEU A 69 1.17 8.73 0.28
C LEU A 69 1.47 9.69 1.46
N PHE A 70 1.68 10.98 1.21
CA PHE A 70 1.85 11.99 2.27
C PHE A 70 0.60 12.14 3.17
N GLY A 71 -0.58 11.72 2.72
CA GLY A 71 -1.83 11.79 3.47
C GLY A 71 -2.20 10.55 4.30
N LEU A 72 -1.41 9.47 4.24
CA LEU A 72 -1.78 8.17 4.85
C LEU A 72 -1.70 8.12 6.38
N ARG A 73 -2.60 7.33 6.97
CA ARG A 73 -2.45 6.69 8.29
C ARG A 73 -1.56 5.44 8.19
N ASP A 74 -1.92 4.55 7.27
CA ASP A 74 -1.34 3.21 7.08
C ASP A 74 -1.61 2.68 5.65
N LEU A 75 -1.17 1.47 5.34
CA LEU A 75 -1.32 0.86 4.00
C LEU A 75 -2.75 0.37 3.69
N ASP A 76 -3.59 0.14 4.70
CA ASP A 76 -5.04 -0.05 4.52
C ASP A 76 -5.73 1.20 3.95
N GLU A 77 -5.29 2.40 4.34
CA GLU A 77 -5.77 3.66 3.75
C GLU A 77 -5.30 3.84 2.29
N LEU A 78 -4.10 3.33 1.96
CA LEU A 78 -3.52 3.38 0.62
C LEU A 78 -4.25 2.46 -0.36
N VAL A 79 -4.37 1.18 -0.02
CA VAL A 79 -4.98 0.16 -0.90
C VAL A 79 -6.48 0.41 -1.15
N ASP A 80 -7.18 1.08 -0.23
CA ASP A 80 -8.58 1.49 -0.40
C ASP A 80 -8.77 2.44 -1.60
N HIS A 81 -7.79 3.29 -1.90
CA HIS A 81 -7.77 4.11 -3.12
C HIS A 81 -7.47 3.27 -4.37
N LEU A 82 -6.51 2.33 -4.30
CA LEU A 82 -6.10 1.50 -5.44
C LEU A 82 -7.18 0.51 -5.90
N VAL A 83 -7.90 -0.13 -4.98
CA VAL A 83 -8.97 -1.10 -5.30
C VAL A 83 -10.21 -0.40 -5.92
N ALA A 84 -10.50 0.83 -5.48
CA ALA A 84 -11.59 1.65 -6.02
C ALA A 84 -11.25 2.33 -7.36
N ALA A 85 -9.97 2.71 -7.55
CA ALA A 85 -9.46 3.50 -8.68
C ALA A 85 -10.23 4.82 -8.92
N ARG A 86 -10.71 5.44 -7.83
CA ARG A 86 -11.60 6.63 -7.83
C ARG A 86 -10.89 7.91 -8.31
O23 PNS B . 8.71 17.18 -0.58
P24 PNS B . 9.61 16.77 0.53
O26 PNS B . 9.29 17.19 1.92
O27 PNS B . 11.08 17.21 0.17
C28 PNS B . 11.57 17.06 -1.16
C29 PNS B . 13.07 17.47 -1.25
C30 PNS B . 13.28 18.90 -0.74
C31 PNS B . 13.91 16.55 -0.34
C32 PNS B . 13.55 17.34 -2.73
O33 PNS B . 13.53 15.96 -3.14
C34 PNS B . 12.78 18.25 -3.74
O35 PNS B . 11.80 17.84 -4.37
N36 PNS B . 13.23 19.50 -3.90
C37 PNS B . 12.73 20.46 -4.87
C38 PNS B . 11.51 21.21 -4.32
C39 PNS B . 11.81 22.01 -3.05
O40 PNS B . 12.70 22.87 -3.05
N41 PNS B . 11.13 21.81 -1.93
C42 PNS B . 10.05 20.85 -1.68
C43 PNS B . 9.83 20.68 -0.17
S44 PNS B . 9.45 22.28 0.60
H282 PNS B . 10.99 17.70 -1.82
H281 PNS B . 11.45 16.02 -1.47
H303 PNS B . 12.65 19.60 -1.28
H302 PNS B . 13.03 18.96 0.32
H301 PNS B . 14.33 19.20 -0.85
H313 PNS B . 13.66 16.71 0.71
H312 PNS B . 13.73 15.51 -0.58
H311 PNS B . 14.97 16.77 -0.48
H32 PNS B . 14.59 17.66 -2.75
H33 PNS B . 13.80 15.90 -4.07
H36 PNS B . 14.05 19.77 -3.36
H372 PNS B . 13.52 21.18 -5.13
H371 PNS B . 12.45 19.96 -5.79
H382 PNS B . 11.16 21.92 -5.07
H381 PNS B . 10.71 20.50 -4.16
H41 PNS B . 11.36 22.41 -1.15
H422 PNS B . 9.12 21.21 -2.14
H421 PNS B . 10.30 19.88 -2.10
H431 PNS B . 9.00 19.98 -0.01
H432 PNS B . 10.73 20.26 0.28
H44 PNS B . 9.32 21.81 1.86
N GLY A 1 -3.18 -21.85 -4.91
CA GLY A 1 -3.06 -23.20 -4.33
C GLY A 1 -3.72 -24.27 -5.20
N PRO A 2 -3.96 -25.48 -4.66
CA PRO A 2 -4.61 -26.59 -5.38
C PRO A 2 -6.04 -26.26 -5.88
N GLY A 3 -6.46 -26.94 -6.95
CA GLY A 3 -7.78 -26.75 -7.55
C GLY A 3 -7.99 -25.36 -8.15
N SER A 4 -9.19 -24.77 -7.95
CA SER A 4 -9.56 -23.43 -8.41
C SER A 4 -10.59 -22.79 -7.47
N ALA A 5 -10.52 -21.45 -7.31
CA ALA A 5 -11.41 -20.65 -6.47
C ALA A 5 -11.54 -19.21 -6.98
N ALA A 6 -12.73 -18.62 -6.81
CA ALA A 6 -13.04 -17.25 -7.27
C ALA A 6 -12.40 -16.13 -6.42
N ALA A 7 -12.07 -16.41 -5.16
CA ALA A 7 -11.41 -15.50 -4.21
C ALA A 7 -12.13 -14.13 -4.00
N ASP A 8 -13.46 -14.10 -4.14
CA ASP A 8 -14.28 -12.88 -4.07
C ASP A 8 -14.25 -12.21 -2.67
N ASP A 9 -13.98 -12.97 -1.62
CA ASP A 9 -13.77 -12.52 -0.24
C ASP A 9 -12.33 -12.01 0.04
N GLY A 10 -11.40 -12.23 -0.89
CA GLY A 10 -9.95 -11.98 -0.70
C GLY A 10 -9.38 -10.82 -1.52
N ARG A 11 -10.19 -10.10 -2.31
CA ARG A 11 -9.76 -9.08 -3.29
C ARG A 11 -8.77 -8.05 -2.74
N ARG A 12 -9.16 -7.31 -1.69
CA ARG A 12 -8.34 -6.25 -1.08
C ARG A 12 -7.24 -6.80 -0.16
N ALA A 13 -7.44 -7.98 0.42
CA ALA A 13 -6.42 -8.65 1.26
C ALA A 13 -5.22 -9.13 0.42
N GLU A 14 -5.48 -9.71 -0.76
CA GLU A 14 -4.45 -10.08 -1.74
C GLU A 14 -3.75 -8.84 -2.31
N LEU A 15 -4.50 -7.76 -2.58
CA LEU A 15 -3.95 -6.49 -3.05
C LEU A 15 -3.07 -5.79 -1.99
N ALA A 16 -3.44 -5.88 -0.70
CA ALA A 16 -2.67 -5.35 0.41
C ALA A 16 -1.35 -6.13 0.64
N ASP A 17 -1.32 -7.43 0.37
CA ASP A 17 -0.06 -8.19 0.36
C ASP A 17 0.92 -7.65 -0.71
N ARG A 18 0.41 -7.24 -1.89
CA ARG A 18 1.23 -6.63 -2.95
C ARG A 18 1.75 -5.24 -2.60
N VAL A 19 0.98 -4.37 -1.94
CA VAL A 19 1.52 -3.08 -1.44
C VAL A 19 2.55 -3.29 -0.32
N SER A 20 2.32 -4.26 0.56
CA SER A 20 3.25 -4.65 1.63
C SER A 20 4.59 -5.13 1.05
N ARG A 21 4.56 -6.00 0.03
CA ARG A 21 5.74 -6.45 -0.72
C ARG A 21 6.41 -5.35 -1.54
N THR A 22 5.67 -4.40 -2.09
CA THR A 22 6.22 -3.25 -2.82
C THR A 22 6.98 -2.31 -1.89
N VAL A 23 6.43 -2.06 -0.70
CA VAL A 23 7.12 -1.33 0.38
C VAL A 23 8.38 -2.07 0.84
N ALA A 24 8.27 -3.37 1.16
CA ALA A 24 9.39 -4.20 1.59
C ALA A 24 10.54 -4.22 0.56
N ASP A 25 10.23 -4.29 -0.73
CA ASP A 25 11.18 -4.19 -1.85
C ASP A 25 11.84 -2.80 -1.93
N THR A 26 11.06 -1.72 -1.75
CA THR A 26 11.54 -0.33 -1.88
C THR A 26 12.49 0.08 -0.76
N ILE A 27 12.15 -0.23 0.50
CA ILE A 27 12.94 0.15 1.71
C ILE A 27 13.86 -0.97 2.23
N GLY A 28 13.90 -2.13 1.57
CA GLY A 28 14.83 -3.23 1.86
C GLY A 28 14.52 -4.07 3.11
N ARG A 29 13.32 -3.93 3.68
CA ARG A 29 12.85 -4.70 4.84
C ARG A 29 12.43 -6.15 4.46
N PRO A 30 12.55 -7.12 5.38
CA PRO A 30 12.11 -8.51 5.13
C PRO A 30 10.57 -8.63 5.06
N ALA A 31 10.09 -9.66 4.36
CA ALA A 31 8.66 -9.95 4.25
C ALA A 31 8.02 -10.24 5.63
N GLY A 32 6.79 -9.76 5.83
CA GLY A 32 6.02 -9.88 7.07
C GLY A 32 6.38 -8.86 8.18
N SER A 33 7.47 -8.10 8.04
CA SER A 33 7.78 -6.95 8.91
C SER A 33 6.90 -5.73 8.59
N ILE A 34 6.59 -5.54 7.30
CA ILE A 34 5.59 -4.59 6.80
C ILE A 34 4.16 -5.15 7.02
N GLY A 35 3.17 -4.27 7.22
CA GLY A 35 1.75 -4.63 7.39
C GLY A 35 0.78 -3.49 7.10
N GLY A 36 -0.47 -3.83 6.78
CA GLY A 36 -1.51 -2.87 6.33
C GLY A 36 -1.83 -1.77 7.35
N HIS A 37 -1.90 -2.12 8.63
CA HIS A 37 -2.17 -1.20 9.75
C HIS A 37 -0.95 -0.41 10.26
N THR A 38 0.24 -0.62 9.69
CA THR A 38 1.50 -0.09 10.24
C THR A 38 1.72 1.37 9.81
N SER A 39 2.04 2.25 10.76
CA SER A 39 2.25 3.68 10.54
C SER A 39 3.49 3.96 9.68
N LEU A 40 3.46 5.05 8.90
CA LEU A 40 4.58 5.49 8.05
C LEU A 40 5.85 5.78 8.87
N GLU A 41 5.68 6.34 10.07
CA GLU A 41 6.77 6.64 11.03
C GLU A 41 7.40 5.35 11.61
N SER A 42 6.59 4.31 11.84
CA SER A 42 7.06 3.00 12.32
C SER A 42 7.87 2.25 11.25
N MET A 43 7.47 2.38 9.97
CA MET A 43 8.24 1.91 8.81
C MET A 43 9.43 2.81 8.45
N GLY A 44 9.58 3.97 9.11
CA GLY A 44 10.71 4.90 8.93
C GLY A 44 10.74 5.61 7.57
N LEU A 45 9.58 5.83 6.94
CA LEU A 45 9.48 6.39 5.58
C LEU A 45 9.81 7.90 5.55
N ASP A 46 10.96 8.23 4.95
CA ASP A 46 11.31 9.61 4.56
C ASP A 46 10.53 10.08 3.31
N SER A 47 10.51 11.39 3.03
CA SER A 47 9.89 11.95 1.81
C SER A 47 10.48 11.42 0.50
N VAL A 48 11.78 11.11 0.48
CA VAL A 48 12.44 10.46 -0.68
C VAL A 48 11.88 9.05 -0.89
N MET A 49 11.69 8.28 0.20
CA MET A 49 11.08 6.96 0.14
C MET A 49 9.62 7.03 -0.29
N ILE A 50 8.84 8.01 0.17
CA ILE A 50 7.45 8.23 -0.26
C ILE A 50 7.37 8.57 -1.76
N ARG A 51 8.24 9.45 -2.27
CA ARG A 51 8.32 9.76 -3.71
C ARG A 51 8.71 8.56 -4.57
N ALA A 52 9.61 7.69 -4.09
CA ALA A 52 9.95 6.42 -4.74
C ALA A 52 8.81 5.39 -4.67
N LEU A 53 8.12 5.27 -3.53
CA LEU A 53 7.00 4.33 -3.32
C LEU A 53 5.84 4.61 -4.27
N ALA A 54 5.48 5.88 -4.49
CA ALA A 54 4.41 6.25 -5.43
C ALA A 54 4.71 5.74 -6.86
N SER A 55 5.96 5.89 -7.32
CA SER A 55 6.43 5.38 -8.61
C SER A 55 6.43 3.85 -8.67
N ARG A 56 6.92 3.17 -7.63
CA ARG A 56 6.94 1.69 -7.54
C ARG A 56 5.53 1.10 -7.50
N LEU A 57 4.59 1.70 -6.75
CA LEU A 57 3.19 1.29 -6.72
C LEU A 57 2.50 1.49 -8.09
N SER A 58 2.78 2.60 -8.77
CA SER A 58 2.29 2.86 -10.14
C SER A 58 2.80 1.82 -11.15
N ALA A 59 4.05 1.40 -11.04
CA ALA A 59 4.69 0.41 -11.90
C ALA A 59 4.25 -1.04 -11.65
N GLU A 60 3.70 -1.37 -10.46
CA GLU A 60 3.50 -2.77 -10.01
C GLU A 60 2.05 -3.10 -9.66
N VAL A 61 1.27 -2.14 -9.15
CA VAL A 61 -0.05 -2.37 -8.54
C VAL A 61 -1.13 -1.54 -9.24
N ALA A 62 -1.08 -0.21 -9.08
CA ALA A 62 -1.98 0.75 -9.72
C ALA A 62 -1.46 2.21 -9.56
N PRO A 63 -1.82 3.13 -10.48
CA PRO A 63 -1.30 4.50 -10.47
C PRO A 63 -1.68 5.30 -9.22
N VAL A 64 -0.69 6.01 -8.65
CA VAL A 64 -0.83 6.86 -7.46
C VAL A 64 0.31 7.90 -7.42
N GLY A 65 0.02 9.12 -6.96
CA GLY A 65 1.00 10.21 -6.83
C GLY A 65 1.57 10.35 -5.42
N PRO A 66 2.76 10.97 -5.22
CA PRO A 66 3.35 11.19 -3.90
C PRO A 66 2.44 11.98 -2.95
N GLU A 67 1.71 12.97 -3.47
CA GLU A 67 0.75 13.79 -2.69
C GLU A 67 -0.40 12.97 -2.07
N MET A 68 -0.76 11.82 -2.66
CA MET A 68 -1.70 10.87 -2.07
C MET A 68 -1.05 10.11 -0.90
N LEU A 69 0.20 9.63 -1.07
CA LEU A 69 0.96 8.92 -0.03
C LEU A 69 1.27 9.83 1.19
N PHE A 70 1.59 11.10 0.98
CA PHE A 70 1.77 12.09 2.06
C PHE A 70 0.48 12.36 2.86
N GLY A 71 -0.69 12.02 2.31
CA GLY A 71 -2.00 12.12 2.99
C GLY A 71 -2.40 10.88 3.82
N LEU A 72 -1.63 9.78 3.76
CA LEU A 72 -1.96 8.52 4.44
C LEU A 72 -1.74 8.57 5.97
N ARG A 73 -2.57 7.79 6.68
CA ARG A 73 -2.25 7.26 8.02
C ARG A 73 -1.36 6.02 7.91
N ASP A 74 -1.76 5.07 7.07
CA ASP A 74 -1.13 3.75 6.87
C ASP A 74 -1.59 3.14 5.52
N LEU A 75 -1.11 1.92 5.20
CA LEU A 75 -1.34 1.26 3.91
C LEU A 75 -2.79 0.77 3.69
N ASP A 76 -3.59 0.64 4.75
CA ASP A 76 -5.04 0.38 4.69
C ASP A 76 -5.81 1.51 3.97
N GLU A 77 -5.38 2.76 4.15
CA GLU A 77 -5.92 3.92 3.41
C GLU A 77 -5.44 3.99 1.94
N LEU A 78 -4.23 3.47 1.66
CA LEU A 78 -3.68 3.40 0.29
C LEU A 78 -4.41 2.36 -0.55
N VAL A 79 -4.49 1.12 -0.07
CA VAL A 79 -4.99 -0.01 -0.85
C VAL A 79 -6.45 0.17 -1.27
N ASP A 80 -7.24 0.92 -0.48
CA ASP A 80 -8.59 1.35 -0.82
C ASP A 80 -8.66 2.25 -2.08
N HIS A 81 -7.60 3.01 -2.42
CA HIS A 81 -7.51 3.72 -3.70
C HIS A 81 -7.19 2.76 -4.86
N LEU A 82 -6.26 1.83 -4.64
CA LEU A 82 -5.77 0.92 -5.67
C LEU A 82 -6.83 -0.11 -6.14
N VAL A 83 -7.82 -0.45 -5.30
CA VAL A 83 -8.99 -1.29 -5.66
C VAL A 83 -9.78 -0.72 -6.85
N ALA A 84 -9.87 0.61 -6.99
CA ALA A 84 -10.67 1.28 -8.01
C ALA A 84 -10.06 1.23 -9.43
N ALA A 85 -8.78 0.87 -9.57
CA ALA A 85 -8.08 0.78 -10.86
C ALA A 85 -8.44 -0.48 -11.69
N ARG A 86 -8.00 -0.50 -12.95
CA ARG A 86 -8.21 -1.60 -13.92
C ARG A 86 -7.00 -1.77 -14.84
O23 PNS B . 10.97 16.37 1.79
P24 PNS B . 11.60 15.32 2.61
O26 PNS B . 11.31 15.24 4.07
O27 PNS B . 13.17 15.41 2.40
C28 PNS B . 14.03 14.47 2.99
C29 PNS B . 15.51 14.81 2.75
C30 PNS B . 16.30 13.52 3.05
C31 PNS B . 15.76 15.14 1.26
C32 PNS B . 15.99 15.93 3.72
O33 PNS B . 17.35 16.29 3.44
C34 PNS B . 15.06 17.16 3.79
O35 PNS B . 14.30 17.32 4.76
N36 PNS B . 15.13 18.06 2.80
C37 PNS B . 14.19 19.15 2.59
C38 PNS B . 13.44 18.93 1.27
C39 PNS B . 12.18 19.79 1.20
O40 PNS B . 12.26 21.01 1.06
N41 PNS B . 11.01 19.16 1.31
C42 PNS B . 9.69 19.77 1.34
C43 PNS B . 9.22 19.92 2.78
S44 PNS B . 7.56 20.64 2.80
H282 PNS B . 13.81 13.49 2.57
H281 PNS B . 13.83 14.42 4.07
H303 PNS B . 17.37 13.66 2.89
H302 PNS B . 16.15 13.22 4.09
H301 PNS B . 15.95 12.71 2.41
H313 PNS B . 16.82 15.26 1.06
H312 PNS B . 15.36 14.35 0.63
H311 PNS B . 15.25 16.07 0.98
H32 PNS B . 15.98 15.50 4.72
H33 PNS B . 17.69 16.90 4.15
H36 PNS B . 15.83 17.88 2.09
H372 PNS B . 13.47 19.20 3.41
H371 PNS B . 14.72 20.11 2.55
H382 PNS B . 14.09 19.19 0.44
H381 PNS B . 13.16 17.88 1.18
H41 PNS B . 11.03 18.14 1.43
H422 PNS B . 9.72 20.76 0.88
H421 PNS B . 8.99 19.15 0.79
H431 PNS B . 9.20 18.92 3.26
H432 PNS B . 9.90 20.56 3.33
H44 PNS B . 7.40 20.64 4.14
N GLY A 1 -15.78 -8.26 26.75
CA GLY A 1 -14.86 -7.96 25.63
C GLY A 1 -15.48 -6.99 24.62
N PRO A 2 -14.65 -6.25 23.85
CA PRO A 2 -15.11 -5.28 22.86
C PRO A 2 -15.81 -5.94 21.66
N GLY A 3 -16.72 -5.19 21.01
CA GLY A 3 -17.49 -5.62 19.84
C GLY A 3 -16.68 -5.48 18.53
N SER A 4 -15.72 -6.37 18.31
CA SER A 4 -14.91 -6.43 17.07
C SER A 4 -15.76 -6.79 15.84
N ALA A 5 -15.37 -6.28 14.66
CA ALA A 5 -16.09 -6.46 13.40
C ALA A 5 -16.05 -7.92 12.88
N ALA A 6 -17.15 -8.37 12.25
CA ALA A 6 -17.33 -9.73 11.77
C ALA A 6 -17.07 -9.92 10.25
N ALA A 7 -16.74 -8.86 9.50
CA ALA A 7 -16.53 -8.88 8.06
C ALA A 7 -15.35 -9.79 7.63
N ASP A 8 -15.54 -10.57 6.56
CA ASP A 8 -14.59 -11.61 6.11
C ASP A 8 -14.61 -11.86 4.58
N ASP A 9 -15.02 -10.86 3.78
CA ASP A 9 -15.13 -10.97 2.31
C ASP A 9 -13.77 -11.24 1.61
N GLY A 10 -12.66 -10.81 2.21
CA GLY A 10 -11.28 -11.13 1.80
C GLY A 10 -10.75 -10.44 0.53
N ARG A 11 -11.58 -9.64 -0.17
CA ARG A 11 -11.20 -8.99 -1.45
C ARG A 11 -10.08 -7.94 -1.32
N ARG A 12 -10.07 -7.21 -0.19
CA ARG A 12 -9.03 -6.22 0.17
C ARG A 12 -7.66 -6.86 0.41
N ALA A 13 -7.61 -8.07 0.96
CA ALA A 13 -6.36 -8.80 1.22
C ALA A 13 -5.58 -9.14 -0.06
N GLU A 14 -6.27 -9.37 -1.18
CA GLU A 14 -5.66 -9.63 -2.49
C GLU A 14 -4.89 -8.40 -3.03
N LEU A 15 -5.42 -7.19 -2.79
CA LEU A 15 -4.75 -5.92 -3.12
C LEU A 15 -3.66 -5.59 -2.08
N ALA A 16 -3.92 -5.82 -0.79
CA ALA A 16 -2.97 -5.57 0.31
C ALA A 16 -1.67 -6.38 0.15
N ASP A 17 -1.77 -7.61 -0.34
CA ASP A 17 -0.62 -8.50 -0.62
C ASP A 17 0.33 -7.96 -1.71
N ARG A 18 -0.16 -7.15 -2.65
CA ARG A 18 0.68 -6.50 -3.67
C ARG A 18 1.42 -5.28 -3.10
N VAL A 19 0.71 -4.42 -2.36
CA VAL A 19 1.29 -3.18 -1.80
C VAL A 19 2.30 -3.46 -0.69
N SER A 20 2.11 -4.50 0.13
CA SER A 20 3.06 -4.89 1.18
C SER A 20 4.40 -5.36 0.60
N ARG A 21 4.38 -6.17 -0.47
CA ARG A 21 5.58 -6.56 -1.24
C ARG A 21 6.29 -5.38 -1.92
N THR A 22 5.55 -4.31 -2.25
CA THR A 22 6.09 -3.15 -2.96
C THR A 22 6.78 -2.18 -2.00
N VAL A 23 6.16 -1.86 -0.86
CA VAL A 23 6.77 -1.02 0.17
C VAL A 23 7.95 -1.71 0.88
N ALA A 24 7.89 -3.04 1.07
CA ALA A 24 9.01 -3.82 1.58
C ALA A 24 10.27 -3.68 0.71
N ASP A 25 10.11 -3.71 -0.62
CA ASP A 25 11.20 -3.48 -1.58
C ASP A 25 11.76 -2.05 -1.50
N THR A 26 10.91 -1.03 -1.29
CA THR A 26 11.34 0.37 -1.09
C THR A 26 12.21 0.53 0.16
N ILE A 27 11.86 -0.11 1.29
CA ILE A 27 12.61 -0.04 2.56
C ILE A 27 13.69 -1.14 2.72
N GLY A 28 13.88 -2.00 1.72
CA GLY A 28 14.90 -3.07 1.71
C GLY A 28 14.64 -4.26 2.65
N ARG A 29 13.40 -4.44 3.12
CA ARG A 29 12.96 -5.55 4.00
C ARG A 29 12.27 -6.68 3.22
N PRO A 30 12.13 -7.88 3.79
CA PRO A 30 11.19 -8.91 3.30
C PRO A 30 9.74 -8.46 3.54
N ALA A 31 8.79 -9.00 2.76
CA ALA A 31 7.38 -8.63 2.84
C ALA A 31 6.72 -8.97 4.20
N GLY A 32 7.23 -9.98 4.91
CA GLY A 32 6.75 -10.41 6.23
C GLY A 32 6.95 -9.39 7.35
N SER A 33 7.82 -8.38 7.17
CA SER A 33 8.02 -7.27 8.09
C SER A 33 6.87 -6.25 8.08
N ILE A 34 6.05 -6.22 7.04
CA ILE A 34 4.97 -5.25 6.82
C ILE A 34 3.65 -5.75 7.42
N GLY A 35 3.03 -4.96 8.30
CA GLY A 35 1.81 -5.32 9.03
C GLY A 35 0.49 -4.75 8.47
N GLY A 36 0.53 -3.94 7.39
CA GLY A 36 -0.62 -3.28 6.77
C GLY A 36 -1.12 -2.06 7.55
N HIS A 37 -1.48 -2.26 8.83
CA HIS A 37 -1.77 -1.18 9.80
C HIS A 37 -0.52 -0.39 10.24
N THR A 38 0.68 -0.81 9.81
CA THR A 38 1.96 -0.15 10.07
C THR A 38 1.97 1.28 9.51
N SER A 39 2.30 2.27 10.34
CA SER A 39 2.38 3.67 9.91
C SER A 39 3.52 3.91 8.90
N LEU A 40 3.34 4.87 8.00
CA LEU A 40 4.40 5.34 7.11
C LEU A 40 5.59 5.92 7.90
N GLU A 41 5.33 6.49 9.09
CA GLU A 41 6.37 6.94 10.03
C GLU A 41 7.14 5.77 10.68
N SER A 42 6.46 4.65 10.99
CA SER A 42 7.08 3.44 11.56
C SER A 42 7.97 2.72 10.54
N MET A 43 7.63 2.78 9.25
CA MET A 43 8.50 2.36 8.14
C MET A 43 9.63 3.36 7.79
N GLY A 44 9.67 4.51 8.47
CA GLY A 44 10.73 5.53 8.31
C GLY A 44 10.68 6.28 6.98
N LEU A 45 9.51 6.38 6.35
CA LEU A 45 9.32 6.97 5.02
C LEU A 45 9.36 8.50 5.06
N ASP A 46 10.52 9.07 4.72
CA ASP A 46 10.68 10.50 4.41
C ASP A 46 10.02 10.85 3.06
N SER A 47 9.80 12.13 2.74
CA SER A 47 9.15 12.55 1.49
C SER A 47 9.77 11.95 0.22
N VAL A 48 11.10 11.99 0.07
CA VAL A 48 11.85 11.36 -1.02
C VAL A 48 11.57 9.86 -1.13
N MET A 49 11.47 9.17 0.01
CA MET A 49 11.15 7.74 0.07
C MET A 49 9.67 7.45 -0.24
N ILE A 50 8.76 8.39 0.03
CA ILE A 50 7.35 8.35 -0.41
C ILE A 50 7.23 8.59 -1.94
N ARG A 51 8.05 9.47 -2.52
CA ARG A 51 8.17 9.65 -3.99
C ARG A 51 8.70 8.38 -4.65
N ALA A 52 9.67 7.71 -4.04
CA ALA A 52 10.14 6.39 -4.47
C ALA A 52 9.04 5.31 -4.35
N LEU A 53 8.29 5.28 -3.23
CA LEU A 53 7.16 4.37 -3.04
C LEU A 53 6.05 4.58 -4.10
N ALA A 54 5.71 5.83 -4.42
CA ALA A 54 4.75 6.16 -5.49
C ALA A 54 5.20 5.62 -6.86
N SER A 55 6.49 5.74 -7.18
CA SER A 55 7.09 5.17 -8.40
C SER A 55 7.03 3.64 -8.44
N ARG A 56 7.37 2.96 -7.33
CA ARG A 56 7.28 1.50 -7.22
C ARG A 56 5.83 0.99 -7.26
N LEU A 57 4.88 1.66 -6.60
CA LEU A 57 3.45 1.34 -6.69
C LEU A 57 2.92 1.48 -8.13
N SER A 58 3.36 2.51 -8.86
CA SER A 58 3.03 2.68 -10.29
C SER A 58 3.56 1.53 -11.17
N ALA A 59 4.77 1.04 -10.87
CA ALA A 59 5.42 -0.05 -11.59
C ALA A 59 4.92 -1.47 -11.23
N GLU A 60 4.27 -1.67 -10.07
CA GLU A 60 3.97 -3.01 -9.51
C GLU A 60 2.49 -3.26 -9.17
N VAL A 61 1.68 -2.20 -9.00
CA VAL A 61 0.30 -2.29 -8.51
C VAL A 61 -0.64 -1.44 -9.38
N ALA A 62 -0.57 -0.12 -9.29
CA ALA A 62 -1.32 0.84 -10.12
C ALA A 62 -0.71 2.26 -10.02
N PRO A 63 -0.85 3.11 -11.06
CA PRO A 63 -0.35 4.49 -11.05
C PRO A 63 -0.92 5.32 -9.89
N VAL A 64 -0.02 6.02 -9.17
CA VAL A 64 -0.33 6.84 -8.00
C VAL A 64 0.75 7.93 -7.82
N GLY A 65 0.34 9.12 -7.38
CA GLY A 65 1.25 10.24 -7.06
C GLY A 65 1.66 10.29 -5.57
N PRO A 66 2.77 10.92 -5.21
CA PRO A 66 3.19 11.07 -3.81
C PRO A 66 2.22 11.90 -2.97
N GLU A 67 1.47 12.82 -3.59
CA GLU A 67 0.45 13.65 -2.94
C GLU A 67 -0.76 12.86 -2.41
N MET A 68 -1.07 11.70 -3.02
CA MET A 68 -2.02 10.73 -2.47
C MET A 68 -1.50 10.11 -1.18
N LEU A 69 -0.21 9.76 -1.13
CA LEU A 69 0.44 9.07 -0.02
C LEU A 69 0.74 9.97 1.19
N PHE A 70 1.10 11.24 0.97
CA PHE A 70 1.42 12.21 2.03
C PHE A 70 0.29 12.42 3.04
N GLY A 71 -0.97 12.27 2.63
CA GLY A 71 -2.16 12.43 3.47
C GLY A 71 -2.56 11.22 4.32
N LEU A 72 -1.90 10.06 4.14
CA LEU A 72 -2.28 8.79 4.77
C LEU A 72 -1.49 8.50 6.05
N ARG A 73 -2.10 7.75 6.98
CA ARG A 73 -1.42 7.13 8.13
C ARG A 73 -0.64 5.89 7.70
N ASP A 74 -1.24 5.00 6.91
CA ASP A 74 -0.80 3.61 6.72
C ASP A 74 -1.29 3.01 5.39
N LEU A 75 -0.95 1.73 5.14
CA LEU A 75 -1.27 1.02 3.89
C LEU A 75 -2.74 0.59 3.81
N ASP A 76 -3.44 0.42 4.94
CA ASP A 76 -4.87 0.11 4.98
C ASP A 76 -5.75 1.27 4.45
N GLU A 77 -5.26 2.51 4.55
CA GLU A 77 -5.86 3.68 3.88
C GLU A 77 -5.48 3.80 2.39
N LEU A 78 -4.30 3.31 1.96
CA LEU A 78 -3.89 3.28 0.55
C LEU A 78 -4.68 2.22 -0.24
N VAL A 79 -4.78 0.99 0.29
CA VAL A 79 -5.49 -0.12 -0.37
C VAL A 79 -6.98 0.18 -0.60
N ASP A 80 -7.58 1.06 0.23
CA ASP A 80 -8.96 1.54 0.07
C ASP A 80 -9.22 2.27 -1.27
N HIS A 81 -8.19 2.92 -1.84
CA HIS A 81 -8.25 3.51 -3.18
C HIS A 81 -8.22 2.42 -4.27
N LEU A 82 -7.44 1.36 -4.08
CA LEU A 82 -7.26 0.27 -5.04
C LEU A 82 -8.50 -0.62 -5.16
N VAL A 83 -9.16 -0.95 -4.05
CA VAL A 83 -10.42 -1.71 -4.03
C VAL A 83 -11.60 -0.92 -4.63
N ALA A 84 -11.52 0.42 -4.65
CA ALA A 84 -12.53 1.33 -5.21
C ALA A 84 -12.17 1.90 -6.62
N ALA A 85 -11.09 1.41 -7.25
CA ALA A 85 -10.57 1.94 -8.52
C ALA A 85 -11.54 1.75 -9.70
N ARG A 86 -11.47 2.67 -10.67
CA ARG A 86 -12.30 2.74 -11.88
C ARG A 86 -11.55 3.39 -13.05
O23 PNS B . 12.06 16.35 0.59
P24 PNS B . 10.62 16.00 0.50
O26 PNS B . 10.00 15.87 -0.85
O27 PNS B . 9.77 17.05 1.33
C28 PNS B . 10.19 17.47 2.61
C29 PNS B . 9.19 18.43 3.29
C30 PNS B . 9.02 19.67 2.37
C31 PNS B . 7.83 17.71 3.42
C32 PNS B . 9.75 18.80 4.70
O33 PNS B . 11.07 19.38 4.58
C34 PNS B . 8.85 19.66 5.65
O35 PNS B . 7.90 20.32 5.24
N36 PNS B . 9.13 19.74 6.95
C37 PNS B . 10.25 19.13 7.66
C38 PNS B . 11.43 20.11 7.72
C39 PNS B . 12.75 19.37 7.84
O40 PNS B . 13.37 19.37 8.90
N41 PNS B . 13.17 18.73 6.74
C42 PNS B . 14.39 17.94 6.64
C43 PNS B . 15.35 18.57 5.62
S44 PNS B . 14.64 18.49 3.94
H282 PNS B . 11.17 17.94 2.53
H281 PNS B . 10.32 16.59 3.25
H303 PNS B . 8.63 19.37 1.38
H302 PNS B . 8.32 20.38 2.78
H301 PNS B . 9.99 20.16 2.21
H313 PNS B . 7.47 17.37 2.45
H312 PNS B . 7.93 16.84 4.07
H311 PNS B . 7.06 18.37 3.83
H32 PNS B . 9.87 17.85 5.20
H33 PNS B . 10.99 20.26 4.18
H36 PNS B . 8.51 20.32 7.50
H372 PNS B . 9.96 18.87 8.68
H371 PNS B . 10.55 18.20 7.17
H382 PNS B . 11.47 20.71 6.80
H381 PNS B . 11.29 20.78 8.55
H41 PNS B . 12.60 18.83 5.91
H422 PNS B . 14.90 17.87 7.59
H421 PNS B . 14.14 16.93 6.31
H431 PNS B . 15.53 19.61 5.89
H432 PNS B . 16.28 18.03 5.64
H44 PNS B . 14.58 17.14 3.86
N GLY A 1 -32.86 -5.84 2.14
CA GLY A 1 -33.40 -6.85 3.06
C GLY A 1 -33.16 -6.50 4.52
N PRO A 2 -33.10 -7.50 5.43
CA PRO A 2 -32.83 -7.31 6.87
C PRO A 2 -31.47 -6.68 7.19
N GLY A 3 -31.31 -6.17 8.40
CA GLY A 3 -30.04 -5.62 8.91
C GLY A 3 -28.91 -6.65 8.99
N SER A 4 -27.68 -6.20 8.80
CA SER A 4 -26.46 -7.04 8.70
C SER A 4 -25.19 -6.29 9.13
N ALA A 5 -24.05 -7.00 9.22
CA ALA A 5 -22.75 -6.51 9.66
C ALA A 5 -21.59 -7.06 8.79
N ALA A 6 -20.41 -6.45 8.90
CA ALA A 6 -19.23 -6.72 8.06
C ALA A 6 -19.49 -6.54 6.54
N ALA A 7 -18.58 -7.02 5.69
CA ALA A 7 -18.62 -6.88 4.23
C ALA A 7 -18.09 -8.13 3.51
N ASP A 8 -18.44 -8.27 2.22
CA ASP A 8 -18.11 -9.44 1.37
C ASP A 8 -17.25 -9.11 0.13
N ASP A 9 -16.80 -7.87 -0.02
CA ASP A 9 -15.92 -7.42 -1.13
C ASP A 9 -14.43 -7.77 -0.84
N GLY A 10 -14.06 -9.01 -1.11
CA GLY A 10 -12.72 -9.58 -0.82
C GLY A 10 -11.58 -9.14 -1.74
N ARG A 11 -11.84 -8.33 -2.78
CA ARG A 11 -10.85 -7.93 -3.80
C ARG A 11 -9.61 -7.24 -3.21
N ARG A 12 -9.80 -6.40 -2.19
CA ARG A 12 -8.75 -5.56 -1.59
C ARG A 12 -7.63 -6.36 -0.90
N ALA A 13 -7.92 -7.57 -0.43
CA ALA A 13 -6.93 -8.47 0.20
C ALA A 13 -5.86 -8.96 -0.79
N GLU A 14 -6.20 -9.13 -2.07
CA GLU A 14 -5.24 -9.49 -3.13
C GLU A 14 -4.23 -8.37 -3.40
N LEU A 15 -4.66 -7.11 -3.33
CA LEU A 15 -3.80 -5.93 -3.45
C LEU A 15 -2.97 -5.71 -2.17
N ALA A 16 -3.52 -6.00 -0.99
CA ALA A 16 -2.82 -5.78 0.29
C ALA A 16 -1.50 -6.58 0.41
N ASP A 17 -1.49 -7.83 -0.06
CA ASP A 17 -0.31 -8.68 -0.15
C ASP A 17 0.78 -8.13 -1.10
N ARG A 18 0.35 -7.49 -2.21
CA ARG A 18 1.23 -6.87 -3.21
C ARG A 18 1.80 -5.55 -2.70
N VAL A 19 0.98 -4.72 -2.05
CA VAL A 19 1.36 -3.45 -1.42
C VAL A 19 2.43 -3.66 -0.35
N SER A 20 2.22 -4.56 0.62
CA SER A 20 3.16 -4.77 1.72
C SER A 20 4.53 -5.25 1.25
N ARG A 21 4.58 -6.17 0.27
CA ARG A 21 5.80 -6.65 -0.38
C ARG A 21 6.51 -5.58 -1.21
N THR A 22 5.76 -4.72 -1.90
CA THR A 22 6.32 -3.59 -2.69
C THR A 22 6.95 -2.55 -1.77
N VAL A 23 6.30 -2.23 -0.65
CA VAL A 23 6.84 -1.37 0.40
C VAL A 23 8.11 -1.97 1.01
N ALA A 24 8.08 -3.25 1.40
CA ALA A 24 9.21 -3.95 1.99
C ALA A 24 10.45 -3.93 1.08
N ASP A 25 10.28 -4.29 -0.20
CA ASP A 25 11.36 -4.30 -1.21
C ASP A 25 11.92 -2.88 -1.46
N THR A 26 11.07 -1.85 -1.46
CA THR A 26 11.50 -0.45 -1.64
C THR A 26 12.35 0.06 -0.47
N ILE A 27 12.00 -0.27 0.78
CA ILE A 27 12.79 0.08 1.98
C ILE A 27 13.92 -0.93 2.29
N GLY A 28 14.11 -1.96 1.46
CA GLY A 28 15.19 -2.96 1.58
C GLY A 28 15.01 -4.00 2.70
N ARG A 29 13.78 -4.18 3.22
CA ARG A 29 13.40 -5.15 4.27
C ARG A 29 12.83 -6.45 3.67
N PRO A 30 12.88 -7.59 4.40
CA PRO A 30 12.28 -8.84 3.94
C PRO A 30 10.74 -8.78 3.87
N ALA A 31 10.15 -9.59 2.98
CA ALA A 31 8.71 -9.65 2.75
C ALA A 31 7.92 -10.17 3.97
N GLY A 32 6.66 -9.74 4.09
CA GLY A 32 5.71 -10.18 5.12
C GLY A 32 5.84 -9.51 6.49
N SER A 33 6.98 -8.85 6.79
CA SER A 33 7.18 -8.05 8.01
C SER A 33 6.37 -6.76 8.03
N ILE A 34 6.04 -6.21 6.86
CA ILE A 34 5.16 -5.05 6.67
C ILE A 34 3.68 -5.48 6.78
N GLY A 35 2.86 -4.75 7.55
CA GLY A 35 1.43 -5.01 7.73
C GLY A 35 0.57 -3.77 7.46
N GLY A 36 -0.67 -3.95 7.00
CA GLY A 36 -1.55 -2.88 6.52
C GLY A 36 -1.81 -1.76 7.54
N HIS A 37 -1.98 -2.12 8.81
CA HIS A 37 -2.25 -1.19 9.91
C HIS A 37 -1.01 -0.38 10.38
N THR A 38 0.18 -0.68 9.87
CA THR A 38 1.44 -0.01 10.26
C THR A 38 1.49 1.43 9.74
N SER A 39 1.78 2.38 10.63
CA SER A 39 1.93 3.81 10.29
C SER A 39 3.12 4.06 9.35
N LEU A 40 2.99 5.03 8.44
CA LEU A 40 4.09 5.47 7.56
C LEU A 40 5.26 6.11 8.35
N GLU A 41 4.98 6.67 9.53
CA GLU A 41 5.99 7.17 10.47
C GLU A 41 6.75 6.02 11.18
N SER A 42 6.07 4.91 11.49
CA SER A 42 6.68 3.71 12.10
C SER A 42 7.66 3.03 11.14
N MET A 43 7.34 3.00 9.84
CA MET A 43 8.24 2.57 8.76
C MET A 43 9.34 3.59 8.42
N GLY A 44 9.33 4.79 9.03
CA GLY A 44 10.37 5.81 8.88
C GLY A 44 10.49 6.40 7.48
N LEU A 45 9.39 6.49 6.73
CA LEU A 45 9.38 6.91 5.32
C LEU A 45 9.71 8.40 5.16
N ASP A 46 10.83 8.69 4.49
CA ASP A 46 11.27 10.05 4.13
C ASP A 46 10.53 10.63 2.91
N SER A 47 10.63 11.95 2.73
CA SER A 47 10.18 12.70 1.53
C SER A 47 10.60 12.06 0.20
N VAL A 48 11.86 11.65 0.07
CA VAL A 48 12.42 10.92 -1.09
C VAL A 48 11.84 9.51 -1.21
N MET A 49 11.71 8.79 -0.09
CA MET A 49 11.22 7.40 -0.07
C MET A 49 9.73 7.31 -0.44
N ILE A 50 8.92 8.30 -0.07
CA ILE A 50 7.51 8.39 -0.49
C ILE A 50 7.39 8.65 -2.00
N ARG A 51 8.26 9.49 -2.57
CA ARG A 51 8.34 9.71 -4.03
C ARG A 51 8.77 8.44 -4.79
N ALA A 52 9.71 7.67 -4.23
CA ALA A 52 10.07 6.34 -4.76
C ALA A 52 8.91 5.34 -4.67
N LEU A 53 8.21 5.28 -3.53
CA LEU A 53 7.04 4.41 -3.33
C LEU A 53 5.90 4.71 -4.30
N ALA A 54 5.63 6.00 -4.59
CA ALA A 54 4.62 6.38 -5.59
C ALA A 54 4.94 5.79 -6.98
N SER A 55 6.20 5.88 -7.42
CA SER A 55 6.66 5.26 -8.68
C SER A 55 6.57 3.73 -8.64
N ARG A 56 7.02 3.09 -7.55
CA ARG A 56 7.00 1.62 -7.37
C ARG A 56 5.59 1.03 -7.38
N LEU A 57 4.65 1.67 -6.68
CA LEU A 57 3.22 1.31 -6.67
C LEU A 57 2.57 1.56 -8.04
N SER A 58 2.85 2.70 -8.68
CA SER A 58 2.30 3.04 -10.00
C SER A 58 2.75 2.05 -11.09
N ALA A 59 4.01 1.60 -11.05
CA ALA A 59 4.59 0.68 -12.03
C ALA A 59 4.09 -0.78 -11.93
N GLU A 60 3.71 -1.26 -10.74
CA GLU A 60 3.50 -2.69 -10.47
C GLU A 60 2.22 -3.05 -9.66
N VAL A 61 1.49 -2.07 -9.11
CA VAL A 61 0.24 -2.30 -8.36
C VAL A 61 -0.93 -1.56 -9.01
N ALA A 62 -0.99 -0.23 -8.86
CA ALA A 62 -1.92 0.67 -9.56
C ALA A 62 -1.47 2.15 -9.44
N PRO A 63 -1.90 3.06 -10.35
CA PRO A 63 -1.44 4.45 -10.38
C PRO A 63 -1.70 5.24 -9.09
N VAL A 64 -0.66 5.92 -8.59
CA VAL A 64 -0.72 6.81 -7.42
C VAL A 64 0.41 7.85 -7.47
N GLY A 65 0.15 9.07 -6.98
CA GLY A 65 1.13 10.17 -6.86
C GLY A 65 1.54 10.44 -5.40
N PRO A 66 2.76 10.95 -5.14
CA PRO A 66 3.24 11.21 -3.78
C PRO A 66 2.44 12.30 -3.06
N GLU A 67 1.83 13.23 -3.81
CA GLU A 67 0.91 14.25 -3.29
C GLU A 67 -0.32 13.64 -2.58
N MET A 68 -0.77 12.45 -3.02
CA MET A 68 -1.83 11.66 -2.35
C MET A 68 -1.28 10.87 -1.15
N LEU A 69 -0.07 10.31 -1.28
CA LEU A 69 0.59 9.54 -0.21
C LEU A 69 0.88 10.37 1.06
N PHE A 70 1.17 11.66 0.93
CA PHE A 70 1.40 12.56 2.08
C PHE A 70 0.18 12.69 3.04
N GLY A 71 -1.03 12.42 2.55
CA GLY A 71 -2.28 12.47 3.33
C GLY A 71 -2.60 11.21 4.14
N LEU A 72 -1.86 10.12 3.95
CA LEU A 72 -2.11 8.80 4.56
C LEU A 72 -1.74 8.72 6.05
N ARG A 73 -2.50 7.91 6.79
CA ARG A 73 -2.09 7.33 8.08
C ARG A 73 -1.18 6.10 7.89
N ASP A 74 -1.61 5.17 7.02
CA ASP A 74 -1.11 3.80 6.93
C ASP A 74 -1.39 3.16 5.54
N LEU A 75 -0.98 1.90 5.36
CA LEU A 75 -1.16 1.15 4.11
C LEU A 75 -2.58 0.60 3.90
N ASP A 76 -3.36 0.38 4.97
CA ASP A 76 -4.76 -0.05 4.91
C ASP A 76 -5.68 1.03 4.28
N GLU A 77 -5.37 2.31 4.51
CA GLU A 77 -6.00 3.44 3.81
C GLU A 77 -5.56 3.55 2.33
N LEU A 78 -4.29 3.27 2.03
CA LEU A 78 -3.69 3.34 0.70
C LEU A 78 -4.20 2.24 -0.24
N VAL A 79 -4.27 0.99 0.21
CA VAL A 79 -4.73 -0.14 -0.62
C VAL A 79 -6.20 0.02 -1.06
N ASP A 80 -7.02 0.78 -0.33
CA ASP A 80 -8.41 1.09 -0.70
C ASP A 80 -8.53 1.98 -1.96
N HIS A 81 -7.49 2.77 -2.29
CA HIS A 81 -7.35 3.43 -3.59
C HIS A 81 -6.92 2.42 -4.68
N LEU A 82 -5.92 1.59 -4.38
CA LEU A 82 -5.27 0.70 -5.35
C LEU A 82 -6.13 -0.52 -5.78
N VAL A 83 -7.15 -0.90 -5.01
CA VAL A 83 -8.17 -1.90 -5.45
C VAL A 83 -9.14 -1.32 -6.49
N ALA A 84 -9.43 -0.01 -6.44
CA ALA A 84 -10.30 0.68 -7.39
C ALA A 84 -9.55 1.12 -8.67
N ALA A 85 -8.34 1.68 -8.52
CA ALA A 85 -7.47 2.11 -9.61
C ALA A 85 -6.78 0.95 -10.36
N ARG A 86 -6.41 1.18 -11.62
CA ARG A 86 -5.53 0.33 -12.45
C ARG A 86 -4.91 1.10 -13.62
O23 PNS B . 12.31 15.68 3.74
P24 PNS B . 12.94 15.33 2.45
O26 PNS B . 14.39 15.01 2.40
O27 PNS B . 12.63 16.51 1.41
C28 PNS B . 13.28 16.56 0.16
C29 PNS B . 12.75 17.74 -0.70
C30 PNS B . 13.49 17.70 -2.06
C31 PNS B . 11.24 17.47 -0.99
C32 PNS B . 12.94 19.07 0.07
O33 PNS B . 14.34 19.30 0.32
C34 PNS B . 12.27 20.30 -0.60
O35 PNS B . 11.14 20.67 -0.24
N36 PNS B . 12.95 20.94 -1.54
C37 PNS B . 12.51 22.12 -2.27
C38 PNS B . 11.87 21.70 -3.59
C39 PNS B . 11.34 22.89 -4.37
O40 PNS B . 12.03 23.41 -5.24
N41 PNS B . 10.11 23.37 -4.12
C42 PNS B . 9.16 22.96 -3.09
C43 PNS B . 8.62 24.18 -2.35
S44 PNS B . 9.96 25.05 -1.46
H282 PNS B . 13.10 15.61 -0.38
H281 PNS B . 14.35 16.66 0.30
H303 PNS B . 13.10 18.47 -2.72
H302 PNS B . 14.56 17.87 -1.91
H301 PNS B . 13.35 16.74 -2.53
H313 PNS B . 10.66 17.53 -0.06
H312 PNS B . 10.86 18.20 -1.69
H311 PNS B . 11.10 16.48 -1.42
H32 PNS B . 12.45 18.96 1.04
H33 PNS B . 14.44 20.08 0.91
H36 PNS B . 13.88 20.59 -1.74
H372 PNS B . 11.78 22.69 -1.68
H371 PNS B . 13.37 22.77 -2.48
H382 PNS B . 12.62 21.19 -4.20
H381 PNS B . 11.07 20.98 -3.40
H41 PNS B . 9.85 24.16 -4.70
H422 PNS B . 8.34 22.43 -3.57
H421 PNS B . 9.61 22.29 -2.37
H431 PNS B . 8.14 24.87 -3.05
H432 PNS B . 7.86 23.85 -1.63
H44 PNS B . 10.70 25.31 -2.56
N GLY A 1 -30.28 -9.78 -2.20
CA GLY A 1 -29.11 -9.59 -3.09
C GLY A 1 -28.29 -10.87 -3.23
N PRO A 2 -27.49 -11.00 -4.32
CA PRO A 2 -26.69 -12.19 -4.59
C PRO A 2 -25.52 -12.35 -3.61
N GLY A 3 -25.21 -13.60 -3.25
CA GLY A 3 -24.11 -13.93 -2.33
C GLY A 3 -22.70 -13.73 -2.90
N SER A 4 -22.57 -13.66 -4.24
CA SER A 4 -21.30 -13.46 -4.96
C SER A 4 -20.61 -12.13 -4.62
N ALA A 5 -21.38 -11.10 -4.26
CA ALA A 5 -20.87 -9.77 -3.89
C ALA A 5 -19.97 -9.77 -2.64
N ALA A 6 -20.18 -10.72 -1.71
CA ALA A 6 -19.37 -10.84 -0.49
C ALA A 6 -17.94 -11.34 -0.74
N ALA A 7 -17.73 -12.14 -1.81
CA ALA A 7 -16.42 -12.69 -2.16
C ALA A 7 -15.44 -11.66 -2.74
N ASP A 8 -15.95 -10.56 -3.30
CA ASP A 8 -15.14 -9.50 -3.93
C ASP A 8 -14.25 -8.70 -2.96
N ASP A 9 -14.56 -8.72 -1.66
CA ASP A 9 -13.78 -8.04 -0.60
C ASP A 9 -12.35 -8.60 -0.45
N GLY A 10 -12.11 -9.84 -0.88
CA GLY A 10 -10.78 -10.48 -0.85
C GLY A 10 -9.74 -9.81 -1.76
N ARG A 11 -10.16 -9.08 -2.79
CA ARG A 11 -9.29 -8.34 -3.71
C ARG A 11 -8.51 -7.21 -3.00
N ARG A 12 -9.13 -6.49 -2.07
CA ARG A 12 -8.45 -5.43 -1.27
C ARG A 12 -7.33 -6.01 -0.40
N ALA A 13 -7.55 -7.18 0.21
CA ALA A 13 -6.54 -7.89 0.99
C ALA A 13 -5.41 -8.48 0.12
N GLU A 14 -5.74 -9.01 -1.06
CA GLU A 14 -4.76 -9.50 -2.05
C GLU A 14 -3.86 -8.35 -2.56
N LEU A 15 -4.43 -7.16 -2.80
CA LEU A 15 -3.67 -5.95 -3.13
C LEU A 15 -2.82 -5.48 -1.96
N ALA A 16 -3.36 -5.46 -0.73
CA ALA A 16 -2.63 -5.01 0.47
C ALA A 16 -1.35 -5.83 0.73
N ASP A 17 -1.37 -7.13 0.42
CA ASP A 17 -0.18 -7.99 0.51
C ASP A 17 0.93 -7.56 -0.45
N ARG A 18 0.64 -7.40 -1.75
CA ARG A 18 1.65 -7.00 -2.75
C ARG A 18 2.10 -5.55 -2.57
N VAL A 19 1.23 -4.67 -2.06
CA VAL A 19 1.55 -3.31 -1.64
C VAL A 19 2.57 -3.34 -0.50
N SER A 20 2.31 -4.11 0.57
CA SER A 20 3.24 -4.26 1.71
C SER A 20 4.58 -4.85 1.29
N ARG A 21 4.60 -5.84 0.40
CA ARG A 21 5.81 -6.45 -0.19
C ARG A 21 6.61 -5.46 -1.05
N THR A 22 5.93 -4.61 -1.83
CA THR A 22 6.55 -3.56 -2.66
C THR A 22 7.18 -2.46 -1.79
N VAL A 23 6.48 -2.06 -0.72
CA VAL A 23 6.97 -1.11 0.29
C VAL A 23 8.24 -1.64 0.97
N ALA A 24 8.21 -2.87 1.47
CA ALA A 24 9.34 -3.53 2.12
C ALA A 24 10.57 -3.62 1.19
N ASP A 25 10.37 -4.05 -0.06
CA ASP A 25 11.42 -4.15 -1.08
C ASP A 25 12.05 -2.78 -1.40
N THR A 26 11.25 -1.72 -1.47
CA THR A 26 11.72 -0.36 -1.80
C THR A 26 12.55 0.25 -0.67
N ILE A 27 12.16 0.07 0.60
CA ILE A 27 12.93 0.54 1.77
C ILE A 27 14.12 -0.36 2.16
N GLY A 28 14.28 -1.52 1.51
CA GLY A 28 15.37 -2.48 1.76
C GLY A 28 15.19 -3.25 3.07
N ARG A 29 14.00 -3.82 3.30
CA ARG A 29 13.64 -4.62 4.48
C ARG A 29 12.94 -5.94 4.10
N PRO A 30 13.00 -6.98 4.95
CA PRO A 30 12.36 -8.26 4.66
C PRO A 30 10.83 -8.14 4.58
N ALA A 31 10.24 -8.91 3.66
CA ALA A 31 8.84 -8.74 3.24
C ALA A 31 7.80 -8.97 4.35
N GLY A 32 8.08 -9.87 5.30
CA GLY A 32 7.16 -10.24 6.40
C GLY A 32 6.99 -9.16 7.49
N SER A 33 7.93 -8.21 7.60
CA SER A 33 7.95 -7.18 8.65
C SER A 33 6.98 -6.02 8.40
N ILE A 34 6.58 -5.78 7.15
CA ILE A 34 5.61 -4.75 6.75
C ILE A 34 4.24 -5.42 6.49
N GLY A 35 3.15 -4.75 6.89
CA GLY A 35 1.77 -5.18 6.65
C GLY A 35 0.78 -4.03 6.55
N GLY A 36 -0.44 -4.30 6.09
CA GLY A 36 -1.46 -3.30 5.77
C GLY A 36 -1.79 -2.34 6.93
N HIS A 37 -1.82 -2.86 8.16
CA HIS A 37 -2.10 -2.12 9.40
C HIS A 37 -0.95 -1.20 9.86
N THR A 38 0.25 -1.35 9.31
CA THR A 38 1.45 -0.58 9.70
C THR A 38 1.34 0.86 9.19
N SER A 39 1.55 1.85 10.07
CA SER A 39 1.53 3.26 9.69
C SER A 39 2.79 3.68 8.92
N LEU A 40 2.65 4.69 8.04
CA LEU A 40 3.77 5.26 7.29
C LEU A 40 4.81 5.96 8.20
N GLU A 41 4.38 6.40 9.39
CA GLU A 41 5.26 6.92 10.45
C GLU A 41 6.09 5.81 11.13
N SER A 42 5.51 4.62 11.37
CA SER A 42 6.23 3.46 11.93
C SER A 42 7.34 2.94 11.00
N MET A 43 7.18 3.12 9.68
CA MET A 43 8.20 2.79 8.67
C MET A 43 9.36 3.79 8.62
N GLY A 44 9.22 4.97 9.25
CA GLY A 44 10.25 6.02 9.26
C GLY A 44 10.54 6.64 7.89
N LEU A 45 9.55 6.66 6.98
CA LEU A 45 9.71 7.08 5.59
C LEU A 45 10.11 8.55 5.43
N ASP A 46 11.12 8.80 4.59
CA ASP A 46 11.43 10.12 4.02
C ASP A 46 10.51 10.45 2.83
N SER A 47 10.40 11.72 2.47
CA SER A 47 9.70 12.17 1.25
C SER A 47 10.26 11.53 -0.03
N VAL A 48 11.59 11.43 -0.15
CA VAL A 48 12.29 10.74 -1.26
C VAL A 48 11.90 9.26 -1.35
N MET A 49 11.79 8.56 -0.21
CA MET A 49 11.28 7.18 -0.19
C MET A 49 9.79 7.12 -0.57
N ILE A 50 8.97 8.07 -0.14
CA ILE A 50 7.55 8.14 -0.52
C ILE A 50 7.37 8.33 -2.04
N ARG A 51 8.21 9.14 -2.69
CA ARG A 51 8.23 9.26 -4.16
C ARG A 51 8.62 7.95 -4.84
N ALA A 52 9.59 7.20 -4.29
CA ALA A 52 9.95 5.87 -4.77
C ALA A 52 8.82 4.84 -4.57
N LEU A 53 8.16 4.81 -3.40
CA LEU A 53 6.98 3.99 -3.11
C LEU A 53 5.87 4.26 -4.15
N ALA A 54 5.50 5.52 -4.35
CA ALA A 54 4.45 5.91 -5.30
C ALA A 54 4.79 5.51 -6.75
N SER A 55 6.05 5.65 -7.16
CA SER A 55 6.52 5.23 -8.50
C SER A 55 6.49 3.70 -8.68
N ARG A 56 6.93 2.92 -7.68
CA ARG A 56 6.91 1.45 -7.70
C ARG A 56 5.48 0.90 -7.70
N LEU A 57 4.59 1.48 -6.91
CA LEU A 57 3.15 1.14 -6.91
C LEU A 57 2.48 1.46 -8.25
N SER A 58 2.81 2.60 -8.88
CA SER A 58 2.32 2.96 -10.22
C SER A 58 2.81 2.00 -11.31
N ALA A 59 4.03 1.46 -11.17
CA ALA A 59 4.62 0.50 -12.11
C ALA A 59 4.13 -0.96 -11.94
N GLU A 60 3.59 -1.35 -10.77
CA GLU A 60 3.39 -2.76 -10.40
C GLU A 60 2.00 -3.09 -9.82
N VAL A 61 1.20 -2.09 -9.40
CA VAL A 61 -0.10 -2.30 -8.75
C VAL A 61 -1.19 -1.42 -9.41
N ALA A 62 -1.13 -0.09 -9.21
CA ALA A 62 -2.01 0.91 -9.83
C ALA A 62 -1.44 2.34 -9.66
N PRO A 63 -1.72 3.28 -10.58
CA PRO A 63 -1.16 4.64 -10.55
C PRO A 63 -1.55 5.39 -9.28
N VAL A 64 -0.59 6.07 -8.65
CA VAL A 64 -0.75 6.77 -7.36
C VAL A 64 0.26 7.92 -7.20
N GLY A 65 -0.16 9.01 -6.55
CA GLY A 65 0.67 10.18 -6.26
C GLY A 65 1.30 10.14 -4.87
N PRO A 66 2.56 10.62 -4.69
CA PRO A 66 3.21 10.70 -3.38
C PRO A 66 2.50 11.68 -2.41
N GLU A 67 1.75 12.63 -2.95
CA GLU A 67 0.90 13.57 -2.18
C GLU A 67 -0.16 12.85 -1.32
N MET A 68 -0.62 11.67 -1.74
CA MET A 68 -1.53 10.83 -0.95
C MET A 68 -0.81 10.26 0.28
N LEU A 69 0.40 9.73 0.12
CA LEU A 69 1.19 9.15 1.21
C LEU A 69 1.69 10.21 2.22
N PHE A 70 1.79 11.49 1.82
CA PHE A 70 2.03 12.60 2.75
C PHE A 70 0.83 12.87 3.69
N GLY A 71 -0.40 12.52 3.29
CA GLY A 71 -1.64 12.77 4.04
C GLY A 71 -2.21 11.55 4.78
N LEU A 72 -2.19 10.37 4.14
CA LEU A 72 -2.74 9.12 4.68
C LEU A 72 -1.88 8.51 5.80
N ARG A 73 -2.50 7.77 6.72
CA ARG A 73 -1.86 7.21 7.92
C ARG A 73 -1.15 5.88 7.69
N ASP A 74 -1.75 4.98 6.90
CA ASP A 74 -1.32 3.58 6.75
C ASP A 74 -1.64 3.01 5.35
N LEU A 75 -1.20 1.78 5.08
CA LEU A 75 -1.40 1.10 3.80
C LEU A 75 -2.84 0.62 3.57
N ASP A 76 -3.64 0.38 4.63
CA ASP A 76 -5.08 0.06 4.53
C ASP A 76 -5.91 1.23 3.95
N GLU A 77 -5.59 2.48 4.30
CA GLU A 77 -6.18 3.67 3.68
C GLU A 77 -5.69 3.88 2.22
N LEU A 78 -4.41 3.61 1.97
CA LEU A 78 -3.78 3.79 0.65
C LEU A 78 -4.29 2.77 -0.38
N VAL A 79 -4.41 1.49 -0.02
CA VAL A 79 -4.92 0.43 -0.92
C VAL A 79 -6.38 0.64 -1.33
N ASP A 80 -7.17 1.38 -0.54
CA ASP A 80 -8.55 1.76 -0.89
C ASP A 80 -8.65 2.63 -2.17
N HIS A 81 -7.57 3.37 -2.51
CA HIS A 81 -7.41 4.01 -3.83
C HIS A 81 -6.96 3.01 -4.90
N LEU A 82 -5.99 2.15 -4.61
CA LEU A 82 -5.41 1.21 -5.58
C LEU A 82 -6.41 0.15 -6.07
N VAL A 83 -7.33 -0.32 -5.21
CA VAL A 83 -8.42 -1.25 -5.57
C VAL A 83 -9.44 -0.62 -6.52
N ALA A 84 -9.70 0.69 -6.40
CA ALA A 84 -10.51 1.47 -7.34
C ALA A 84 -9.74 1.90 -8.61
N ALA A 85 -8.41 1.99 -8.53
CA ALA A 85 -7.51 2.54 -9.56
C ALA A 85 -7.92 3.95 -10.05
N ARG A 86 -8.44 4.77 -9.14
CA ARG A 86 -9.09 6.07 -9.40
C ARG A 86 -8.77 7.10 -8.32
O23 PNS B . 12.85 15.91 1.19
P24 PNS B . 11.39 15.72 1.02
O26 PNS B . 10.75 16.14 -0.25
O27 PNS B . 10.62 16.40 2.24
C28 PNS B . 11.04 16.15 3.57
C29 PNS B . 10.12 16.84 4.62
C30 PNS B . 10.14 18.38 4.43
C31 PNS B . 8.66 16.39 4.36
C32 PNS B . 10.53 16.46 6.08
O33 PNS B . 10.44 15.04 6.23
C34 PNS B . 11.90 16.99 6.59
O35 PNS B . 12.83 17.28 5.83
N36 PNS B . 12.15 17.09 7.90
C37 PNS B . 11.25 16.82 9.03
C38 PNS B . 11.11 18.08 9.89
C39 PNS B . 10.38 19.22 9.19
O40 PNS B . 11.01 20.15 8.69
N41 PNS B . 9.04 19.16 9.13
C42 PNS B . 8.18 20.17 8.53
C43 PNS B . 7.75 21.18 9.59
S44 PNS B . 6.68 22.44 8.84
H282 PNS B . 12.06 16.53 3.67
H281 PNS B . 11.05 15.08 3.75
H303 PNS B . 11.15 18.77 4.53
H302 PNS B . 9.76 18.64 3.45
H301 PNS B . 9.51 18.85 5.19
H313 PNS B . 8.31 16.72 3.39
H312 PNS B . 8.58 15.30 4.40
H311 PNS B . 8.00 16.80 5.13
H32 PNS B . 9.77 16.92 6.71
H33 PNS B . 10.72 14.79 7.13
H36 PNS B . 13.08 17.40 8.14
H372 PNS B . 10.26 16.49 8.71
H371 PNS B . 11.68 16.03 9.64
H382 PNS B . 10.54 17.82 10.79
H381 PNS B . 12.09 18.43 10.19
H41 PNS B . 8.60 18.37 9.57
H422 PNS B . 8.69 20.68 7.72
H421 PNS B . 7.29 19.69 8.12
H431 PNS B . 7.21 20.67 10.39
H432 PNS B . 8.64 21.67 10.00
H44 PNS B . 5.74 21.57 8.40
N GLY A 1 -7.37 -28.20 -5.86
CA GLY A 1 -8.23 -28.68 -6.95
C GLY A 1 -9.34 -27.70 -7.30
N PRO A 2 -10.31 -28.08 -8.16
CA PRO A 2 -11.36 -27.19 -8.67
C PRO A 2 -12.29 -26.58 -7.62
N GLY A 3 -12.43 -27.22 -6.45
CA GLY A 3 -13.23 -26.74 -5.31
C GLY A 3 -12.62 -25.62 -4.47
N SER A 4 -11.43 -25.08 -4.84
CA SER A 4 -10.72 -24.03 -4.10
C SER A 4 -11.54 -22.74 -3.95
N ALA A 5 -11.70 -22.26 -2.70
CA ALA A 5 -12.51 -21.09 -2.35
C ALA A 5 -11.77 -19.75 -2.50
N ALA A 6 -12.52 -18.65 -2.43
CA ALA A 6 -12.02 -17.27 -2.40
C ALA A 6 -12.90 -16.37 -1.49
N ALA A 7 -12.27 -15.42 -0.80
CA ALA A 7 -12.94 -14.48 0.12
C ALA A 7 -13.66 -13.33 -0.62
N ASP A 8 -14.72 -12.78 -0.01
CA ASP A 8 -15.45 -11.60 -0.51
C ASP A 8 -14.59 -10.32 -0.49
N ASP A 9 -13.65 -10.23 0.46
CA ASP A 9 -12.63 -9.18 0.57
C ASP A 9 -11.43 -9.39 -0.37
N GLY A 10 -11.44 -10.45 -1.18
CA GLY A 10 -10.29 -10.93 -1.96
C GLY A 10 -9.69 -9.91 -2.93
N ARG A 11 -10.50 -9.02 -3.52
CA ARG A 11 -10.08 -7.94 -4.42
C ARG A 11 -9.16 -6.94 -3.72
N ARG A 12 -9.51 -6.53 -2.48
CA ARG A 12 -8.71 -5.62 -1.66
C ARG A 12 -7.49 -6.32 -1.05
N ALA A 13 -7.64 -7.59 -0.63
CA ALA A 13 -6.56 -8.39 -0.08
C ALA A 13 -5.43 -8.64 -1.09
N GLU A 14 -5.77 -8.93 -2.36
CA GLU A 14 -4.81 -9.13 -3.45
C GLU A 14 -3.93 -7.88 -3.69
N LEU A 15 -4.54 -6.69 -3.64
CA LEU A 15 -3.82 -5.42 -3.72
C LEU A 15 -2.99 -5.15 -2.46
N ALA A 16 -3.54 -5.37 -1.26
CA ALA A 16 -2.85 -5.13 0.01
C ALA A 16 -1.58 -6.00 0.18
N ASP A 17 -1.62 -7.26 -0.26
CA ASP A 17 -0.47 -8.17 -0.26
C ASP A 17 0.64 -7.73 -1.23
N ARG A 18 0.29 -7.08 -2.35
CA ARG A 18 1.26 -6.44 -3.26
C ARG A 18 1.83 -5.15 -2.66
N VAL A 19 0.99 -4.29 -2.11
CA VAL A 19 1.38 -3.01 -1.48
C VAL A 19 2.36 -3.26 -0.33
N SER A 20 2.08 -4.20 0.57
CA SER A 20 2.93 -4.53 1.72
C SER A 20 4.35 -4.94 1.32
N ARG A 21 4.48 -5.83 0.32
CA ARG A 21 5.77 -6.28 -0.22
C ARG A 21 6.48 -5.21 -1.05
N THR A 22 5.74 -4.36 -1.77
CA THR A 22 6.29 -3.24 -2.55
C THR A 22 6.88 -2.17 -1.62
N VAL A 23 6.20 -1.87 -0.51
CA VAL A 23 6.70 -1.01 0.57
C VAL A 23 7.99 -1.57 1.15
N ALA A 24 7.99 -2.84 1.58
CA ALA A 24 9.16 -3.49 2.16
C ALA A 24 10.39 -3.48 1.21
N ASP A 25 10.18 -3.80 -0.07
CA ASP A 25 11.22 -3.76 -1.11
C ASP A 25 11.75 -2.34 -1.37
N THR A 26 10.87 -1.32 -1.34
CA THR A 26 11.26 0.09 -1.53
C THR A 26 12.15 0.59 -0.39
N ILE A 27 11.78 0.34 0.87
CA ILE A 27 12.55 0.75 2.05
C ILE A 27 13.67 -0.23 2.44
N GLY A 28 13.88 -1.32 1.69
CA GLY A 28 14.95 -2.30 1.89
C GLY A 28 14.79 -3.22 3.12
N ARG A 29 13.59 -3.30 3.69
CA ARG A 29 13.25 -4.17 4.85
C ARG A 29 12.86 -5.60 4.40
N PRO A 30 12.90 -6.61 5.30
CA PRO A 30 12.57 -7.99 4.94
C PRO A 30 11.13 -8.16 4.45
N ALA A 31 10.89 -9.12 3.56
CA ALA A 31 9.55 -9.51 3.13
C ALA A 31 8.74 -10.04 4.35
N GLY A 32 7.52 -9.53 4.52
CA GLY A 32 6.67 -9.82 5.68
C GLY A 32 7.00 -9.07 6.97
N SER A 33 8.03 -8.21 6.99
CA SER A 33 8.28 -7.26 8.09
C SER A 33 7.20 -6.16 8.14
N ILE A 34 6.78 -5.68 6.97
CA ILE A 34 5.61 -4.82 6.76
C ILE A 34 4.31 -5.64 6.82
N GLY A 35 3.20 -4.99 7.22
CA GLY A 35 1.83 -5.50 7.13
C GLY A 35 0.82 -4.37 6.91
N GLY A 36 -0.41 -4.71 6.49
CA GLY A 36 -1.44 -3.74 6.10
C GLY A 36 -1.77 -2.68 7.17
N HIS A 37 -1.74 -3.07 8.45
CA HIS A 37 -2.00 -2.21 9.61
C HIS A 37 -0.86 -1.22 9.95
N THR A 38 0.32 -1.37 9.34
CA THR A 38 1.54 -0.63 9.70
C THR A 38 1.43 0.85 9.30
N SER A 39 1.74 1.75 10.23
CA SER A 39 1.72 3.21 10.01
C SER A 39 2.84 3.66 9.06
N LEU A 40 2.52 4.57 8.15
CA LEU A 40 3.47 5.21 7.24
C LEU A 40 4.48 6.12 7.99
N GLU A 41 4.14 6.60 9.19
CA GLU A 41 5.06 7.30 10.09
C GLU A 41 6.07 6.33 10.75
N SER A 42 5.61 5.15 11.16
CA SER A 42 6.44 4.10 11.79
C SER A 42 7.51 3.51 10.85
N MET A 43 7.26 3.53 9.53
CA MET A 43 8.21 3.15 8.49
C MET A 43 9.41 4.12 8.34
N GLY A 44 9.35 5.31 8.94
CA GLY A 44 10.42 6.32 8.88
C GLY A 44 10.60 6.97 7.51
N LEU A 45 9.54 7.04 6.71
CA LEU A 45 9.54 7.59 5.34
C LEU A 45 9.92 9.09 5.28
N ASP A 46 10.40 9.51 4.11
CA ASP A 46 10.66 10.89 3.71
C ASP A 46 10.31 11.10 2.22
N SER A 47 10.44 12.32 1.70
CA SER A 47 10.22 12.68 0.29
C SER A 47 10.83 11.71 -0.73
N VAL A 48 12.12 11.40 -0.61
CA VAL A 48 12.85 10.50 -1.52
C VAL A 48 12.24 9.09 -1.51
N MET A 49 12.00 8.51 -0.33
CA MET A 49 11.39 7.19 -0.22
C MET A 49 9.91 7.17 -0.65
N ILE A 50 9.15 8.25 -0.44
CA ILE A 50 7.76 8.41 -0.89
C ILE A 50 7.67 8.52 -2.41
N ARG A 51 8.54 9.30 -3.06
CA ARG A 51 8.61 9.40 -4.53
C ARG A 51 9.01 8.07 -5.17
N ALA A 52 9.96 7.35 -4.55
CA ALA A 52 10.30 5.99 -4.94
C ALA A 52 9.10 5.02 -4.79
N LEU A 53 8.40 5.06 -3.66
CA LEU A 53 7.24 4.21 -3.38
C LEU A 53 6.06 4.47 -4.34
N ALA A 54 5.77 5.74 -4.64
CA ALA A 54 4.77 6.12 -5.63
C ALA A 54 5.10 5.56 -7.03
N SER A 55 6.36 5.64 -7.45
CA SER A 55 6.86 5.05 -8.71
C SER A 55 6.74 3.52 -8.71
N ARG A 56 7.18 2.84 -7.64
CA ARG A 56 7.11 1.37 -7.47
C ARG A 56 5.66 0.86 -7.52
N LEU A 57 4.75 1.49 -6.79
CA LEU A 57 3.32 1.16 -6.79
C LEU A 57 2.66 1.41 -8.16
N SER A 58 2.97 2.54 -8.80
CA SER A 58 2.44 2.87 -10.14
C SER A 58 2.88 1.88 -11.22
N ALA A 59 4.13 1.40 -11.15
CA ALA A 59 4.71 0.45 -12.11
C ALA A 59 4.25 -1.02 -11.92
N GLU A 60 3.80 -1.41 -10.71
CA GLU A 60 3.65 -2.83 -10.32
C GLU A 60 2.30 -3.20 -9.68
N VAL A 61 1.51 -2.21 -9.23
CA VAL A 61 0.22 -2.42 -8.52
C VAL A 61 -0.89 -1.60 -9.17
N ALA A 62 -0.89 -0.28 -8.96
CA ALA A 62 -1.79 0.70 -9.57
C ALA A 62 -1.27 2.13 -9.37
N PRO A 63 -1.59 3.10 -10.26
CA PRO A 63 -1.14 4.49 -10.16
C PRO A 63 -1.52 5.17 -8.83
N VAL A 64 -0.57 5.90 -8.24
CA VAL A 64 -0.73 6.71 -7.03
C VAL A 64 0.33 7.81 -6.98
N GLY A 65 -0.04 9.01 -6.50
CA GLY A 65 0.87 10.15 -6.35
C GLY A 65 1.62 10.16 -5.01
N PRO A 66 2.81 10.81 -4.93
CA PRO A 66 3.56 10.95 -3.68
C PRO A 66 2.82 11.78 -2.61
N GLU A 67 1.97 12.73 -3.03
CA GLU A 67 1.16 13.57 -2.15
C GLU A 67 0.19 12.77 -1.27
N MET A 68 -0.33 11.63 -1.76
CA MET A 68 -1.17 10.72 -1.00
C MET A 68 -0.41 10.08 0.18
N LEU A 69 0.82 9.63 -0.06
CA LEU A 69 1.62 8.88 0.93
C LEU A 69 2.08 9.74 2.13
N PHE A 70 2.11 11.08 1.98
CA PHE A 70 2.24 12.03 3.09
C PHE A 70 0.95 12.19 3.91
N GLY A 71 -0.23 12.16 3.27
CA GLY A 71 -1.53 12.39 3.91
C GLY A 71 -2.17 11.16 4.56
N LEU A 72 -1.91 9.97 4.02
CA LEU A 72 -2.45 8.69 4.51
C LEU A 72 -1.81 8.24 5.85
N ARG A 73 -2.56 7.46 6.62
CA ARG A 73 -2.11 6.88 7.92
C ARG A 73 -1.34 5.57 7.74
N ASP A 74 -1.89 4.64 6.97
CA ASP A 74 -1.42 3.25 6.83
C ASP A 74 -1.82 2.63 5.48
N LEU A 75 -1.40 1.37 5.25
CA LEU A 75 -1.58 0.69 3.96
C LEU A 75 -3.02 0.19 3.74
N ASP A 76 -3.80 -0.06 4.80
CA ASP A 76 -5.24 -0.32 4.73
C ASP A 76 -6.02 0.92 4.23
N GLU A 77 -5.63 2.12 4.68
CA GLU A 77 -6.20 3.40 4.21
C GLU A 77 -5.76 3.73 2.78
N LEU A 78 -4.54 3.36 2.38
CA LEU A 78 -4.02 3.47 1.00
C LEU A 78 -4.85 2.60 0.03
N VAL A 79 -4.96 1.29 0.29
CA VAL A 79 -5.53 0.33 -0.65
C VAL A 79 -7.03 0.58 -0.95
N ASP A 80 -7.75 1.23 -0.03
CA ASP A 80 -9.14 1.66 -0.24
C ASP A 80 -9.34 2.62 -1.43
N HIS A 81 -8.30 3.37 -1.82
CA HIS A 81 -8.31 4.22 -3.02
C HIS A 81 -7.97 3.45 -4.30
N LEU A 82 -7.12 2.42 -4.21
CA LEU A 82 -6.67 1.59 -5.34
C LEU A 82 -7.72 0.55 -5.76
N VAL A 83 -8.43 -0.06 -4.79
CA VAL A 83 -9.42 -1.13 -5.05
C VAL A 83 -10.62 -0.65 -5.87
N ALA A 84 -10.96 0.64 -5.80
CA ALA A 84 -12.04 1.27 -6.57
C ALA A 84 -11.71 1.52 -8.07
N ALA A 85 -10.46 1.34 -8.49
CA ALA A 85 -10.00 1.62 -9.86
C ALA A 85 -10.58 0.68 -10.93
N ARG A 86 -10.52 1.11 -12.20
CA ARG A 86 -10.94 0.38 -13.42
C ARG A 86 -9.92 0.59 -14.55
O23 PNS B . 14.14 15.49 1.03
P24 PNS B . 12.77 15.68 0.50
O26 PNS B . 12.56 16.29 -0.84
O27 PNS B . 11.89 16.49 1.57
C28 PNS B . 11.89 16.10 2.93
C29 PNS B . 10.76 16.81 3.70
C30 PNS B . 9.41 16.31 3.11
C31 PNS B . 10.83 16.35 5.17
C32 PNS B . 10.86 18.36 3.57
O33 PNS B . 9.78 19.02 4.23
C34 PNS B . 12.25 18.92 4.03
O35 PNS B . 12.47 19.21 5.21
N36 PNS B . 13.19 19.06 3.09
C37 PNS B . 14.56 19.47 3.35
C38 PNS B . 15.50 18.92 2.26
C39 PNS B . 15.36 19.67 0.94
O40 PNS B . 14.38 19.46 0.22
N41 PNS B . 16.25 20.59 0.56
C42 PNS B . 17.50 20.97 1.20
C43 PNS B . 17.25 22.08 2.23
S44 PNS B . 18.82 22.58 2.99
H282 PNS B . 12.85 16.34 3.39
H281 PNS B . 11.75 15.03 3.01
H303 PNS B . 8.57 16.68 3.70
H302 PNS B . 9.30 16.64 2.09
H301 PNS B . 9.37 15.23 3.14
H313 PNS B . 11.80 16.60 5.60
H312 PNS B . 10.04 16.83 5.77
H311 PNS B . 10.69 15.27 5.23
H32 PNS B . 10.78 18.60 2.51
H33 PNS B . 8.95 18.83 3.76
H36 PNS B . 12.96 18.80 2.14
H372 PNS B . 14.63 20.56 3.40
H371 PNS B . 14.89 19.07 4.32
H382 PNS B . 16.51 18.96 2.63
H381 PNS B . 15.27 17.86 2.10
H41 PNS B . 16.04 21.03 -0.33
H422 PNS B . 17.99 20.12 1.67
H421 PNS B . 18.19 21.35 0.43
H431 PNS B . 16.80 22.94 1.73
H432 PNS B . 16.59 21.72 3.00
H44 PNS B . 19.41 23.02 1.86
N GLY A 1 -39.29 -8.31 -2.14
CA GLY A 1 -38.20 -9.27 -2.45
C GLY A 1 -36.91 -8.91 -1.70
N PRO A 2 -35.98 -9.88 -1.53
CA PRO A 2 -34.71 -9.69 -0.83
C PRO A 2 -33.75 -8.73 -1.58
N GLY A 3 -32.98 -7.96 -0.83
CA GLY A 3 -31.96 -7.03 -1.34
C GLY A 3 -30.55 -7.63 -1.45
N SER A 4 -29.70 -7.00 -2.27
CA SER A 4 -28.25 -7.29 -2.36
C SER A 4 -27.46 -6.75 -1.16
N ALA A 5 -26.21 -7.18 -1.00
CA ALA A 5 -25.29 -6.76 0.07
C ALA A 5 -23.82 -6.66 -0.40
N ALA A 6 -23.04 -5.82 0.27
CA ALA A 6 -21.61 -5.58 0.01
C ALA A 6 -20.67 -6.59 0.70
N ALA A 7 -21.16 -7.79 1.02
CA ALA A 7 -20.41 -8.84 1.72
C ALA A 7 -19.24 -9.44 0.90
N ASP A 8 -18.31 -10.10 1.59
CA ASP A 8 -17.12 -10.77 1.06
C ASP A 8 -16.21 -9.86 0.21
N ASP A 9 -15.54 -8.91 0.88
CA ASP A 9 -14.51 -8.03 0.29
C ASP A 9 -13.13 -8.69 0.13
N GLY A 10 -13.03 -10.03 0.23
CA GLY A 10 -11.78 -10.78 0.38
C GLY A 10 -10.72 -10.59 -0.73
N ARG A 11 -11.11 -10.11 -1.92
CA ARG A 11 -10.19 -9.74 -3.02
C ARG A 11 -9.28 -8.56 -2.66
N ARG A 12 -9.68 -7.70 -1.70
CA ARG A 12 -8.87 -6.59 -1.16
C ARG A 12 -7.62 -7.08 -0.41
N ALA A 13 -7.64 -8.29 0.16
CA ALA A 13 -6.48 -8.89 0.81
C ALA A 13 -5.35 -9.25 -0.19
N GLU A 14 -5.67 -9.59 -1.44
CA GLU A 14 -4.69 -9.83 -2.50
C GLU A 14 -4.01 -8.52 -2.95
N LEU A 15 -4.75 -7.40 -2.91
CA LEU A 15 -4.20 -6.04 -3.11
C LEU A 15 -3.29 -5.66 -1.93
N ALA A 16 -3.72 -5.91 -0.69
CA ALA A 16 -2.95 -5.64 0.53
C ALA A 16 -1.61 -6.42 0.58
N ASP A 17 -1.59 -7.66 0.09
CA ASP A 17 -0.36 -8.47 0.02
C ASP A 17 0.70 -7.85 -0.90
N ARG A 18 0.31 -7.26 -2.04
CA ARG A 18 1.27 -6.66 -2.99
C ARG A 18 1.70 -5.23 -2.63
N VAL A 19 0.85 -4.41 -2.00
CA VAL A 19 1.26 -3.06 -1.52
C VAL A 19 2.28 -3.13 -0.38
N SER A 20 2.11 -4.06 0.58
CA SER A 20 3.07 -4.28 1.67
C SER A 20 4.41 -4.83 1.18
N ARG A 21 4.41 -5.68 0.14
CA ARG A 21 5.62 -6.15 -0.57
C ARG A 21 6.27 -5.08 -1.46
N THR A 22 5.53 -4.05 -1.88
CA THR A 22 6.05 -2.94 -2.69
C THR A 22 6.87 -1.99 -1.83
N VAL A 23 6.35 -1.62 -0.65
CA VAL A 23 7.13 -0.87 0.34
C VAL A 23 8.29 -1.69 0.91
N ALA A 24 8.16 -3.01 1.08
CA ALA A 24 9.27 -3.89 1.48
C ALA A 24 10.47 -3.77 0.53
N ASP A 25 10.24 -3.85 -0.78
CA ASP A 25 11.27 -3.67 -1.81
C ASP A 25 11.83 -2.23 -1.84
N THR A 26 10.99 -1.22 -1.55
CA THR A 26 11.39 0.20 -1.48
C THR A 26 12.33 0.50 -0.31
N ILE A 27 12.01 0.01 0.91
CA ILE A 27 12.80 0.25 2.13
C ILE A 27 13.92 -0.78 2.35
N GLY A 28 13.96 -1.86 1.56
CA GLY A 28 14.98 -2.91 1.59
C GLY A 28 14.82 -3.97 2.69
N ARG A 29 13.66 -4.02 3.37
CA ARG A 29 13.32 -5.03 4.41
C ARG A 29 12.63 -6.28 3.82
N PRO A 30 12.61 -7.42 4.53
CA PRO A 30 11.82 -8.59 4.16
C PRO A 30 10.32 -8.31 4.05
N ALA A 31 9.61 -9.15 3.29
CA ALA A 31 8.15 -9.03 3.07
C ALA A 31 7.33 -9.15 4.36
N GLY A 32 7.80 -9.95 5.33
CA GLY A 32 7.15 -10.16 6.63
C GLY A 32 7.21 -8.97 7.61
N SER A 33 8.06 -7.96 7.33
CA SER A 33 8.24 -6.77 8.19
C SER A 33 7.08 -5.74 8.09
N ILE A 34 6.17 -5.90 7.13
CA ILE A 34 5.05 -4.97 6.86
C ILE A 34 3.72 -5.74 6.71
N GLY A 35 2.63 -5.19 7.25
CA GLY A 35 1.25 -5.60 6.98
C GLY A 35 0.35 -4.39 6.66
N GLY A 36 -0.93 -4.63 6.36
CA GLY A 36 -1.88 -3.56 6.03
C GLY A 36 -2.07 -2.53 7.16
N HIS A 37 -2.02 -2.97 8.42
CA HIS A 37 -2.15 -2.06 9.58
C HIS A 37 -0.85 -1.29 9.95
N THR A 38 0.26 -1.57 9.28
CA THR A 38 1.54 -0.86 9.47
C THR A 38 1.43 0.60 8.99
N SER A 39 1.86 1.56 9.81
CA SER A 39 1.83 2.99 9.49
C SER A 39 3.07 3.44 8.71
N LEU A 40 2.92 4.53 7.93
CA LEU A 40 4.00 5.16 7.16
C LEU A 40 5.11 5.74 8.07
N GLU A 41 4.75 6.19 9.29
CA GLU A 41 5.70 6.67 10.30
C GLU A 41 6.45 5.53 11.01
N SER A 42 5.84 4.35 11.18
CA SER A 42 6.52 3.15 11.72
C SER A 42 7.59 2.62 10.75
N MET A 43 7.35 2.74 9.45
CA MET A 43 8.33 2.44 8.38
C MET A 43 9.39 3.56 8.18
N GLY A 44 9.29 4.68 8.90
CA GLY A 44 10.29 5.76 8.90
C GLY A 44 10.46 6.48 7.55
N LEU A 45 9.41 6.53 6.74
CA LEU A 45 9.46 6.99 5.34
C LEU A 45 9.68 8.52 5.25
N ASP A 46 10.81 8.93 4.65
CA ASP A 46 11.12 10.32 4.26
C ASP A 46 10.61 10.63 2.84
N SER A 47 10.53 11.90 2.43
CA SER A 47 9.91 12.31 1.15
C SER A 47 10.51 11.65 -0.10
N VAL A 48 11.84 11.61 -0.23
CA VAL A 48 12.53 10.96 -1.35
C VAL A 48 12.17 9.47 -1.46
N MET A 49 12.03 8.79 -0.31
CA MET A 49 11.58 7.40 -0.25
C MET A 49 10.08 7.24 -0.54
N ILE A 50 9.23 8.21 -0.15
CA ILE A 50 7.80 8.26 -0.50
C ILE A 50 7.60 8.44 -2.01
N ARG A 51 8.38 9.31 -2.66
CA ARG A 51 8.38 9.50 -4.13
C ARG A 51 8.77 8.20 -4.86
N ALA A 52 9.77 7.48 -4.34
CA ALA A 52 10.14 6.15 -4.82
C ALA A 52 9.03 5.10 -4.60
N LEU A 53 8.36 5.11 -3.45
CA LEU A 53 7.25 4.20 -3.13
C LEU A 53 6.05 4.41 -4.08
N ALA A 54 5.65 5.67 -4.30
CA ALA A 54 4.59 6.02 -5.26
C ALA A 54 4.93 5.59 -6.69
N SER A 55 6.20 5.75 -7.11
CA SER A 55 6.70 5.27 -8.40
C SER A 55 6.66 3.74 -8.51
N ARG A 56 7.06 3.01 -7.46
CA ARG A 56 7.07 1.55 -7.39
C ARG A 56 5.65 0.96 -7.45
N LEU A 57 4.69 1.60 -6.75
CA LEU A 57 3.27 1.28 -6.85
C LEU A 57 2.72 1.53 -8.27
N SER A 58 3.08 2.66 -8.90
CA SER A 58 2.66 2.99 -10.26
C SER A 58 3.20 2.01 -11.32
N ALA A 59 4.37 1.42 -11.09
CA ALA A 59 5.01 0.48 -12.01
C ALA A 59 4.35 -0.91 -12.06
N GLU A 60 3.84 -1.43 -10.93
CA GLU A 60 3.45 -2.86 -10.79
C GLU A 60 2.19 -3.13 -9.93
N VAL A 61 1.61 -2.12 -9.28
CA VAL A 61 0.32 -2.23 -8.55
C VAL A 61 -0.78 -1.44 -9.26
N ALA A 62 -0.76 -0.11 -9.13
CA ALA A 62 -1.66 0.84 -9.80
C ALA A 62 -1.12 2.28 -9.71
N PRO A 63 -1.39 3.15 -10.72
CA PRO A 63 -0.90 4.54 -10.74
C PRO A 63 -1.31 5.36 -9.50
N VAL A 64 -0.34 6.05 -8.89
CA VAL A 64 -0.52 6.90 -7.71
C VAL A 64 0.57 7.97 -7.60
N GLY A 65 0.19 9.21 -7.29
CA GLY A 65 1.13 10.31 -7.03
C GLY A 65 1.57 10.36 -5.55
N PRO A 66 2.78 10.85 -5.22
CA PRO A 66 3.25 10.95 -3.83
C PRO A 66 2.42 11.92 -2.98
N GLU A 67 1.69 12.85 -3.60
CA GLU A 67 0.70 13.71 -2.93
C GLU A 67 -0.41 12.93 -2.20
N MET A 68 -0.73 11.72 -2.67
CA MET A 68 -1.61 10.78 -1.95
C MET A 68 -0.93 10.25 -0.69
N LEU A 69 0.32 9.78 -0.81
CA LEU A 69 1.11 9.19 0.29
C LEU A 69 1.47 10.21 1.38
N PHE A 70 1.65 11.49 1.04
CA PHE A 70 1.80 12.58 2.03
C PHE A 70 0.51 12.86 2.83
N GLY A 71 -0.67 12.56 2.27
CA GLY A 71 -1.97 12.66 2.96
C GLY A 71 -2.36 11.41 3.77
N LEU A 72 -1.90 10.23 3.32
CA LEU A 72 -2.12 8.92 3.98
C LEU A 72 -1.39 8.78 5.33
N ARG A 73 -1.73 7.70 6.06
CA ARG A 73 -1.13 7.33 7.36
C ARG A 73 -0.90 5.82 7.53
N ASP A 74 -1.84 4.98 7.13
CA ASP A 74 -1.74 3.50 7.18
C ASP A 74 -1.92 2.87 5.79
N LEU A 75 -1.34 1.69 5.54
CA LEU A 75 -1.57 0.96 4.28
C LEU A 75 -3.02 0.45 4.12
N ASP A 76 -3.80 0.37 5.21
CA ASP A 76 -5.25 0.15 5.19
C ASP A 76 -6.00 1.26 4.41
N GLU A 77 -5.51 2.50 4.47
CA GLU A 77 -6.08 3.63 3.72
C GLU A 77 -5.54 3.67 2.27
N LEU A 78 -4.30 3.22 2.04
CA LEU A 78 -3.70 3.11 0.71
C LEU A 78 -4.38 2.02 -0.13
N VAL A 79 -4.58 0.81 0.43
CA VAL A 79 -5.21 -0.32 -0.27
C VAL A 79 -6.66 -0.01 -0.67
N ASP A 80 -7.41 0.72 0.16
CA ASP A 80 -8.78 1.19 -0.15
C ASP A 80 -8.83 2.12 -1.36
N HIS A 81 -7.78 2.93 -1.59
CA HIS A 81 -7.64 3.75 -2.80
C HIS A 81 -7.26 2.91 -4.02
N LEU A 82 -6.21 2.06 -3.92
CA LEU A 82 -5.71 1.32 -5.08
C LEU A 82 -6.62 0.18 -5.56
N VAL A 83 -7.39 -0.46 -4.66
CA VAL A 83 -8.39 -1.49 -5.06
C VAL A 83 -9.55 -0.89 -5.86
N ALA A 84 -9.91 0.38 -5.58
CA ALA A 84 -10.91 1.13 -6.34
C ALA A 84 -10.36 1.74 -7.64
N ALA A 85 -9.07 2.11 -7.67
CA ALA A 85 -8.39 2.67 -8.84
C ALA A 85 -8.13 1.64 -9.97
N ARG A 86 -8.13 0.33 -9.66
CA ARG A 86 -7.98 -0.79 -10.60
C ARG A 86 -9.09 -0.80 -11.65
O23 PNS B . 12.89 16.08 0.22
P24 PNS B . 11.45 15.78 0.19
O26 PNS B . 10.72 15.78 -1.10
O27 PNS B . 10.68 16.74 1.20
C28 PNS B . 11.21 16.98 2.49
C29 PNS B . 10.23 17.78 3.38
C30 PNS B . 9.91 19.14 2.72
C31 PNS B . 8.90 16.97 3.51
C32 PNS B . 10.88 17.94 4.78
O33 PNS B . 12.13 18.64 4.68
C34 PNS B . 9.96 18.59 5.85
O35 PNS B . 9.88 19.82 5.98
N36 PNS B . 9.27 17.77 6.66
C37 PNS B . 8.39 18.19 7.74
C38 PNS B . 9.11 18.05 9.09
C39 PNS B . 10.32 18.98 9.21
O40 PNS B . 11.46 18.52 9.18
N41 PNS B . 10.07 20.28 9.35
C42 PNS B . 11.09 21.32 9.40
C43 PNS B . 11.47 21.61 10.86
S44 PNS B . 12.71 22.93 10.93
H282 PNS B . 12.14 17.53 2.40
H281 PNS B . 11.43 16.03 2.98
H303 PNS B . 9.21 19.71 3.35
H302 PNS B . 10.82 19.72 2.59
H301 PNS B . 9.44 18.99 1.75
H313 PNS B . 8.48 16.79 2.52
H312 PNS B . 9.09 16.01 3.98
H311 PNS B . 8.17 17.51 4.09
H32 PNS B . 11.10 16.94 5.15
H33 PNS B . 11.95 19.60 4.71
H36 PNS B . 9.37 16.77 6.50
H372 PNS B . 8.04 19.21 7.60
H371 PNS B . 7.51 17.54 7.75
H382 PNS B . 8.40 18.29 9.89
H381 PNS B . 9.43 17.02 9.23
H41 PNS B . 9.10 20.58 9.36
H422 PNS B . 11.97 21.01 8.84
H421 PNS B . 10.70 22.24 8.94
H431 PNS B . 10.58 21.92 11.41
H432 PNS B . 11.86 20.71 11.31
H44 PNS B . 11.96 23.89 10.35
N GLY A 1 -20.84 4.31 12.17
CA GLY A 1 -19.47 3.79 12.34
C GLY A 1 -18.53 4.29 11.25
N PRO A 2 -17.20 4.19 11.46
CA PRO A 2 -16.18 4.67 10.52
C PRO A 2 -16.04 3.81 9.25
N GLY A 3 -16.48 2.55 9.29
CA GLY A 3 -16.42 1.60 8.17
C GLY A 3 -17.07 0.25 8.48
N SER A 4 -16.89 -0.71 7.57
CA SER A 4 -17.44 -2.09 7.64
C SER A 4 -16.58 -3.08 6.85
N ALA A 5 -16.67 -4.38 7.17
CA ALA A 5 -15.90 -5.46 6.55
C ALA A 5 -16.69 -6.79 6.48
N ALA A 6 -16.38 -7.62 5.48
CA ALA A 6 -16.99 -8.93 5.23
C ALA A 6 -16.03 -9.89 4.50
N ALA A 7 -16.30 -11.20 4.58
CA ALA A 7 -15.50 -12.25 3.93
C ALA A 7 -15.48 -12.17 2.39
N ASP A 8 -16.44 -11.47 1.78
CA ASP A 8 -16.50 -11.21 0.32
C ASP A 8 -15.42 -10.22 -0.17
N ASP A 9 -14.81 -9.43 0.72
CA ASP A 9 -13.85 -8.35 0.41
C ASP A 9 -12.40 -8.85 0.16
N GLY A 10 -12.23 -10.08 -0.33
CA GLY A 10 -10.94 -10.76 -0.48
C GLY A 10 -9.96 -10.07 -1.44
N ARG A 11 -10.47 -9.28 -2.43
CA ARG A 11 -9.64 -8.48 -3.35
C ARG A 11 -8.77 -7.46 -2.63
N ARG A 12 -9.31 -6.82 -1.58
CA ARG A 12 -8.61 -5.84 -0.74
C ARG A 12 -7.44 -6.48 0.01
N ALA A 13 -7.64 -7.66 0.60
CA ALA A 13 -6.59 -8.42 1.28
C ALA A 13 -5.46 -8.88 0.32
N GLU A 14 -5.83 -9.34 -0.88
CA GLU A 14 -4.87 -9.70 -1.94
C GLU A 14 -4.02 -8.51 -2.39
N LEU A 15 -4.63 -7.34 -2.61
CA LEU A 15 -3.91 -6.11 -2.96
C LEU A 15 -3.03 -5.59 -1.80
N ALA A 16 -3.49 -5.69 -0.55
CA ALA A 16 -2.73 -5.24 0.62
C ALA A 16 -1.41 -6.01 0.79
N ASP A 17 -1.38 -7.31 0.48
CA ASP A 17 -0.14 -8.10 0.50
C ASP A 17 0.85 -7.68 -0.60
N ARG A 18 0.36 -7.30 -1.79
CA ARG A 18 1.18 -6.82 -2.92
C ARG A 18 1.79 -5.45 -2.60
N VAL A 19 1.02 -4.56 -1.98
CA VAL A 19 1.49 -3.28 -1.42
C VAL A 19 2.56 -3.52 -0.37
N SER A 20 2.29 -4.39 0.61
CA SER A 20 3.23 -4.69 1.72
C SER A 20 4.58 -5.20 1.22
N ARG A 21 4.60 -6.08 0.20
CA ARG A 21 5.80 -6.56 -0.48
C ARG A 21 6.51 -5.44 -1.26
N THR A 22 5.77 -4.58 -1.97
CA THR A 22 6.35 -3.47 -2.77
C THR A 22 7.00 -2.43 -1.86
N VAL A 23 6.34 -2.08 -0.76
CA VAL A 23 6.86 -1.20 0.29
C VAL A 23 8.12 -1.79 0.91
N ALA A 24 8.07 -3.05 1.37
CA ALA A 24 9.20 -3.74 2.01
C ALA A 24 10.43 -3.81 1.09
N ASP A 25 10.25 -4.17 -0.17
CA ASP A 25 11.30 -4.22 -1.18
C ASP A 25 11.93 -2.84 -1.46
N THR A 26 11.15 -1.76 -1.39
CA THR A 26 11.61 -0.37 -1.59
C THR A 26 12.39 0.16 -0.38
N ILE A 27 11.87 -0.01 0.84
CA ILE A 27 12.47 0.55 2.07
C ILE A 27 13.56 -0.35 2.69
N GLY A 28 13.66 -1.62 2.29
CA GLY A 28 14.66 -2.59 2.75
C GLY A 28 14.24 -3.44 3.98
N ARG A 29 12.98 -3.39 4.41
CA ARG A 29 12.44 -4.29 5.47
C ARG A 29 12.13 -5.69 4.91
N PRO A 30 12.00 -6.73 5.76
CA PRO A 30 11.45 -8.03 5.34
C PRO A 30 9.98 -7.94 4.88
N ALA A 31 9.61 -8.68 3.84
CA ALA A 31 8.26 -8.66 3.27
C ALA A 31 7.17 -9.17 4.24
N GLY A 32 7.50 -10.11 5.13
CA GLY A 32 6.59 -10.67 6.13
C GLY A 32 6.30 -9.74 7.33
N SER A 33 7.17 -8.75 7.58
CA SER A 33 7.02 -7.80 8.70
C SER A 33 5.98 -6.69 8.44
N ILE A 34 5.72 -6.37 7.16
CA ILE A 34 4.74 -5.35 6.74
C ILE A 34 3.37 -6.00 6.47
N GLY A 35 2.30 -5.31 6.85
CA GLY A 35 0.90 -5.64 6.54
C GLY A 35 0.04 -4.39 6.37
N GLY A 36 -1.26 -4.56 6.08
CA GLY A 36 -2.19 -3.44 5.86
C GLY A 36 -2.24 -2.43 7.04
N HIS A 37 -2.12 -2.93 8.28
CA HIS A 37 -2.13 -2.12 9.50
C HIS A 37 -0.81 -1.37 9.79
N THR A 38 0.28 -1.64 9.05
CA THR A 38 1.61 -1.03 9.29
C THR A 38 1.61 0.47 8.98
N SER A 39 2.05 1.28 9.93
CA SER A 39 2.08 2.74 9.81
C SER A 39 3.30 3.25 9.04
N LEU A 40 3.19 4.45 8.45
CA LEU A 40 4.33 5.12 7.80
C LEU A 40 5.41 5.55 8.81
N GLU A 41 5.06 5.72 10.08
CA GLU A 41 5.99 5.97 11.18
C GLU A 41 6.87 4.74 11.48
N SER A 42 6.29 3.53 11.41
CA SER A 42 7.04 2.27 11.56
C SER A 42 8.01 2.03 10.39
N MET A 43 7.65 2.45 9.18
CA MET A 43 8.53 2.45 8.00
C MET A 43 9.64 3.51 8.06
N GLY A 44 9.41 4.62 8.77
CA GLY A 44 10.35 5.73 8.93
C GLY A 44 10.54 6.59 7.66
N LEU A 45 9.47 6.80 6.88
CA LEU A 45 9.52 7.45 5.56
C LEU A 45 9.91 8.94 5.60
N ASP A 46 10.38 9.43 4.44
CA ASP A 46 10.56 10.85 4.11
C ASP A 46 10.09 11.12 2.66
N SER A 47 10.09 12.39 2.23
CA SER A 47 9.67 12.81 0.87
C SER A 47 10.40 12.06 -0.26
N VAL A 48 11.72 11.89 -0.17
CA VAL A 48 12.54 11.14 -1.14
C VAL A 48 12.04 9.70 -1.29
N MET A 49 11.87 8.98 -0.18
CA MET A 49 11.37 7.60 -0.18
C MET A 49 9.89 7.51 -0.63
N ILE A 50 9.06 8.50 -0.29
CA ILE A 50 7.67 8.61 -0.74
C ILE A 50 7.56 8.78 -2.27
N ARG A 51 8.40 9.59 -2.91
CA ARG A 51 8.47 9.67 -4.39
C ARG A 51 8.82 8.32 -5.02
N ALA A 52 9.81 7.61 -4.45
CA ALA A 52 10.18 6.26 -4.91
C ALA A 52 9.03 5.25 -4.76
N LEU A 53 8.36 5.22 -3.60
CA LEU A 53 7.21 4.37 -3.33
C LEU A 53 6.03 4.64 -4.29
N ALA A 54 5.74 5.92 -4.60
CA ALA A 54 4.72 6.29 -5.56
C ALA A 54 5.03 5.74 -6.97
N SER A 55 6.27 5.89 -7.44
CA SER A 55 6.72 5.32 -8.72
C SER A 55 6.67 3.79 -8.75
N ARG A 56 7.06 3.10 -7.66
CA ARG A 56 7.01 1.63 -7.56
C ARG A 56 5.59 1.08 -7.56
N LEU A 57 4.66 1.71 -6.83
CA LEU A 57 3.24 1.36 -6.87
C LEU A 57 2.62 1.61 -8.25
N SER A 58 2.93 2.75 -8.88
CA SER A 58 2.47 3.09 -10.24
C SER A 58 2.95 2.09 -11.31
N ALA A 59 4.20 1.62 -11.21
CA ALA A 59 4.80 0.67 -12.15
C ALA A 59 4.33 -0.80 -11.99
N GLU A 60 3.77 -1.19 -10.82
CA GLU A 60 3.59 -2.61 -10.45
C GLU A 60 2.19 -2.97 -9.91
N VAL A 61 1.39 -2.00 -9.44
CA VAL A 61 0.10 -2.25 -8.77
C VAL A 61 -1.03 -1.39 -9.36
N ALA A 62 -0.96 -0.06 -9.21
CA ALA A 62 -1.87 0.93 -9.80
C ALA A 62 -1.29 2.35 -9.68
N PRO A 63 -1.70 3.33 -10.52
CA PRO A 63 -1.21 4.71 -10.45
C PRO A 63 -1.46 5.35 -9.07
N VAL A 64 -0.37 5.92 -8.51
CA VAL A 64 -0.30 6.57 -7.19
C VAL A 64 0.71 7.73 -7.28
N GLY A 65 0.40 8.87 -6.67
CA GLY A 65 1.29 10.02 -6.55
C GLY A 65 1.85 10.22 -5.12
N PRO A 66 3.00 10.90 -4.95
CA PRO A 66 3.59 11.15 -3.63
C PRO A 66 2.67 11.97 -2.71
N GLU A 67 1.87 12.89 -3.24
CA GLU A 67 0.90 13.68 -2.47
C GLU A 67 -0.27 12.84 -1.94
N MET A 68 -0.62 11.75 -2.62
CA MET A 68 -1.60 10.77 -2.14
C MET A 68 -1.02 9.96 -0.96
N LEU A 69 0.25 9.53 -1.06
CA LEU A 69 0.97 8.85 0.02
C LEU A 69 1.17 9.73 1.27
N PHE A 70 1.44 11.03 1.09
CA PHE A 70 1.48 11.99 2.21
C PHE A 70 0.13 12.19 2.93
N GLY A 71 -0.99 11.80 2.32
CA GLY A 71 -2.33 11.80 2.94
C GLY A 71 -2.61 10.62 3.89
N LEU A 72 -1.75 9.59 3.87
CA LEU A 72 -1.90 8.37 4.67
C LEU A 72 -1.34 8.49 6.10
N ARG A 73 -1.82 7.61 7.00
CA ARG A 73 -1.06 7.12 8.17
C ARG A 73 -0.64 5.65 8.05
N ASP A 74 -1.33 4.84 7.24
CA ASP A 74 -1.07 3.39 7.07
C ASP A 74 -1.49 2.86 5.68
N LEU A 75 -1.19 1.58 5.41
CA LEU A 75 -1.47 0.94 4.11
C LEU A 75 -2.96 0.55 3.90
N ASP A 76 -3.75 0.46 4.97
CA ASP A 76 -5.21 0.34 4.90
C ASP A 76 -5.85 1.54 4.17
N GLU A 77 -5.39 2.76 4.44
CA GLU A 77 -5.84 3.96 3.73
C GLU A 77 -5.36 4.01 2.25
N LEU A 78 -4.29 3.28 1.91
CA LEU A 78 -3.76 3.18 0.54
C LEU A 78 -4.53 2.16 -0.31
N VAL A 79 -4.74 0.95 0.21
CA VAL A 79 -5.41 -0.14 -0.53
C VAL A 79 -6.87 0.15 -0.86
N ASP A 80 -7.54 1.03 -0.09
CA ASP A 80 -8.89 1.53 -0.39
C ASP A 80 -8.97 2.25 -1.75
N HIS A 81 -7.89 2.91 -2.21
CA HIS A 81 -7.78 3.44 -3.58
C HIS A 81 -7.61 2.31 -4.61
N LEU A 82 -6.72 1.35 -4.33
CA LEU A 82 -6.36 0.28 -5.27
C LEU A 82 -7.51 -0.66 -5.59
N VAL A 83 -8.30 -1.07 -4.59
CA VAL A 83 -9.42 -2.01 -4.78
C VAL A 83 -10.57 -1.40 -5.60
N ALA A 84 -10.70 -0.07 -5.63
CA ALA A 84 -11.57 0.67 -6.54
C ALA A 84 -10.94 0.88 -7.93
N ALA A 85 -9.64 1.16 -8.01
CA ALA A 85 -8.92 1.45 -9.25
C ALA A 85 -8.71 0.23 -10.16
N ARG A 86 -8.43 -0.95 -9.57
CA ARG A 86 -8.22 -2.24 -10.26
C ARG A 86 -9.48 -3.10 -10.26
O23 PNS B . 13.20 16.10 0.96
P24 PNS B . 11.76 16.12 0.59
O26 PNS B . 11.39 16.32 -0.82
O27 PNS B . 11.06 17.25 1.48
C28 PNS B . 9.70 17.59 1.32
C29 PNS B . 9.43 19.08 1.70
C30 PNS B . 9.99 19.38 3.10
C31 PNS B . 10.16 19.98 0.68
C32 PNS B . 7.89 19.34 1.71
O33 PNS B . 7.61 20.73 1.98
C34 PNS B . 7.12 18.82 0.46
O35 PNS B . 7.18 19.39 -0.63
N36 PNS B . 6.37 17.74 0.64
C37 PNS B . 5.49 17.14 -0.36
C38 PNS B . 4.10 17.78 -0.24
C39 PNS B . 3.08 17.09 -1.14
O40 PNS B . 2.37 16.20 -0.67
N41 PNS B . 2.95 17.44 -2.42
C42 PNS B . 3.69 18.45 -3.15
C43 PNS B . 3.55 18.21 -4.65
S44 PNS B . 1.80 18.28 -5.17
H282 PNS B . 9.10 16.95 1.95
H281 PNS B . 9.39 17.44 0.29
H303 PNS B . 11.07 19.21 3.14
H302 PNS B . 9.81 20.41 3.37
H301 PNS B . 9.51 18.73 3.84
H313 PNS B . 11.24 19.81 0.73
H312 PNS B . 9.83 19.77 -0.34
H311 PNS B . 9.99 21.04 0.89
H32 PNS B . 7.49 18.78 2.56
H33 PNS B . 6.63 20.86 2.00
H36 PNS B . 6.36 17.32 1.56
H372 PNS B . 5.90 17.30 -1.37
H371 PNS B . 5.40 16.07 -0.19
H382 PNS B . 3.77 17.68 0.78
H381 PNS B . 4.15 18.84 -0.49
H41 PNS B . 2.23 16.95 -2.92
H422 PNS B . 3.30 19.44 -2.90
H421 PNS B . 4.74 18.43 -2.87
H431 PNS B . 4.12 18.96 -5.19
H432 PNS B . 3.97 17.22 -4.89
H44 PNS B . 1.61 19.55 -4.75
#